data_8SL7
#
_entry.id   8SL7
#
_cell.length_a   62.640
_cell.length_b   93.951
_cell.length_c   105.604
_cell.angle_alpha   65.24
_cell.angle_beta   88.01
_cell.angle_gamma   74.30
#
_symmetry.space_group_name_H-M   'P 1'
#
loop_
_entity.id
_entity.type
_entity.pdbx_description
1 polymer Tryptophanase
2 non-polymer (E)-3-[(3S)-3-chloro-2-oxo-2,3-dihydro-1H-indol-3-yl]-N-({3-hydroxy-2-methyl-5-[(phosphonooxy)methyl]pyridin-4-yl}methylidene)-L-alanine
3 water water
#
_entity_poly.entity_id   1
_entity_poly.type   'polypeptide(L)'
_entity_poly.pdbx_seq_one_letter_code
;HHHHHHSSGVDLGTENLYFQSMSKQYPLNVPAPHHFTYAVRDLPEVTVEQRERALQATHYNEFAFPSGMLTVDMLSDSGT
TAMTNHQWASLFLGDEAYGRNTGYYVLLDTFRDIFERGGEKNWKKIIDLVRTDCRDVEKMMDEVYLCEYEGGLFNGGAAQ
MERPNAFIIQQGRAAESVLMEIVRNILAKRHPGKKFTIPSNGHFDTTEGNIKQMGSIPRNLYNKTLLWETPEGGRYEKNP
FKGNMDIEKLEQLIQGVGPENVPLIFTCITNNPVCGQAVSMGNLKEINRVAHKYNIPLVFDTARWAENAYFIKMNEEGYA
DKSIAEIATEMFSYCDAFTMSAKKDGHANMGGMLAFRDKGLFWKNFSDFNEDGTVKTDVGVLLKVKQISCYGNDSYGGMS
GRDIMALAVGLYESCDFNYMNERVAQCNYLAEGFYDAGVKGVVLPAGGHAVYINMDEFFDGKRGHDTFAGEGFSLELIRR
YGIRVSELGDYSMEYDLKTPEQQAEVCNVVRFAIDRSRLTKEHLDYVIAAVKALYEDRENIPNMRIVWGHNLPMRHFHAF
LEPYANEEK
;
_entity_poly.pdbx_strand_id   A,B,C,D
#
loop_
_chem_comp.id
_chem_comp.type
_chem_comp.name
_chem_comp.formula
BY3 non-polymer (E)-3-[(3S)-3-chloro-2-oxo-2,3-dihydro-1H-indol-3-yl]-N-({3-hydroxy-2-methyl-5-[(phosphonooxy)methyl]pyridin-4-yl}methylidene)-L-alanine 'C19 H19 Cl N3 O8 P'
#
# COMPACT_ATOMS: atom_id res chain seq x y z
N GLN A 25 -38.73 -9.13 11.09
CA GLN A 25 -38.46 -9.37 9.68
C GLN A 25 -39.05 -8.23 8.83
N TYR A 26 -38.21 -7.57 8.03
CA TYR A 26 -38.62 -6.44 7.19
C TYR A 26 -38.17 -6.72 5.75
N PRO A 27 -38.93 -7.52 5.01
CA PRO A 27 -38.47 -7.94 3.69
C PRO A 27 -38.60 -6.84 2.67
N LEU A 28 -37.73 -6.87 1.67
CA LEU A 28 -37.81 -5.94 0.56
C LEU A 28 -37.57 -6.72 -0.72
N ASN A 29 -38.06 -6.18 -1.84
CA ASN A 29 -37.90 -6.86 -3.12
C ASN A 29 -36.49 -6.71 -3.68
N VAL A 30 -35.81 -5.62 -3.36
CA VAL A 30 -34.40 -5.42 -3.68
C VAL A 30 -33.51 -6.05 -2.61
N PRO A 31 -32.48 -6.79 -2.99
CA PRO A 31 -31.56 -7.36 -1.99
C PRO A 31 -30.55 -6.33 -1.51
N ALA A 32 -30.14 -6.49 -0.25
CA ALA A 32 -29.19 -5.55 0.31
C ALA A 32 -27.79 -5.81 -0.25
N PRO A 33 -26.99 -4.77 -0.43
CA PRO A 33 -25.64 -4.96 -0.95
C PRO A 33 -24.77 -5.76 0.01
N HIS A 34 -23.88 -6.57 -0.55
CA HIS A 34 -22.98 -7.40 0.23
C HIS A 34 -21.55 -6.88 0.29
N HIS A 35 -21.22 -5.85 -0.48
CA HIS A 35 -19.88 -5.29 -0.50
C HIS A 35 -19.99 -3.86 -1.04
N PHE A 36 -18.86 -3.16 -1.08
CA PHE A 36 -18.84 -1.83 -1.66
C PHE A 36 -17.46 -1.55 -2.22
N THR A 37 -17.35 -0.43 -2.94
CA THR A 37 -16.11 -0.05 -3.59
C THR A 37 -15.19 0.61 -2.57
N TYR A 38 -14.02 0.00 -2.36
CA TYR A 38 -13.00 0.47 -1.44
C TYR A 38 -12.06 1.49 -2.08
N ALA A 39 -11.73 1.28 -3.35
CA ALA A 39 -10.93 2.19 -4.17
C ALA A 39 -11.43 2.08 -5.61
N VAL A 40 -11.28 3.16 -6.37
CA VAL A 40 -11.83 3.25 -7.73
C VAL A 40 -10.70 3.45 -8.72
N ARG A 41 -10.92 3.02 -9.97
CA ARG A 41 -10.03 3.37 -11.08
C ARG A 41 -10.86 3.93 -12.23
N ASP A 42 -10.38 5.01 -12.83
CA ASP A 42 -11.10 5.63 -13.94
C ASP A 42 -10.85 4.89 -15.26
N LEU A 43 -11.86 4.89 -16.12
CA LEU A 43 -11.79 4.32 -17.46
C LEU A 43 -11.46 5.40 -18.50
N PRO A 44 -10.99 5.03 -19.68
CA PRO A 44 -10.65 6.03 -20.69
C PRO A 44 -11.86 6.49 -21.53
N GLU A 45 -11.80 7.77 -21.95
CA GLU A 45 -12.71 8.32 -22.96
C GLU A 45 -12.12 8.04 -24.35
N VAL A 46 -12.79 7.19 -25.13
CA VAL A 46 -12.25 6.68 -26.39
C VAL A 46 -13.32 6.75 -27.47
N THR A 47 -12.95 7.26 -28.65
CA THR A 47 -13.85 7.39 -29.80
C THR A 47 -13.76 6.18 -30.71
N VAL A 48 -14.77 6.05 -31.58
CA VAL A 48 -14.82 4.89 -32.47
C VAL A 48 -13.62 4.89 -33.42
N GLU A 49 -13.29 6.05 -33.97
CA GLU A 49 -12.20 6.12 -34.93
C GLU A 49 -10.90 5.62 -34.29
N GLN A 50 -10.67 6.04 -33.03
CA GLN A 50 -9.51 5.61 -32.27
C GLN A 50 -9.41 4.08 -32.18
N ARG A 51 -10.53 3.40 -31.91
CA ARG A 51 -10.46 1.94 -31.75
C ARG A 51 -10.26 1.24 -33.10
N GLU A 52 -10.77 1.83 -34.18
CA GLU A 52 -10.53 1.24 -35.50
C GLU A 52 -9.04 1.26 -35.87
N ARG A 53 -8.38 2.39 -35.62
CA ARG A 53 -6.92 2.46 -35.78
C ARG A 53 -6.22 1.34 -35.00
N ALA A 54 -6.43 1.34 -33.68
CA ALA A 54 -5.79 0.33 -32.85
C ALA A 54 -6.03 -1.07 -33.38
N LEU A 55 -7.26 -1.37 -33.79
CA LEU A 55 -7.58 -2.72 -34.27
C LEU A 55 -6.77 -3.07 -35.50
N GLN A 56 -6.68 -2.14 -36.46
CA GLN A 56 -5.96 -2.42 -37.69
C GLN A 56 -4.45 -2.51 -37.42
N ALA A 57 -3.92 -1.62 -36.57
CA ALA A 57 -2.51 -1.68 -36.20
C ALA A 57 -2.15 -2.96 -35.48
N THR A 58 -3.13 -3.65 -34.87
CA THR A 58 -2.86 -4.85 -34.08
C THR A 58 -3.37 -6.12 -34.76
N HIS A 59 -3.61 -6.08 -36.07
CA HIS A 59 -3.91 -7.28 -36.88
C HIS A 59 -5.26 -7.89 -36.55
N TYR A 60 -6.19 -7.13 -35.95
CA TYR A 60 -7.51 -7.64 -35.58
C TYR A 60 -7.43 -8.83 -34.63
N ASN A 61 -6.28 -9.04 -34.00
CA ASN A 61 -6.16 -10.01 -32.93
C ASN A 61 -6.65 -9.37 -31.63
N GLU A 62 -7.58 -10.04 -30.96
CA GLU A 62 -8.20 -9.40 -29.80
C GLU A 62 -7.29 -9.41 -28.57
N PHE A 63 -6.31 -10.32 -28.51
CA PHE A 63 -5.37 -10.31 -27.40
C PHE A 63 -4.34 -9.19 -27.54
N ALA A 64 -4.20 -8.62 -28.72
CA ALA A 64 -3.25 -7.56 -28.99
C ALA A 64 -3.88 -6.19 -28.91
N PHE A 65 -5.16 -6.12 -28.68
CA PHE A 65 -5.80 -4.84 -28.47
C PHE A 65 -5.37 -4.27 -27.12
N PRO A 66 -4.98 -2.99 -27.06
CA PRO A 66 -4.61 -2.36 -25.77
C PRO A 66 -5.76 -2.36 -24.78
N SER A 67 -5.46 -2.73 -23.53
CA SER A 67 -6.55 -2.66 -22.56
C SER A 67 -6.79 -1.24 -22.09
N GLY A 68 -5.80 -0.35 -22.24
CA GLY A 68 -6.01 1.06 -21.95
C GLY A 68 -7.07 1.74 -22.81
N MET A 69 -7.52 1.11 -23.88
CA MET A 69 -8.51 1.72 -24.76
C MET A 69 -9.90 1.14 -24.56
N LEU A 70 -10.09 0.20 -23.65
CA LEU A 70 -11.35 -0.50 -23.52
C LEU A 70 -12.25 0.16 -22.48
N THR A 71 -13.55 -0.12 -22.57
CA THR A 71 -14.50 0.42 -21.61
C THR A 71 -15.03 -0.65 -20.68
N VAL A 72 -15.35 -1.82 -21.22
CA VAL A 72 -15.65 -2.99 -20.42
C VAL A 72 -14.86 -4.16 -21.00
N ASP A 73 -13.78 -4.55 -20.33
CA ASP A 73 -12.93 -5.64 -20.76
C ASP A 73 -13.47 -6.95 -20.17
N MET A 74 -13.85 -7.87 -21.05
CA MET A 74 -14.48 -9.14 -20.68
C MET A 74 -13.80 -10.29 -21.41
N LEU A 75 -12.51 -10.14 -21.71
CA LEU A 75 -11.75 -11.17 -22.37
C LEU A 75 -11.56 -12.41 -21.48
N SER A 76 -11.28 -12.21 -20.20
CA SER A 76 -10.99 -13.34 -19.34
C SER A 76 -11.20 -12.95 -17.89
N ASP A 77 -11.69 -13.89 -17.08
CA ASP A 77 -11.77 -13.71 -15.64
C ASP A 77 -10.48 -14.17 -14.95
N SER A 78 -9.46 -14.54 -15.71
CA SER A 78 -8.21 -15.06 -15.13
C SER A 78 -7.30 -13.91 -14.67
N GLY A 79 -7.08 -13.79 -13.37
CA GLY A 79 -6.16 -12.80 -12.85
C GLY A 79 -6.67 -11.38 -12.79
N THR A 80 -7.90 -11.13 -13.24
CA THR A 80 -8.40 -9.77 -13.43
C THR A 80 -9.09 -9.21 -12.21
N THR A 81 -9.01 -9.93 -11.10
CA THR A 81 -9.83 -9.65 -9.92
C THR A 81 -9.50 -8.32 -9.23
N ALA A 82 -10.54 -7.67 -8.71
CA ALA A 82 -10.35 -6.63 -7.70
C ALA A 82 -10.20 -7.30 -6.34
N MET A 83 -9.05 -7.10 -5.69
CA MET A 83 -8.81 -7.72 -4.40
C MET A 83 -9.58 -7.02 -3.28
N THR A 84 -9.83 -7.74 -2.20
CA THR A 84 -10.40 -7.11 -1.01
C THR A 84 -9.35 -6.24 -0.30
N ASN A 85 -9.81 -5.33 0.55
CA ASN A 85 -8.84 -4.56 1.30
C ASN A 85 -7.94 -5.47 2.14
N HIS A 86 -8.49 -6.57 2.69
CA HIS A 86 -7.66 -7.49 3.47
C HIS A 86 -6.58 -8.15 2.62
N GLN A 87 -6.88 -8.46 1.35
CA GLN A 87 -5.83 -8.94 0.46
C GLN A 87 -4.76 -7.88 0.24
N TRP A 88 -5.17 -6.63 0.06
CA TRP A 88 -4.14 -5.61 -0.12
C TRP A 88 -3.28 -5.50 1.12
N ALA A 89 -3.89 -5.63 2.30
CA ALA A 89 -3.15 -5.57 3.55
C ALA A 89 -2.14 -6.71 3.66
N SER A 90 -2.51 -7.91 3.19
CA SER A 90 -1.59 -9.06 3.26
C SER A 90 -0.37 -8.88 2.36
N LEU A 91 -0.49 -8.07 1.31
CA LEU A 91 0.69 -7.81 0.48
C LEU A 91 1.87 -7.37 1.34
N PHE A 92 1.60 -6.53 2.36
CA PHE A 92 2.68 -6.06 3.24
C PHE A 92 3.22 -7.12 4.17
N LEU A 93 2.53 -8.25 4.36
CA LEU A 93 3.04 -9.34 5.17
C LEU A 93 3.80 -10.38 4.35
N GLY A 94 3.88 -10.20 3.03
CA GLY A 94 4.61 -11.15 2.21
C GLY A 94 6.08 -11.19 2.60
N ASP A 95 6.64 -12.38 2.61
CA ASP A 95 8.06 -12.61 2.87
C ASP A 95 8.75 -12.87 1.53
N GLU A 96 9.81 -12.12 1.25
CA GLU A 96 10.50 -12.22 -0.04
C GLU A 96 11.80 -13.03 0.04
N ALA A 97 12.02 -13.75 1.13
CA ALA A 97 13.19 -14.60 1.27
C ALA A 97 13.22 -15.69 0.19
N TYR A 98 14.45 -16.11 -0.17
CA TYR A 98 14.57 -17.14 -1.21
C TYR A 98 14.19 -18.50 -0.66
N GLY A 99 14.61 -18.83 0.56
CA GLY A 99 14.37 -20.18 1.02
C GLY A 99 13.31 -20.25 2.08
N ARG A 100 12.17 -20.90 1.79
CA ARG A 100 11.11 -21.14 2.77
C ARG A 100 10.54 -19.84 3.39
N ASN A 101 10.15 -18.89 2.53
CA ASN A 101 9.35 -17.76 3.01
C ASN A 101 8.10 -18.25 3.73
N THR A 102 7.67 -17.49 4.75
CA THR A 102 6.56 -17.91 5.62
C THR A 102 5.28 -18.13 4.84
N GLY A 103 5.06 -17.37 3.78
CA GLY A 103 3.88 -17.58 2.95
C GLY A 103 3.82 -18.96 2.31
N TYR A 104 4.98 -19.60 2.12
CA TYR A 104 4.96 -20.98 1.61
C TYR A 104 4.13 -21.87 2.51
N TYR A 105 4.37 -21.79 3.83
CA TYR A 105 3.67 -22.64 4.79
C TYR A 105 2.22 -22.26 4.93
N VAL A 106 1.93 -20.95 4.90
CA VAL A 106 0.55 -20.45 5.00
C VAL A 106 -0.30 -20.91 3.80
N LEU A 107 0.24 -20.82 2.58
CA LEU A 107 -0.51 -21.24 1.39
C LEU A 107 -0.84 -22.73 1.43
N LEU A 108 0.16 -23.58 1.73
CA LEU A 108 -0.13 -25.02 1.78
C LEU A 108 -1.19 -25.33 2.81
N ASP A 109 -1.15 -24.65 3.97
CA ASP A 109 -2.10 -25.03 4.98
C ASP A 109 -3.46 -24.42 4.71
N THR A 110 -3.50 -23.29 3.98
CA THR A 110 -4.78 -22.81 3.45
C THR A 110 -5.39 -23.84 2.49
N PHE A 111 -4.59 -24.39 1.59
CA PHE A 111 -5.10 -25.48 0.75
C PHE A 111 -5.64 -26.65 1.59
N ARG A 112 -4.92 -27.04 2.67
CA ARG A 112 -5.44 -28.10 3.55
C ARG A 112 -6.74 -27.67 4.23
N ASP A 113 -6.79 -26.46 4.80
CA ASP A 113 -8.03 -26.01 5.41
C ASP A 113 -9.22 -26.21 4.46
N ILE A 114 -9.09 -25.68 3.25
CA ILE A 114 -10.26 -25.55 2.39
C ILE A 114 -10.59 -26.88 1.74
N PHE A 115 -9.59 -27.65 1.30
CA PHE A 115 -9.82 -28.78 0.41
C PHE A 115 -9.70 -30.14 1.08
N GLU A 116 -9.36 -30.21 2.35
CA GLU A 116 -9.18 -31.44 3.13
C GLU A 116 -9.86 -31.43 4.49
N ARG A 117 -9.81 -30.30 5.21
CA ARG A 117 -10.34 -30.29 6.57
C ARG A 117 -11.85 -30.26 6.63
N GLY A 118 -12.54 -30.11 5.49
CA GLY A 118 -13.99 -30.19 5.43
C GLY A 118 -14.80 -29.23 6.28
N GLY A 119 -14.62 -27.91 6.12
CA GLY A 119 -15.49 -26.96 6.79
C GLY A 119 -14.84 -26.01 7.79
N GLU A 120 -15.53 -24.90 8.07
CA GLU A 120 -14.90 -23.78 8.78
C GLU A 120 -14.57 -24.12 10.23
N LYS A 121 -15.49 -24.81 10.93
CA LYS A 121 -15.23 -25.30 12.27
C LYS A 121 -13.95 -26.12 12.37
N ASN A 122 -13.43 -26.66 11.26
CA ASN A 122 -12.19 -27.43 11.30
C ASN A 122 -10.95 -26.67 10.84
N TRP A 123 -11.07 -25.41 10.41
CA TRP A 123 -9.90 -24.72 9.86
C TRP A 123 -8.87 -24.42 10.93
N LYS A 124 -7.59 -24.49 10.56
CA LYS A 124 -6.57 -24.01 11.48
C LYS A 124 -6.24 -22.53 11.30
N LYS A 125 -6.31 -22.01 10.07
CA LYS A 125 -6.10 -20.61 9.72
C LYS A 125 -4.83 -20.07 10.37
N ILE A 126 -3.72 -20.73 10.07
CA ILE A 126 -2.40 -20.28 10.50
C ILE A 126 -2.02 -18.95 9.84
N ILE A 127 -2.72 -18.56 8.78
CA ILE A 127 -2.53 -17.20 8.28
C ILE A 127 -2.77 -16.20 9.40
N ASP A 128 -3.61 -16.57 10.38
CA ASP A 128 -3.92 -15.64 11.44
C ASP A 128 -2.72 -15.42 12.35
N LEU A 129 -1.74 -16.34 12.31
CA LEU A 129 -0.51 -16.10 13.07
C LEU A 129 0.37 -15.06 12.39
N VAL A 130 0.30 -14.95 11.07
CA VAL A 130 1.04 -13.88 10.40
C VAL A 130 0.32 -12.54 10.57
N ARG A 131 -1.01 -12.55 10.41
CA ARG A 131 -1.79 -11.32 10.44
C ARG A 131 -1.70 -10.68 11.81
N THR A 132 -1.55 -11.47 12.88
CA THR A 132 -1.52 -10.87 14.22
C THR A 132 -0.11 -10.67 14.75
N ASP A 133 0.91 -10.84 13.91
CA ASP A 133 2.32 -10.56 14.24
C ASP A 133 2.81 -11.42 15.41
N CYS A 134 2.55 -12.71 15.31
CA CYS A 134 3.02 -13.63 16.35
C CYS A 134 4.55 -13.64 16.43
N ARG A 135 5.08 -13.32 17.60
CA ARG A 135 6.52 -13.31 17.82
C ARG A 135 7.00 -14.48 18.70
N ASP A 136 6.13 -15.42 19.00
CA ASP A 136 6.50 -16.61 19.76
C ASP A 136 7.07 -17.67 18.81
N VAL A 137 8.40 -17.78 18.76
CA VAL A 137 9.08 -18.63 17.76
C VAL A 137 8.76 -20.11 17.99
N GLU A 138 8.84 -20.56 19.24
CA GLU A 138 8.49 -21.94 19.53
C GLU A 138 7.12 -22.25 19.00
N LYS A 139 6.17 -21.36 19.25
CA LYS A 139 4.81 -21.54 18.74
C LYS A 139 4.79 -21.61 17.21
N MET A 140 5.62 -20.79 16.54
CA MET A 140 5.71 -20.76 15.09
C MET A 140 6.30 -22.06 14.53
N MET A 141 7.39 -22.53 15.16
CA MET A 141 7.96 -23.83 14.86
C MET A 141 6.92 -24.93 14.99
N ASP A 142 6.10 -24.87 16.04
CA ASP A 142 5.19 -25.95 16.38
C ASP A 142 3.90 -25.94 15.56
N GLU A 143 3.54 -24.81 14.99
CA GLU A 143 2.26 -24.71 14.31
C GLU A 143 2.41 -24.37 12.83
N VAL A 144 3.60 -24.01 12.39
CA VAL A 144 3.77 -23.49 11.04
C VAL A 144 4.95 -24.20 10.38
N TYR A 145 6.17 -24.01 10.91
CA TYR A 145 7.37 -24.34 10.15
C TYR A 145 7.64 -25.84 10.09
N LEU A 146 7.56 -26.51 11.24
CA LEU A 146 7.99 -27.94 11.32
C LEU A 146 6.80 -28.88 11.49
N CYS A 147 5.61 -28.44 11.13
CA CYS A 147 4.42 -29.30 11.20
C CYS A 147 4.59 -30.47 10.20
N GLU A 148 4.07 -31.65 10.53
CA GLU A 148 4.15 -32.82 9.65
C GLU A 148 2.77 -33.24 9.16
N TYR A 149 2.63 -33.44 7.86
CA TYR A 149 1.38 -33.92 7.28
C TYR A 149 1.71 -34.96 6.21
N GLU A 150 0.99 -36.08 6.23
CA GLU A 150 1.12 -37.07 5.17
C GLU A 150 -0.25 -37.65 4.94
N GLY A 151 -0.37 -38.42 3.86
CA GLY A 151 -1.55 -39.20 3.61
C GLY A 151 -2.61 -38.53 2.78
N GLY A 152 -2.38 -37.30 2.30
CA GLY A 152 -3.35 -36.59 1.49
C GLY A 152 -2.74 -35.78 0.35
N LEU A 153 -3.45 -34.73 -0.07
CA LEU A 153 -3.03 -33.93 -1.22
C LEU A 153 -1.85 -33.01 -0.96
N PHE A 154 -1.52 -32.69 0.30
CA PHE A 154 -0.46 -31.70 0.55
C PHE A 154 0.40 -32.15 1.71
N ASN A 155 1.48 -32.85 1.42
CA ASN A 155 2.40 -33.22 2.49
C ASN A 155 3.02 -31.97 3.12
N GLY A 156 3.45 -32.11 4.37
CA GLY A 156 4.12 -31.03 5.08
C GLY A 156 5.40 -31.50 5.76
N GLY A 157 6.34 -30.57 5.93
CA GLY A 157 7.57 -30.91 6.63
C GLY A 157 8.44 -31.95 5.91
N ALA A 158 9.02 -32.86 6.67
CA ALA A 158 9.98 -33.78 6.05
C ALA A 158 9.30 -34.66 5.01
N ALA A 159 8.02 -34.95 5.21
CA ALA A 159 7.28 -35.75 4.22
C ALA A 159 7.14 -35.00 2.89
N GLN A 160 7.07 -33.66 2.91
CA GLN A 160 7.07 -32.97 1.61
C GLN A 160 8.43 -33.07 0.94
N MET A 161 9.49 -33.18 1.74
CA MET A 161 10.82 -33.37 1.17
C MET A 161 11.02 -34.80 0.68
N GLU A 162 10.49 -35.78 1.42
CA GLU A 162 10.80 -37.17 1.09
C GLU A 162 9.86 -37.71 0.03
N ARG A 163 8.61 -37.25 0.00
CA ARG A 163 7.67 -37.61 -1.06
C ARG A 163 6.93 -36.36 -1.50
N PRO A 164 7.59 -35.52 -2.31
CA PRO A 164 6.91 -34.32 -2.82
C PRO A 164 5.64 -34.65 -3.58
N ASN A 165 4.59 -33.94 -3.23
CA ASN A 165 3.29 -34.16 -3.85
C ASN A 165 2.50 -32.86 -4.02
N ALA A 166 3.08 -31.68 -3.72
CA ALA A 166 2.42 -30.40 -3.96
C ALA A 166 3.45 -29.45 -4.56
N PHE A 167 3.01 -28.64 -5.51
CA PHE A 167 3.92 -27.90 -6.37
C PHE A 167 3.27 -26.53 -6.61
N ILE A 168 3.68 -25.55 -5.81
CA ILE A 168 3.28 -24.19 -6.06
C ILE A 168 3.93 -23.72 -7.35
N ILE A 169 3.16 -22.98 -8.14
CA ILE A 169 3.64 -22.50 -9.45
C ILE A 169 2.73 -21.34 -9.83
N GLN A 170 3.22 -20.50 -10.77
CA GLN A 170 2.61 -19.16 -10.89
C GLN A 170 1.22 -19.19 -11.54
N GLN A 171 0.91 -20.15 -12.42
CA GLN A 171 -0.44 -20.27 -12.94
C GLN A 171 -0.75 -21.69 -13.44
N GLY A 172 -2.00 -21.86 -13.87
CA GLY A 172 -2.54 -23.18 -14.19
C GLY A 172 -1.90 -23.85 -15.39
N ARG A 173 -1.49 -23.09 -16.41
CA ARG A 173 -0.91 -23.78 -17.58
C ARG A 173 0.49 -24.29 -17.25
N ALA A 174 1.14 -23.64 -16.30
CA ALA A 174 2.43 -24.10 -15.84
C ALA A 174 2.29 -25.35 -14.98
N ALA A 175 1.20 -25.43 -14.21
CA ALA A 175 0.92 -26.65 -13.47
C ALA A 175 0.71 -27.83 -14.44
N GLU A 176 -0.18 -27.66 -15.41
CA GLU A 176 -0.54 -28.77 -16.29
C GLU A 176 0.62 -29.16 -17.19
N SER A 177 1.38 -28.17 -17.64
CA SER A 177 2.56 -28.40 -18.46
C SER A 177 3.61 -29.20 -17.72
N VAL A 178 3.84 -28.83 -16.45
CA VAL A 178 4.78 -29.57 -15.63
C VAL A 178 4.30 -31.00 -15.42
N LEU A 179 2.98 -31.17 -15.25
CA LEU A 179 2.43 -32.51 -15.06
C LEU A 179 2.52 -33.33 -16.34
N MET A 180 2.23 -32.69 -17.49
CA MET A 180 2.15 -33.38 -18.77
C MET A 180 3.52 -33.72 -19.35
N GLU A 181 4.53 -32.86 -19.19
CA GLU A 181 5.87 -33.24 -19.61
C GLU A 181 6.37 -34.44 -18.84
N ILE A 182 6.08 -34.50 -17.54
CA ILE A 182 6.52 -35.66 -16.76
C ILE A 182 5.82 -36.91 -17.25
N VAL A 183 4.52 -36.81 -17.52
CA VAL A 183 3.75 -37.96 -17.93
C VAL A 183 4.26 -38.46 -19.28
N ARG A 184 4.48 -37.54 -20.24
CA ARG A 184 5.06 -37.88 -21.54
C ARG A 184 6.36 -38.65 -21.39
N ASN A 185 7.33 -38.04 -20.72
CA ASN A 185 8.62 -38.68 -20.50
C ASN A 185 8.47 -40.12 -20.00
N ILE A 186 7.63 -40.35 -18.98
CA ILE A 186 7.49 -41.71 -18.44
C ILE A 186 6.81 -42.64 -19.46
N LEU A 187 5.71 -42.18 -20.07
CA LEU A 187 5.00 -42.99 -21.07
C LEU A 187 5.87 -43.30 -22.30
N ALA A 188 6.74 -42.38 -22.72
CA ALA A 188 7.60 -42.59 -23.87
C ALA A 188 8.69 -43.62 -23.59
N LYS A 189 9.27 -43.57 -22.38
CA LYS A 189 10.28 -44.57 -22.02
C LYS A 189 9.66 -45.92 -21.73
N ARG A 190 8.38 -45.97 -21.36
CA ARG A 190 7.74 -47.26 -21.08
C ARG A 190 7.05 -47.86 -22.30
N HIS A 191 6.32 -47.08 -23.10
CA HIS A 191 5.58 -47.60 -24.23
C HIS A 191 5.87 -46.77 -25.47
N PRO A 192 7.09 -46.83 -25.98
CA PRO A 192 7.41 -46.08 -27.21
C PRO A 192 6.54 -46.58 -28.35
N GLY A 193 6.18 -45.67 -29.24
CA GLY A 193 5.28 -46.04 -30.32
C GLY A 193 3.80 -46.09 -29.95
N LYS A 194 3.45 -45.84 -28.69
CA LYS A 194 2.05 -45.86 -28.30
C LYS A 194 1.47 -44.44 -28.35
N LYS A 195 0.30 -44.30 -28.97
CA LYS A 195 -0.44 -43.05 -28.98
C LYS A 195 -1.58 -43.18 -27.95
N PHE A 196 -1.64 -42.25 -27.00
CA PHE A 196 -2.57 -42.35 -25.88
C PHE A 196 -3.73 -41.37 -26.01
N THR A 197 -4.86 -41.79 -25.45
CA THR A 197 -6.08 -40.99 -25.41
C THR A 197 -6.36 -40.49 -23.99
N ILE A 198 -6.52 -39.18 -23.84
CA ILE A 198 -6.87 -38.57 -22.56
C ILE A 198 -8.29 -38.00 -22.61
N PRO A 199 -9.26 -38.69 -22.03
CA PRO A 199 -10.63 -38.17 -22.02
C PRO A 199 -10.86 -37.16 -20.90
N SER A 200 -11.89 -36.34 -21.09
CA SER A 200 -12.30 -35.34 -20.10
C SER A 200 -13.72 -34.92 -20.41
N ASN A 201 -14.36 -34.23 -19.45
CA ASN A 201 -15.67 -33.68 -19.78
C ASN A 201 -15.51 -32.44 -20.66
N GLY A 202 -14.32 -31.83 -20.64
CA GLY A 202 -14.01 -30.63 -21.37
C GLY A 202 -12.57 -30.16 -21.12
N HIS A 203 -11.71 -30.39 -22.10
CA HIS A 203 -10.36 -29.84 -22.13
C HIS A 203 -10.43 -28.42 -22.70
N PHE A 204 -9.84 -27.47 -22.02
CA PHE A 204 -9.87 -26.08 -22.49
C PHE A 204 -8.63 -25.80 -23.35
N ASP A 205 -8.65 -24.63 -24.00
CA ASP A 205 -7.66 -24.37 -25.05
C ASP A 205 -6.22 -24.67 -24.60
N THR A 206 -5.88 -24.29 -23.37
CA THR A 206 -4.51 -24.48 -22.90
C THR A 206 -4.21 -25.94 -22.63
N THR A 207 -5.10 -26.62 -21.89
CA THR A 207 -4.91 -28.04 -21.58
C THR A 207 -4.88 -28.89 -22.85
N GLU A 208 -5.92 -28.75 -23.66
CA GLU A 208 -5.97 -29.46 -24.94
C GLU A 208 -4.69 -29.21 -25.76
N GLY A 209 -4.35 -27.94 -26.00
CA GLY A 209 -3.17 -27.63 -26.79
C GLY A 209 -1.90 -28.25 -26.23
N ASN A 210 -1.75 -28.23 -24.90
CA ASN A 210 -0.60 -28.88 -24.26
C ASN A 210 -0.66 -30.39 -24.40
N ILE A 211 -1.86 -30.98 -24.39
CA ILE A 211 -1.96 -32.43 -24.58
C ILE A 211 -1.51 -32.80 -25.98
N LYS A 212 -1.88 -31.99 -26.99
CA LYS A 212 -1.53 -32.31 -28.37
C LYS A 212 -0.06 -32.07 -28.66
N GLN A 213 0.53 -31.00 -28.12
CA GLN A 213 1.98 -30.87 -28.27
C GLN A 213 2.73 -31.91 -27.46
N MET A 214 2.04 -32.65 -26.59
CA MET A 214 2.63 -33.80 -25.93
C MET A 214 2.54 -35.06 -26.76
N GLY A 215 1.72 -35.07 -27.80
CA GLY A 215 1.54 -36.26 -28.62
C GLY A 215 0.53 -37.25 -28.09
N SER A 216 -0.60 -36.77 -27.55
CA SER A 216 -1.71 -37.59 -27.09
C SER A 216 -2.99 -36.97 -27.64
N ILE A 217 -4.11 -37.68 -27.53
CA ILE A 217 -5.36 -37.30 -28.21
C ILE A 217 -6.36 -36.81 -27.19
N PRO A 218 -6.69 -35.51 -27.16
CA PRO A 218 -7.71 -35.03 -26.23
C PRO A 218 -9.10 -35.31 -26.75
N ARG A 219 -10.01 -35.64 -25.83
CA ARG A 219 -11.43 -35.86 -26.13
C ARG A 219 -12.30 -35.29 -25.03
N ASN A 220 -13.41 -34.68 -25.43
CA ASN A 220 -14.40 -34.09 -24.54
C ASN A 220 -15.68 -34.91 -24.59
N LEU A 221 -16.16 -35.38 -23.44
CA LEU A 221 -17.26 -36.33 -23.34
C LEU A 221 -18.43 -35.71 -22.57
N TYR A 222 -19.37 -35.11 -23.28
CA TYR A 222 -20.51 -34.47 -22.63
C TYR A 222 -21.74 -34.64 -23.50
N ASN A 223 -22.88 -34.24 -22.95
CA ASN A 223 -24.16 -34.32 -23.64
C ASN A 223 -24.43 -32.97 -24.30
N LYS A 224 -24.15 -32.88 -25.60
CA LYS A 224 -24.31 -31.63 -26.32
C LYS A 224 -25.77 -31.26 -26.59
N THR A 225 -26.68 -32.23 -26.60
CA THR A 225 -28.10 -31.94 -26.78
C THR A 225 -28.65 -31.18 -25.57
N LEU A 226 -28.44 -31.75 -24.39
CA LEU A 226 -28.69 -31.04 -23.14
C LEU A 226 -28.15 -29.61 -23.18
N LEU A 227 -26.99 -29.42 -23.82
CA LEU A 227 -26.30 -28.14 -23.78
C LEU A 227 -27.15 -27.03 -24.39
N TRP A 228 -27.74 -27.29 -25.56
CA TRP A 228 -28.47 -26.24 -26.28
C TRP A 228 -29.90 -26.04 -25.78
N GLU A 229 -30.41 -26.94 -24.95
CA GLU A 229 -31.77 -26.81 -24.46
C GLU A 229 -31.93 -25.57 -23.59
N THR A 230 -32.77 -24.63 -24.03
CA THR A 230 -33.07 -23.43 -23.25
C THR A 230 -34.49 -23.47 -22.72
N PRO A 231 -34.69 -23.23 -21.43
CA PRO A 231 -35.99 -23.49 -20.81
C PRO A 231 -36.97 -22.36 -21.05
N GLU A 232 -38.25 -22.72 -21.22
CA GLU A 232 -39.28 -21.71 -21.41
C GLU A 232 -39.21 -20.68 -20.30
N GLY A 233 -39.38 -19.40 -20.66
CA GLY A 233 -39.18 -18.30 -19.75
C GLY A 233 -37.75 -17.85 -19.61
N GLY A 234 -36.78 -18.71 -19.96
CA GLY A 234 -35.38 -18.39 -19.88
C GLY A 234 -34.72 -18.62 -18.53
N ARG A 235 -35.32 -19.44 -17.66
CA ARG A 235 -34.79 -19.62 -16.31
C ARG A 235 -35.14 -21.03 -15.82
N TYR A 236 -34.12 -21.87 -15.66
CA TYR A 236 -34.35 -23.20 -15.11
C TYR A 236 -34.74 -23.10 -13.64
N GLU A 237 -35.54 -24.08 -13.19
CA GLU A 237 -35.84 -24.15 -11.75
C GLU A 237 -34.65 -24.71 -10.98
N LYS A 238 -33.96 -25.70 -11.52
CA LYS A 238 -32.72 -26.19 -10.94
C LYS A 238 -31.69 -26.31 -12.05
N ASN A 239 -30.48 -25.84 -11.77
CA ASN A 239 -29.39 -26.00 -12.69
C ASN A 239 -29.30 -27.46 -13.10
N PRO A 240 -29.36 -27.78 -14.40
CA PRO A 240 -29.33 -29.19 -14.81
C PRO A 240 -27.93 -29.74 -14.98
N PHE A 241 -26.92 -29.06 -14.44
CA PHE A 241 -25.55 -29.59 -14.43
C PHE A 241 -25.08 -30.08 -15.81
N LYS A 242 -25.24 -29.23 -16.82
CA LYS A 242 -24.86 -29.58 -18.19
C LYS A 242 -23.38 -29.86 -18.35
N GLY A 243 -22.53 -29.41 -17.43
CA GLY A 243 -21.12 -29.71 -17.55
C GLY A 243 -20.76 -31.15 -17.27
N ASN A 244 -21.70 -31.94 -16.78
CA ASN A 244 -21.40 -33.29 -16.33
C ASN A 244 -20.75 -34.10 -17.44
N MET A 245 -19.85 -34.99 -17.05
CA MET A 245 -19.28 -35.89 -18.02
C MET A 245 -20.27 -37.00 -18.39
N ASP A 246 -20.23 -37.40 -19.66
CA ASP A 246 -21.11 -38.46 -20.14
C ASP A 246 -20.49 -39.79 -19.75
N ILE A 247 -21.07 -40.44 -18.72
CA ILE A 247 -20.51 -41.70 -18.24
C ILE A 247 -20.58 -42.78 -19.33
N GLU A 248 -21.69 -42.81 -20.08
CA GLU A 248 -21.83 -43.83 -21.11
C GLU A 248 -20.71 -43.69 -22.14
N LYS A 249 -20.59 -42.50 -22.75
CA LYS A 249 -19.46 -42.24 -23.62
C LYS A 249 -18.15 -42.67 -22.97
N LEU A 250 -17.85 -42.14 -21.78
CA LEU A 250 -16.60 -42.46 -21.11
C LEU A 250 -16.37 -43.98 -21.05
N GLU A 251 -17.40 -44.72 -20.66
CA GLU A 251 -17.26 -46.17 -20.63
C GLU A 251 -17.01 -46.72 -22.03
N GLN A 252 -17.71 -46.17 -23.02
CA GLN A 252 -17.56 -46.62 -24.40
C GLN A 252 -16.14 -46.36 -24.91
N LEU A 253 -15.60 -45.16 -24.67
CA LEU A 253 -14.28 -44.84 -25.19
C LEU A 253 -13.20 -45.70 -24.54
N ILE A 254 -13.24 -45.84 -23.21
CA ILE A 254 -12.25 -46.66 -22.51
C ILE A 254 -12.23 -48.06 -23.12
N GLN A 255 -13.42 -48.64 -23.33
CA GLN A 255 -13.52 -49.94 -23.98
C GLN A 255 -13.15 -49.86 -25.45
N GLY A 256 -13.46 -48.74 -26.09
CA GLY A 256 -13.10 -48.53 -27.48
C GLY A 256 -11.60 -48.57 -27.74
N VAL A 257 -10.84 -47.68 -27.08
CA VAL A 257 -9.42 -47.57 -27.40
C VAL A 257 -8.57 -48.55 -26.59
N GLY A 258 -9.14 -49.15 -25.54
CA GLY A 258 -8.44 -50.05 -24.64
C GLY A 258 -7.94 -49.34 -23.39
N PRO A 259 -8.32 -49.85 -22.21
CA PRO A 259 -7.94 -49.17 -20.96
C PRO A 259 -6.46 -48.83 -20.86
N GLU A 260 -5.59 -49.69 -21.39
CA GLU A 260 -4.16 -49.47 -21.36
C GLU A 260 -3.73 -48.34 -22.29
N ASN A 261 -4.65 -47.76 -23.05
CA ASN A 261 -4.36 -46.58 -23.84
C ASN A 261 -5.00 -45.32 -23.29
N VAL A 262 -5.62 -45.39 -22.11
CA VAL A 262 -6.10 -44.23 -21.34
C VAL A 262 -5.25 -44.11 -20.07
N PRO A 263 -4.23 -43.25 -20.07
CA PRO A 263 -3.31 -43.21 -18.94
C PRO A 263 -3.81 -42.30 -17.82
N LEU A 264 -4.54 -41.25 -18.18
CA LEU A 264 -5.19 -40.35 -17.23
C LEU A 264 -6.60 -40.07 -17.70
N ILE A 265 -7.45 -39.69 -16.77
CA ILE A 265 -8.75 -39.09 -17.07
C ILE A 265 -8.76 -37.72 -16.43
N PHE A 266 -9.24 -36.71 -17.16
CA PHE A 266 -9.40 -35.36 -16.63
C PHE A 266 -10.87 -35.03 -16.41
N THR A 267 -11.11 -34.03 -15.56
CA THR A 267 -12.44 -33.46 -15.36
C THR A 267 -12.27 -31.99 -15.04
N CYS A 268 -13.06 -31.13 -15.69
CA CYS A 268 -13.00 -29.67 -15.46
C CYS A 268 -14.18 -29.25 -14.59
N ILE A 269 -13.89 -28.57 -13.47
CA ILE A 269 -14.94 -28.10 -12.50
C ILE A 269 -14.75 -26.57 -12.25
N THR A 270 -15.67 -25.66 -12.67
CA THR A 270 -16.75 -25.85 -13.65
C THR A 270 -16.21 -26.23 -15.03
N ASN A 271 -17.08 -26.70 -15.93
CA ASN A 271 -16.62 -27.14 -17.28
C ASN A 271 -16.46 -25.91 -18.17
N ASN A 272 -15.26 -25.34 -18.21
CA ASN A 272 -15.04 -24.08 -18.96
C ASN A 272 -15.39 -24.29 -20.43
N PRO A 273 -14.81 -25.28 -21.14
CA PRO A 273 -15.22 -25.54 -22.54
C PRO A 273 -16.74 -25.58 -22.75
N VAL A 274 -17.44 -26.44 -22.03
CA VAL A 274 -18.90 -26.54 -22.15
C VAL A 274 -19.60 -25.40 -21.39
N CYS A 275 -19.42 -24.19 -21.89
CA CYS A 275 -20.06 -22.96 -21.40
C CYS A 275 -19.98 -22.79 -19.90
N GLY A 276 -18.84 -23.17 -19.32
CA GLY A 276 -18.64 -23.01 -17.88
C GLY A 276 -19.76 -23.58 -17.05
N GLN A 277 -20.27 -24.74 -17.44
CA GLN A 277 -21.49 -25.28 -16.89
C GLN A 277 -21.21 -26.12 -15.65
N ALA A 278 -22.17 -26.12 -14.74
CA ALA A 278 -22.00 -26.79 -13.47
C ALA A 278 -21.80 -28.29 -13.64
N VAL A 279 -21.02 -28.86 -12.73
CA VAL A 279 -20.78 -30.31 -12.63
C VAL A 279 -21.30 -30.76 -11.27
N SER A 280 -22.01 -31.88 -11.23
CA SER A 280 -22.66 -32.30 -10.01
C SER A 280 -21.75 -33.22 -9.18
N MET A 281 -22.03 -33.30 -7.88
CA MET A 281 -21.27 -34.21 -7.03
C MET A 281 -21.52 -35.67 -7.40
N GLY A 282 -22.78 -36.02 -7.66
CA GLY A 282 -23.08 -37.35 -8.17
C GLY A 282 -22.21 -37.72 -9.36
N ASN A 283 -22.09 -36.82 -10.33
CA ASN A 283 -21.25 -37.04 -11.52
C ASN A 283 -19.81 -37.32 -11.12
N LEU A 284 -19.22 -36.46 -10.31
CA LEU A 284 -17.87 -36.72 -9.85
C LEU A 284 -17.74 -38.09 -9.22
N LYS A 285 -18.80 -38.54 -8.52
CA LYS A 285 -18.82 -39.89 -7.96
C LYS A 285 -18.75 -40.95 -9.05
N GLU A 286 -19.55 -40.81 -10.10
CA GLU A 286 -19.52 -41.77 -11.20
C GLU A 286 -18.15 -41.81 -11.85
N ILE A 287 -17.62 -40.64 -12.26
CA ILE A 287 -16.31 -40.60 -12.92
C ILE A 287 -15.27 -41.33 -12.08
N ASN A 288 -15.31 -41.15 -10.76
CA ASN A 288 -14.31 -41.78 -9.89
C ASN A 288 -14.45 -43.31 -9.87
N ARG A 289 -15.69 -43.81 -9.95
CA ARG A 289 -15.89 -45.25 -9.98
C ARG A 289 -15.39 -45.85 -11.30
N VAL A 290 -15.82 -45.27 -12.42
CA VAL A 290 -15.39 -45.77 -13.72
C VAL A 290 -13.87 -45.75 -13.83
N ALA A 291 -13.24 -44.71 -13.25
CA ALA A 291 -11.78 -44.58 -13.34
C ALA A 291 -11.07 -45.61 -12.46
N HIS A 292 -11.55 -45.81 -11.24
CA HIS A 292 -10.94 -46.82 -10.37
C HIS A 292 -11.22 -48.23 -10.87
N LYS A 293 -12.36 -48.41 -11.53
CA LYS A 293 -12.68 -49.67 -12.18
C LYS A 293 -11.53 -50.15 -13.07
N TYR A 294 -10.89 -49.24 -13.82
CA TYR A 294 -9.76 -49.57 -14.68
C TYR A 294 -8.40 -49.13 -14.15
N ASN A 295 -8.30 -48.74 -12.86
CA ASN A 295 -7.05 -48.23 -12.28
C ASN A 295 -6.45 -47.06 -13.07
N ILE A 296 -7.29 -46.13 -13.53
CA ILE A 296 -6.83 -44.93 -14.23
C ILE A 296 -6.88 -43.73 -13.28
N PRO A 297 -5.74 -43.08 -13.00
CA PRO A 297 -5.76 -41.85 -12.18
C PRO A 297 -6.73 -40.80 -12.72
N LEU A 298 -7.42 -40.13 -11.79
CA LEU A 298 -8.41 -39.11 -12.09
C LEU A 298 -7.83 -37.74 -11.69
N VAL A 299 -7.57 -36.87 -12.67
CA VAL A 299 -7.00 -35.55 -12.42
C VAL A 299 -8.09 -34.51 -12.60
N PHE A 300 -8.28 -33.66 -11.61
CA PHE A 300 -9.24 -32.56 -11.73
C PHE A 300 -8.54 -31.27 -12.17
N ASP A 301 -9.27 -30.47 -12.91
CA ASP A 301 -8.91 -29.08 -13.20
C ASP A 301 -9.92 -28.24 -12.43
N THR A 302 -9.42 -27.56 -11.38
CA THR A 302 -10.25 -27.01 -10.31
C THR A 302 -10.13 -25.49 -10.24
N ALA A 303 -9.76 -24.86 -11.36
CA ALA A 303 -9.65 -23.39 -11.40
C ALA A 303 -10.92 -22.74 -10.85
N ARG A 304 -12.08 -23.26 -11.22
CA ARG A 304 -13.34 -22.66 -10.83
C ARG A 304 -14.08 -23.54 -9.81
N TRP A 305 -13.34 -24.07 -8.84
CA TRP A 305 -13.91 -24.98 -7.84
C TRP A 305 -15.02 -24.34 -7.01
N ALA A 306 -14.93 -23.03 -6.72
CA ALA A 306 -15.85 -22.47 -5.73
C ALA A 306 -17.19 -22.08 -6.35
N GLU A 307 -17.19 -21.71 -7.63
CA GLU A 307 -18.46 -21.52 -8.33
C GLU A 307 -19.17 -22.86 -8.50
N ASN A 308 -18.40 -23.91 -8.72
CA ASN A 308 -19.01 -25.24 -8.84
C ASN A 308 -19.56 -25.73 -7.50
N ALA A 309 -18.77 -25.57 -6.43
CA ALA A 309 -19.31 -25.83 -5.09
C ALA A 309 -20.60 -25.06 -4.84
N TYR A 310 -20.68 -23.81 -5.30
CA TYR A 310 -21.90 -23.02 -5.11
C TYR A 310 -23.08 -23.59 -5.90
N PHE A 311 -22.82 -24.04 -7.13
CA PHE A 311 -23.91 -24.65 -7.93
C PHE A 311 -24.44 -25.91 -7.26
N ILE A 312 -23.55 -26.73 -6.67
CA ILE A 312 -23.99 -27.93 -5.94
C ILE A 312 -24.83 -27.54 -4.73
N LYS A 313 -24.38 -26.54 -3.98
CA LYS A 313 -25.11 -26.14 -2.78
C LYS A 313 -26.53 -25.66 -3.09
N MET A 314 -26.70 -24.90 -4.17
CA MET A 314 -28.01 -24.29 -4.47
C MET A 314 -28.90 -25.19 -5.33
N ASN A 315 -28.43 -26.36 -5.75
CA ASN A 315 -29.24 -27.12 -6.73
C ASN A 315 -29.25 -28.63 -6.47
N GLU A 316 -28.17 -29.17 -5.94
CA GLU A 316 -28.08 -30.64 -5.77
C GLU A 316 -28.76 -31.06 -4.48
N GLU A 317 -29.48 -32.18 -4.52
CA GLU A 317 -30.25 -32.64 -3.34
C GLU A 317 -29.37 -32.98 -2.15
N GLY A 318 -29.61 -32.30 -1.04
CA GLY A 318 -28.95 -32.63 0.20
C GLY A 318 -27.76 -31.77 0.53
N TYR A 319 -27.33 -30.92 -0.39
CA TYR A 319 -26.16 -30.08 -0.16
C TYR A 319 -26.56 -28.68 0.29
N ALA A 320 -27.85 -28.43 0.52
CA ALA A 320 -28.34 -27.07 0.73
C ALA A 320 -27.82 -26.45 2.04
N ASP A 321 -27.56 -27.25 3.04
CA ASP A 321 -27.12 -26.73 4.33
C ASP A 321 -25.60 -26.87 4.52
N LYS A 322 -24.88 -27.34 3.51
CA LYS A 322 -23.43 -27.47 3.55
C LYS A 322 -22.77 -26.16 3.09
N SER A 323 -21.62 -25.86 3.67
CA SER A 323 -20.92 -24.65 3.21
C SER A 323 -20.12 -24.94 1.95
N ILE A 324 -19.76 -23.86 1.25
CA ILE A 324 -18.87 -24.01 0.10
C ILE A 324 -17.61 -24.77 0.50
N ALA A 325 -17.06 -24.47 1.69
CA ALA A 325 -15.82 -25.07 2.15
C ALA A 325 -15.97 -26.56 2.41
N GLU A 326 -17.12 -26.99 2.95
CA GLU A 326 -17.38 -28.42 3.10
C GLU A 326 -17.46 -29.09 1.74
N ILE A 327 -18.34 -28.59 0.86
CA ILE A 327 -18.48 -29.16 -0.46
C ILE A 327 -17.13 -29.26 -1.17
N ALA A 328 -16.28 -28.24 -1.02
CA ALA A 328 -15.00 -28.26 -1.73
C ALA A 328 -14.15 -29.44 -1.27
N THR A 329 -14.10 -29.66 0.03
CA THR A 329 -13.42 -30.85 0.54
C THR A 329 -14.03 -32.14 -0.02
N GLU A 330 -15.36 -32.21 -0.10
CA GLU A 330 -15.98 -33.42 -0.66
C GLU A 330 -15.64 -33.58 -2.15
N MET A 331 -15.80 -32.52 -2.95
CA MET A 331 -15.41 -32.61 -4.36
C MET A 331 -13.98 -33.19 -4.49
N PHE A 332 -13.04 -32.61 -3.75
CA PHE A 332 -11.65 -33.01 -3.88
C PHE A 332 -11.35 -34.41 -3.33
N SER A 333 -12.23 -34.99 -2.50
CA SER A 333 -11.98 -36.36 -2.04
C SER A 333 -12.01 -37.37 -3.21
N TYR A 334 -12.76 -37.07 -4.26
CA TYR A 334 -12.91 -37.95 -5.42
C TYR A 334 -11.76 -37.86 -6.43
N CYS A 335 -10.78 -36.98 -6.29
CA CYS A 335 -9.69 -36.98 -7.26
C CYS A 335 -8.47 -37.70 -6.70
N ASP A 336 -7.58 -38.09 -7.60
CA ASP A 336 -6.26 -38.54 -7.20
C ASP A 336 -5.21 -37.47 -7.35
N ALA A 337 -5.49 -36.45 -8.14
CA ALA A 337 -4.56 -35.38 -8.43
C ALA A 337 -5.37 -34.22 -8.96
N PHE A 338 -4.77 -33.03 -8.92
CA PHE A 338 -5.45 -31.87 -9.47
C PHE A 338 -4.45 -30.85 -9.97
N THR A 339 -4.93 -30.00 -10.86
CA THR A 339 -4.25 -28.84 -11.42
C THR A 339 -5.16 -27.66 -11.17
N MET A 340 -4.59 -26.51 -10.87
CA MET A 340 -5.43 -25.38 -10.52
C MET A 340 -4.77 -24.07 -10.99
N SER A 341 -5.50 -23.28 -11.74
CA SER A 341 -5.18 -21.87 -11.94
C SER A 341 -5.93 -21.14 -10.84
N ALA A 342 -5.22 -20.84 -9.76
CA ALA A 342 -5.73 -20.00 -8.66
C ALA A 342 -5.96 -18.53 -9.07
N LYS A 343 -5.65 -18.14 -10.31
CA LYS A 343 -6.00 -16.81 -10.80
C LYS A 343 -7.51 -16.67 -11.07
N LYS A 344 -8.30 -17.73 -10.86
CA LYS A 344 -9.74 -17.61 -10.93
C LYS A 344 -10.29 -17.61 -9.53
N ASP A 345 -10.68 -18.76 -8.97
CA ASP A 345 -11.30 -18.76 -7.66
C ASP A 345 -10.28 -18.65 -6.51
N GLY A 346 -9.04 -18.27 -6.80
CA GLY A 346 -8.20 -17.67 -5.78
C GLY A 346 -8.53 -16.23 -5.48
N HIS A 347 -9.39 -15.59 -6.27
CA HIS A 347 -9.71 -14.17 -6.06
C HIS A 347 -8.42 -13.36 -5.89
N ALA A 348 -7.52 -13.57 -6.86
CA ALA A 348 -6.12 -13.14 -6.84
C ALA A 348 -5.69 -12.86 -8.27
N ASN A 349 -4.51 -12.27 -8.42
CA ASN A 349 -4.05 -11.87 -9.75
C ASN A 349 -2.96 -12.77 -10.29
N MET A 350 -2.55 -13.79 -9.53
CA MET A 350 -1.54 -14.76 -9.93
C MET A 350 -1.57 -15.90 -8.91
N GLY A 351 -1.14 -17.07 -9.37
CA GLY A 351 -1.12 -18.28 -8.55
C GLY A 351 -1.49 -19.54 -9.31
N GLY A 352 -0.80 -20.64 -9.02
CA GLY A 352 -1.19 -21.95 -9.49
C GLY A 352 -0.64 -23.04 -8.60
N MET A 353 -1.17 -24.25 -8.81
CA MET A 353 -0.95 -25.37 -7.91
C MET A 353 -1.12 -26.68 -8.67
N LEU A 354 -0.18 -27.60 -8.46
CA LEU A 354 -0.33 -29.00 -8.83
C LEU A 354 -0.18 -29.85 -7.58
N ALA A 355 -1.06 -30.84 -7.41
CA ALA A 355 -0.90 -31.76 -6.28
C ALA A 355 -1.45 -33.16 -6.60
N PHE A 356 -0.97 -34.16 -5.87
CA PHE A 356 -1.54 -35.50 -5.97
C PHE A 356 -1.51 -36.18 -4.61
N ARG A 357 -2.37 -37.20 -4.44
CA ARG A 357 -2.51 -37.84 -3.14
C ARG A 357 -1.24 -38.61 -2.80
N ASP A 358 -0.78 -38.46 -1.55
CA ASP A 358 0.41 -39.14 -1.03
C ASP A 358 0.29 -40.65 -1.21
N LYS A 359 1.26 -41.26 -1.89
CA LYS A 359 1.27 -42.69 -2.27
C LYS A 359 -0.07 -43.15 -2.84
N GLY A 360 -0.74 -42.28 -3.58
CA GLY A 360 -2.04 -42.59 -4.16
C GLY A 360 -1.91 -43.26 -5.51
N LEU A 361 -3.03 -43.30 -6.24
CA LEU A 361 -3.09 -44.01 -7.51
C LEU A 361 -2.17 -43.38 -8.55
N PHE A 362 -2.16 -42.05 -8.64
CA PHE A 362 -1.25 -41.42 -9.58
C PHE A 362 0.20 -41.81 -9.29
N TRP A 363 0.56 -41.85 -8.00
CA TRP A 363 1.94 -42.12 -7.61
C TRP A 363 2.31 -43.58 -7.83
N LYS A 364 1.40 -44.49 -7.51
CA LYS A 364 1.64 -45.91 -7.75
C LYS A 364 1.91 -46.17 -9.23
N ASN A 365 1.05 -45.62 -10.12
CA ASN A 365 1.15 -45.89 -11.55
C ASN A 365 2.38 -45.26 -12.20
N PHE A 366 2.80 -44.07 -11.76
CA PHE A 366 3.81 -43.32 -12.50
C PHE A 366 5.15 -43.26 -11.82
N SER A 367 5.30 -43.82 -10.64
CA SER A 367 6.65 -44.03 -10.12
C SER A 367 7.15 -45.41 -10.52
N ASP A 368 8.46 -45.57 -10.48
CA ASP A 368 9.11 -46.87 -10.67
C ASP A 368 9.43 -47.49 -9.31
N PHE A 369 9.25 -48.80 -9.20
CA PHE A 369 9.42 -49.49 -7.94
C PHE A 369 10.50 -50.55 -8.00
N ASN A 370 11.11 -50.80 -6.85
CA ASN A 370 12.14 -51.82 -6.71
C ASN A 370 11.51 -53.19 -6.50
N GLU A 371 12.36 -54.23 -6.56
CA GLU A 371 11.88 -55.60 -6.37
C GLU A 371 11.26 -55.79 -4.99
N ASP A 372 11.99 -55.38 -3.95
CA ASP A 372 11.51 -55.60 -2.59
C ASP A 372 10.20 -54.87 -2.30
N GLY A 373 9.96 -53.74 -2.96
CA GLY A 373 8.68 -53.06 -2.84
C GLY A 373 8.79 -51.56 -2.73
N THR A 374 9.96 -51.07 -2.33
CA THR A 374 10.24 -49.66 -2.12
C THR A 374 10.45 -48.91 -3.45
N VAL A 375 10.23 -47.58 -3.38
CA VAL A 375 10.28 -46.74 -4.57
C VAL A 375 11.71 -46.63 -5.06
N LYS A 376 11.86 -46.69 -6.38
CA LYS A 376 13.13 -46.44 -7.05
C LYS A 376 13.16 -45.05 -7.68
N THR A 377 12.13 -44.67 -8.43
CA THR A 377 12.01 -43.37 -9.09
C THR A 377 10.67 -42.79 -8.69
N ASP A 378 10.67 -41.81 -7.78
CA ASP A 378 9.42 -41.21 -7.29
C ASP A 378 8.93 -40.13 -8.27
N VAL A 379 7.69 -40.25 -8.75
CA VAL A 379 7.16 -39.24 -9.68
C VAL A 379 7.17 -37.84 -9.03
N GLY A 380 6.90 -37.75 -7.73
CA GLY A 380 6.96 -36.47 -7.04
C GLY A 380 8.31 -35.78 -7.23
N VAL A 381 9.40 -36.54 -7.05
CA VAL A 381 10.75 -35.98 -7.23
C VAL A 381 10.96 -35.51 -8.67
N LEU A 382 10.39 -36.25 -9.64
CA LEU A 382 10.55 -35.85 -11.03
C LEU A 382 9.84 -34.53 -11.30
N LEU A 383 8.62 -34.38 -10.76
CA LEU A 383 7.90 -33.12 -10.90
C LEU A 383 8.64 -31.97 -10.23
N LYS A 384 9.25 -32.22 -9.06
CA LYS A 384 9.95 -31.17 -8.34
C LYS A 384 11.20 -30.72 -9.08
N VAL A 385 11.91 -31.64 -9.73
CA VAL A 385 13.11 -31.25 -10.47
C VAL A 385 12.75 -30.31 -11.60
N LYS A 386 11.59 -30.54 -12.22
CA LYS A 386 11.15 -29.70 -13.32
C LYS A 386 10.67 -28.33 -12.82
N GLN A 387 9.80 -28.34 -11.80
CA GLN A 387 9.44 -27.11 -11.08
C GLN A 387 10.68 -26.24 -10.77
N ILE A 388 11.69 -26.83 -10.14
CA ILE A 388 12.82 -26.03 -9.67
C ILE A 388 13.79 -25.65 -10.79
N SER A 389 13.92 -26.47 -11.85
CA SER A 389 14.85 -25.99 -12.86
C SER A 389 14.20 -25.04 -13.85
N CYS A 390 12.88 -25.09 -14.03
CA CYS A 390 12.23 -24.28 -15.05
C CYS A 390 11.35 -23.15 -14.51
N TYR A 391 10.84 -23.21 -13.28
CA TYR A 391 9.88 -22.21 -12.80
C TYR A 391 10.37 -21.43 -11.59
N GLY A 392 10.83 -22.12 -10.56
CA GLY A 392 11.40 -21.48 -9.39
C GLY A 392 11.44 -22.46 -8.24
N ASN A 393 12.12 -22.03 -7.17
CA ASN A 393 12.19 -22.88 -5.95
C ASN A 393 10.79 -23.25 -5.49
N ASP A 394 10.66 -24.44 -4.90
CA ASP A 394 9.36 -24.94 -4.41
C ASP A 394 8.76 -24.00 -3.36
N SER A 395 9.58 -23.22 -2.68
CA SER A 395 9.10 -22.29 -1.64
C SER A 395 8.18 -21.23 -2.25
N TYR A 396 8.40 -20.85 -3.50
CA TYR A 396 7.58 -19.78 -4.11
C TYR A 396 7.16 -20.07 -5.56
N GLY A 397 7.81 -21.02 -6.24
CA GLY A 397 7.38 -21.40 -7.58
C GLY A 397 7.05 -20.26 -8.53
N GLY A 398 7.99 -19.34 -8.71
CA GLY A 398 7.71 -18.27 -9.63
C GLY A 398 6.78 -17.18 -9.15
N MET A 399 6.27 -17.23 -7.91
CA MET A 399 5.48 -16.14 -7.36
C MET A 399 6.30 -15.25 -6.44
N SER A 400 5.94 -13.98 -6.40
CA SER A 400 6.48 -13.09 -5.37
C SER A 400 5.91 -13.45 -4.01
N GLY A 401 6.69 -13.17 -2.98
CA GLY A 401 6.23 -13.43 -1.62
C GLY A 401 4.89 -12.81 -1.32
N ARG A 402 4.66 -11.56 -1.76
CA ARG A 402 3.39 -10.93 -1.42
C ARG A 402 2.24 -11.51 -2.23
N ASP A 403 2.49 -11.92 -3.47
CA ASP A 403 1.42 -12.57 -4.23
C ASP A 403 0.99 -13.87 -3.55
N ILE A 404 1.94 -14.62 -3.00
CA ILE A 404 1.61 -15.83 -2.23
C ILE A 404 0.62 -15.49 -1.11
N MET A 405 0.96 -14.50 -0.26
CA MET A 405 0.11 -14.21 0.89
C MET A 405 -1.27 -13.72 0.48
N ALA A 406 -1.32 -12.81 -0.49
CA ALA A 406 -2.62 -12.32 -0.95
C ALA A 406 -3.44 -13.44 -1.60
N LEU A 407 -2.76 -14.43 -2.18
CA LEU A 407 -3.50 -15.57 -2.72
C LEU A 407 -4.14 -16.37 -1.59
N ALA A 408 -3.38 -16.62 -0.53
CA ALA A 408 -3.94 -17.34 0.61
C ALA A 408 -5.16 -16.64 1.17
N VAL A 409 -5.10 -15.30 1.33
CA VAL A 409 -6.31 -14.57 1.77
C VAL A 409 -7.42 -14.72 0.73
N GLY A 410 -7.06 -14.63 -0.56
CA GLY A 410 -8.07 -14.73 -1.62
C GLY A 410 -8.89 -16.02 -1.58
N LEU A 411 -8.24 -17.16 -1.31
CA LEU A 411 -8.92 -18.46 -1.38
C LEU A 411 -9.97 -18.60 -0.28
N TYR A 412 -9.66 -18.14 0.95
CA TYR A 412 -10.68 -18.07 2.00
C TYR A 412 -11.87 -17.24 1.56
N GLU A 413 -11.61 -16.12 0.88
CA GLU A 413 -12.68 -15.23 0.48
C GLU A 413 -13.66 -15.92 -0.46
N SER A 414 -13.15 -16.76 -1.36
CA SER A 414 -14.02 -17.50 -2.26
C SER A 414 -14.86 -18.55 -1.54
N CYS A 415 -14.59 -18.83 -0.27
CA CYS A 415 -15.47 -19.70 0.49
C CYS A 415 -16.68 -18.98 1.08
N ASP A 416 -16.80 -17.65 0.94
CA ASP A 416 -17.88 -16.93 1.62
C ASP A 416 -19.15 -16.95 0.79
N PHE A 417 -20.26 -17.40 1.39
CA PHE A 417 -21.49 -17.55 0.60
C PHE A 417 -21.98 -16.22 0.04
N ASN A 418 -21.99 -15.17 0.85
CA ASN A 418 -22.49 -13.89 0.34
C ASN A 418 -21.67 -13.43 -0.86
N TYR A 419 -20.35 -13.54 -0.79
CA TYR A 419 -19.54 -13.14 -1.94
C TYR A 419 -19.88 -13.98 -3.16
N MET A 420 -19.92 -15.30 -3.02
CA MET A 420 -20.13 -16.14 -4.20
C MET A 420 -21.55 -15.98 -4.74
N ASN A 421 -22.51 -15.63 -3.87
CA ASN A 421 -23.88 -15.45 -4.31
C ASN A 421 -24.05 -14.18 -5.16
N GLU A 422 -23.39 -13.09 -4.77
CA GLU A 422 -23.44 -11.88 -5.61
C GLU A 422 -22.66 -12.07 -6.90
N ARG A 423 -21.51 -12.76 -6.84
CA ARG A 423 -20.74 -13.15 -8.01
C ARG A 423 -21.62 -13.73 -9.12
N VAL A 424 -22.26 -14.87 -8.83
CA VAL A 424 -22.95 -15.63 -9.86
C VAL A 424 -24.23 -14.92 -10.28
N ALA A 425 -24.79 -14.09 -9.41
CA ALA A 425 -25.94 -13.26 -9.77
C ALA A 425 -25.60 -12.28 -10.89
N GLN A 426 -24.38 -11.77 -10.93
CA GLN A 426 -24.00 -10.94 -12.06
C GLN A 426 -23.99 -11.72 -13.39
N CYS A 427 -23.71 -13.03 -13.35
CA CYS A 427 -23.74 -13.79 -14.59
C CYS A 427 -25.17 -14.13 -14.99
N ASN A 428 -26.03 -14.43 -14.01
CA ASN A 428 -27.44 -14.64 -14.30
C ASN A 428 -28.10 -13.36 -14.78
N TYR A 429 -27.79 -12.24 -14.14
CA TYR A 429 -28.31 -10.98 -14.63
C TYR A 429 -27.93 -10.75 -16.09
N LEU A 430 -26.65 -10.92 -16.41
CA LEU A 430 -26.23 -10.70 -17.78
C LEU A 430 -26.91 -11.66 -18.75
N ALA A 431 -27.04 -12.94 -18.37
CA ALA A 431 -27.63 -13.92 -19.29
C ALA A 431 -29.13 -13.71 -19.44
N GLU A 432 -29.82 -13.42 -18.35
CA GLU A 432 -31.24 -13.09 -18.41
C GLU A 432 -31.47 -11.79 -19.18
N GLY A 433 -30.63 -10.79 -18.95
CA GLY A 433 -30.62 -9.61 -19.81
C GLY A 433 -30.55 -9.91 -21.30
N PHE A 434 -29.54 -10.64 -21.74
CA PHE A 434 -29.41 -11.01 -23.16
C PHE A 434 -30.70 -11.61 -23.70
N TYR A 435 -31.09 -12.78 -23.17
CA TYR A 435 -32.37 -13.42 -23.46
C TYR A 435 -33.54 -12.42 -23.51
N ASP A 436 -33.70 -11.63 -22.45
CA ASP A 436 -34.83 -10.70 -22.37
C ASP A 436 -34.77 -9.56 -23.38
N ALA A 437 -33.66 -9.41 -24.10
CA ALA A 437 -33.53 -8.40 -25.14
C ALA A 437 -33.64 -8.98 -26.55
N GLY A 438 -34.15 -10.19 -26.70
CA GLY A 438 -34.35 -10.75 -28.00
C GLY A 438 -33.17 -11.46 -28.60
N VAL A 439 -31.99 -11.38 -27.98
CA VAL A 439 -30.82 -12.03 -28.55
C VAL A 439 -31.03 -13.54 -28.54
N LYS A 440 -30.74 -14.18 -29.67
CA LYS A 440 -30.86 -15.62 -29.83
C LYS A 440 -29.51 -16.32 -29.69
N GLY A 441 -29.54 -17.55 -29.22
CA GLY A 441 -28.33 -18.32 -29.05
C GLY A 441 -27.72 -18.22 -27.67
N VAL A 442 -28.35 -17.50 -26.76
CA VAL A 442 -27.87 -17.40 -25.39
C VAL A 442 -27.98 -18.77 -24.73
N VAL A 443 -26.85 -19.27 -24.24
CA VAL A 443 -26.82 -20.54 -23.52
C VAL A 443 -27.28 -20.32 -22.08
N LEU A 444 -28.03 -21.28 -21.56
CA LEU A 444 -28.60 -21.17 -20.23
C LEU A 444 -28.52 -22.51 -19.53
N PRO A 445 -28.31 -22.50 -18.21
CA PRO A 445 -28.14 -21.22 -17.53
C PRO A 445 -26.71 -20.64 -17.75
N ALA A 446 -26.43 -19.45 -17.24
CA ALA A 446 -25.09 -18.90 -17.37
C ALA A 446 -24.08 -19.74 -16.59
N GLY A 447 -22.84 -19.77 -17.07
CA GLY A 447 -21.76 -20.37 -16.31
C GLY A 447 -21.51 -19.64 -14.99
N GLY A 448 -20.57 -20.12 -14.18
CA GLY A 448 -20.36 -19.36 -12.96
C GLY A 448 -19.50 -18.13 -13.11
N HIS A 449 -18.96 -17.91 -14.31
CA HIS A 449 -18.00 -16.85 -14.54
C HIS A 449 -18.22 -16.14 -15.86
N ALA A 450 -19.15 -16.60 -16.69
CA ALA A 450 -19.23 -16.09 -18.05
C ALA A 450 -20.60 -16.44 -18.62
N VAL A 451 -21.04 -15.62 -19.57
CA VAL A 451 -22.19 -15.88 -20.41
C VAL A 451 -21.68 -16.22 -21.80
N TYR A 452 -22.28 -17.21 -22.43
CA TYR A 452 -21.92 -17.62 -23.78
C TYR A 452 -23.13 -17.48 -24.71
N ILE A 453 -22.88 -17.01 -25.93
CA ILE A 453 -23.89 -16.99 -27.00
C ILE A 453 -23.47 -17.98 -28.08
N ASN A 454 -24.41 -18.82 -28.48
CA ASN A 454 -24.18 -19.73 -29.61
C ASN A 454 -24.31 -18.96 -30.92
N MET A 455 -23.23 -18.86 -31.68
CA MET A 455 -23.21 -17.92 -32.80
C MET A 455 -23.91 -18.48 -34.04
N ASP A 456 -24.01 -19.79 -34.19
CA ASP A 456 -24.84 -20.34 -35.25
C ASP A 456 -26.31 -19.96 -35.07
N GLU A 457 -26.81 -20.00 -33.83
CA GLU A 457 -28.17 -19.54 -33.60
C GLU A 457 -28.23 -18.01 -33.67
N PHE A 458 -27.21 -17.34 -33.15
CA PHE A 458 -27.17 -15.88 -33.19
C PHE A 458 -27.44 -15.37 -34.60
N PHE A 459 -26.78 -15.97 -35.58
CA PHE A 459 -26.87 -15.59 -36.99
C PHE A 459 -27.91 -16.40 -37.76
N ASP A 460 -28.83 -17.08 -37.08
CA ASP A 460 -29.97 -17.69 -37.76
C ASP A 460 -29.53 -18.78 -38.73
N GLY A 461 -28.35 -19.37 -38.52
CA GLY A 461 -27.83 -20.44 -39.39
C GLY A 461 -27.31 -19.94 -40.73
N LYS A 462 -27.39 -18.64 -40.96
CA LYS A 462 -27.00 -18.06 -42.27
C LYS A 462 -25.49 -18.23 -42.51
N ARG A 463 -24.66 -17.96 -41.50
CA ARG A 463 -23.20 -18.01 -41.71
C ARG A 463 -22.69 -19.39 -41.29
N GLY A 464 -21.64 -19.87 -41.93
CA GLY A 464 -21.18 -21.25 -41.67
C GLY A 464 -19.88 -21.36 -40.90
N HIS A 465 -19.33 -22.56 -40.82
CA HIS A 465 -18.12 -22.81 -40.06
C HIS A 465 -16.97 -21.96 -40.57
N ASP A 466 -16.76 -21.92 -41.88
CA ASP A 466 -15.63 -21.21 -42.44
C ASP A 466 -15.72 -19.70 -42.27
N THR A 467 -16.87 -19.18 -41.84
CA THR A 467 -17.10 -17.74 -41.85
C THR A 467 -16.41 -17.01 -40.70
N PHE A 468 -16.21 -17.67 -39.56
CA PHE A 468 -15.62 -17.02 -38.39
C PHE A 468 -16.34 -15.70 -38.07
N ALA A 469 -17.63 -15.62 -38.37
CA ALA A 469 -18.34 -14.40 -38.03
C ALA A 469 -18.38 -14.17 -36.54
N GLY A 470 -18.18 -15.23 -35.74
CA GLY A 470 -18.06 -15.03 -34.31
C GLY A 470 -16.91 -14.11 -33.93
N GLU A 471 -15.77 -14.23 -34.64
CA GLU A 471 -14.71 -13.27 -34.43
C GLU A 471 -15.11 -11.88 -34.90
N GLY A 472 -15.88 -11.80 -35.98
CA GLY A 472 -16.42 -10.51 -36.40
C GLY A 472 -17.29 -9.90 -35.31
N PHE A 473 -18.05 -10.74 -34.61
CA PHE A 473 -18.91 -10.25 -33.53
C PHE A 473 -18.06 -9.60 -32.44
N SER A 474 -17.10 -10.36 -31.90
CA SER A 474 -16.32 -9.85 -30.79
C SER A 474 -15.54 -8.62 -31.20
N LEU A 475 -14.90 -8.64 -32.37
CA LEU A 475 -14.19 -7.46 -32.82
C LEU A 475 -15.13 -6.28 -32.94
N GLU A 476 -16.34 -6.50 -33.45
CA GLU A 476 -17.27 -5.39 -33.65
C GLU A 476 -17.70 -4.80 -32.31
N LEU A 477 -17.83 -5.63 -31.27
CA LEU A 477 -18.08 -5.09 -29.92
C LEU A 477 -16.95 -4.17 -29.47
N ILE A 478 -15.70 -4.50 -29.82
CA ILE A 478 -14.59 -3.59 -29.50
C ILE A 478 -14.78 -2.27 -30.25
N ARG A 479 -14.90 -2.37 -31.58
CA ARG A 479 -15.01 -1.19 -32.44
C ARG A 479 -16.14 -0.28 -31.99
N ARG A 480 -17.38 -0.79 -31.99
CA ARG A 480 -18.51 0.10 -31.74
C ARG A 480 -18.56 0.56 -30.30
N TYR A 481 -18.36 -0.35 -29.35
CA TYR A 481 -18.70 -0.06 -27.95
C TYR A 481 -17.54 -0.20 -26.97
N GLY A 482 -16.33 -0.53 -27.42
CA GLY A 482 -15.22 -0.69 -26.50
C GLY A 482 -15.36 -1.84 -25.53
N ILE A 483 -15.98 -2.93 -25.97
CA ILE A 483 -16.25 -4.11 -25.15
C ILE A 483 -15.43 -5.24 -25.74
N ARG A 484 -14.49 -5.77 -24.96
CA ARG A 484 -13.72 -6.91 -25.42
C ARG A 484 -14.32 -8.21 -24.90
N VAL A 485 -14.51 -9.17 -25.79
CA VAL A 485 -14.99 -10.50 -25.44
C VAL A 485 -14.08 -11.50 -26.13
N SER A 486 -14.38 -12.79 -25.96
CA SER A 486 -13.49 -13.83 -26.43
C SER A 486 -14.29 -14.84 -27.25
N GLU A 487 -13.93 -14.98 -28.51
CA GLU A 487 -14.49 -16.03 -29.36
C GLU A 487 -13.88 -17.38 -28.95
N LEU A 488 -14.75 -18.33 -28.60
CA LEU A 488 -14.31 -19.66 -28.17
C LEU A 488 -15.06 -20.73 -28.96
N GLY A 489 -15.08 -20.60 -30.28
CA GLY A 489 -15.85 -21.48 -31.12
C GLY A 489 -15.03 -22.22 -32.16
N ASP A 490 -15.50 -22.26 -33.40
CA ASP A 490 -14.77 -22.95 -34.47
C ASP A 490 -13.42 -22.29 -34.76
N TYR A 491 -13.26 -21.00 -34.45
CA TYR A 491 -11.97 -20.37 -34.65
C TYR A 491 -11.02 -20.76 -33.52
N SER A 492 -11.26 -20.24 -32.31
CA SER A 492 -10.31 -20.46 -31.22
C SER A 492 -10.16 -21.94 -30.89
N MET A 493 -11.23 -22.71 -31.00
CA MET A 493 -11.16 -24.14 -30.77
C MET A 493 -10.70 -24.91 -32.01
N GLU A 494 -10.27 -24.20 -33.07
CA GLU A 494 -9.58 -24.78 -34.21
C GLU A 494 -10.37 -25.94 -34.83
N TYR A 495 -11.60 -25.61 -35.25
CA TYR A 495 -12.46 -26.56 -35.94
C TYR A 495 -11.72 -27.23 -37.09
N ASP A 496 -11.23 -26.44 -38.05
CA ASP A 496 -10.61 -26.93 -39.27
C ASP A 496 -9.27 -27.64 -39.04
N LEU A 497 -8.81 -27.76 -37.80
CA LEU A 497 -7.58 -28.49 -37.51
C LEU A 497 -7.85 -29.81 -36.79
N LYS A 498 -9.11 -30.13 -36.49
CA LYS A 498 -9.47 -31.24 -35.63
C LYS A 498 -10.04 -32.41 -36.42
N THR A 499 -9.92 -33.62 -35.84
CA THR A 499 -10.50 -34.80 -36.47
C THR A 499 -12.03 -34.72 -36.37
N PRO A 500 -12.74 -35.57 -37.10
CA PRO A 500 -14.20 -35.39 -37.19
C PRO A 500 -14.92 -35.59 -35.87
N GLU A 501 -14.46 -36.53 -35.03
CA GLU A 501 -15.09 -36.73 -33.72
C GLU A 501 -14.88 -35.50 -32.83
N GLN A 502 -13.65 -34.98 -32.83
CA GLN A 502 -13.36 -33.75 -32.10
C GLN A 502 -14.17 -32.58 -32.64
N GLN A 503 -14.30 -32.47 -33.97
CA GLN A 503 -15.09 -31.39 -34.55
C GLN A 503 -16.52 -31.37 -34.03
N ALA A 504 -17.09 -32.54 -33.71
CA ALA A 504 -18.44 -32.57 -33.13
C ALA A 504 -18.44 -32.18 -31.65
N GLU A 505 -17.29 -32.26 -30.98
CA GLU A 505 -17.16 -31.83 -29.59
C GLU A 505 -16.99 -30.33 -29.43
N VAL A 506 -16.75 -29.60 -30.53
CA VAL A 506 -16.58 -28.16 -30.49
C VAL A 506 -17.89 -27.46 -30.16
N CYS A 507 -17.81 -26.40 -29.34
CA CYS A 507 -18.94 -25.55 -29.01
C CYS A 507 -18.71 -24.19 -29.66
N ASN A 508 -19.61 -23.80 -30.58
CA ASN A 508 -19.41 -22.59 -31.38
C ASN A 508 -19.99 -21.35 -30.68
N VAL A 509 -19.28 -20.90 -29.63
CA VAL A 509 -19.79 -19.89 -28.73
C VAL A 509 -18.82 -18.72 -28.60
N VAL A 510 -19.36 -17.57 -28.21
CA VAL A 510 -18.59 -16.38 -27.83
C VAL A 510 -18.87 -16.08 -26.35
N ARG A 511 -17.80 -15.80 -25.60
CA ARG A 511 -17.87 -15.74 -24.14
C ARG A 511 -17.75 -14.32 -23.62
N PHE A 512 -18.62 -13.97 -22.68
CA PHE A 512 -18.57 -12.73 -21.92
C PHE A 512 -18.11 -13.04 -20.48
N ALA A 513 -16.79 -12.98 -20.23
CA ALA A 513 -16.27 -13.32 -18.92
C ALA A 513 -16.32 -12.13 -17.97
N ILE A 514 -16.79 -12.38 -16.74
CA ILE A 514 -16.96 -11.31 -15.73
C ILE A 514 -15.82 -11.35 -14.72
N ASP A 515 -15.03 -10.28 -14.65
CA ASP A 515 -13.94 -10.17 -13.67
C ASP A 515 -14.58 -10.13 -12.27
N ARG A 516 -13.95 -10.81 -11.33
CA ARG A 516 -14.49 -10.88 -9.97
C ARG A 516 -14.38 -9.54 -9.24
N SER A 517 -15.49 -9.04 -8.69
CA SER A 517 -15.49 -7.84 -7.81
C SER A 517 -15.19 -6.51 -8.53
N ARG A 518 -14.90 -6.54 -9.83
CA ARG A 518 -14.49 -5.32 -10.57
C ARG A 518 -15.70 -4.58 -11.16
N LEU A 519 -16.71 -5.31 -11.62
CA LEU A 519 -17.87 -4.69 -12.29
C LEU A 519 -19.11 -4.62 -11.41
N THR A 520 -19.98 -3.64 -11.66
CA THR A 520 -21.26 -3.41 -10.98
C THR A 520 -22.37 -3.41 -12.02
N LYS A 521 -23.62 -3.20 -11.58
CA LYS A 521 -24.73 -3.36 -12.52
C LYS A 521 -24.66 -2.38 -13.70
N GLU A 522 -24.26 -1.14 -13.42
CA GLU A 522 -24.06 -0.19 -14.52
C GLU A 522 -23.27 -0.80 -15.67
N HIS A 523 -22.17 -1.49 -15.38
CA HIS A 523 -21.39 -2.11 -16.45
C HIS A 523 -22.22 -3.13 -17.22
N LEU A 524 -23.02 -3.91 -16.50
CA LEU A 524 -23.71 -4.99 -17.17
C LEU A 524 -24.86 -4.46 -18.01
N ASP A 525 -25.61 -3.48 -17.49
CA ASP A 525 -26.65 -2.83 -18.29
C ASP A 525 -26.07 -2.34 -19.62
N TYR A 526 -24.92 -1.67 -19.56
CA TYR A 526 -24.28 -1.15 -20.77
C TYR A 526 -23.96 -2.28 -21.74
N VAL A 527 -23.41 -3.40 -21.24
CA VAL A 527 -23.09 -4.50 -22.14
C VAL A 527 -24.36 -5.13 -22.70
N ILE A 528 -25.44 -5.18 -21.91
CA ILE A 528 -26.70 -5.72 -22.41
C ILE A 528 -27.23 -4.89 -23.56
N ALA A 529 -27.29 -3.56 -23.38
CA ALA A 529 -27.76 -2.66 -24.42
C ALA A 529 -26.94 -2.81 -25.70
N ALA A 530 -25.61 -2.90 -25.57
CA ALA A 530 -24.74 -2.97 -26.74
C ALA A 530 -24.98 -4.25 -27.54
N VAL A 531 -25.05 -5.40 -26.86
CA VAL A 531 -25.21 -6.65 -27.58
C VAL A 531 -26.57 -6.71 -28.26
N LYS A 532 -27.60 -6.10 -27.66
CA LYS A 532 -28.91 -6.03 -28.29
C LYS A 532 -28.83 -5.32 -29.64
N ALA A 533 -28.26 -4.12 -29.64
CA ALA A 533 -28.12 -3.33 -30.89
C ALA A 533 -27.33 -4.14 -31.93
N LEU A 534 -26.36 -4.94 -31.48
CA LEU A 534 -25.51 -5.72 -32.41
C LEU A 534 -26.30 -6.92 -32.95
N TYR A 535 -27.21 -7.48 -32.15
CA TYR A 535 -28.08 -8.57 -32.67
C TYR A 535 -29.02 -7.97 -33.71
N GLU A 536 -29.64 -6.82 -33.39
CA GLU A 536 -30.51 -6.14 -34.35
C GLU A 536 -29.77 -5.75 -35.63
N ASP A 537 -28.44 -5.76 -35.61
CA ASP A 537 -27.62 -5.40 -36.76
C ASP A 537 -26.78 -6.56 -37.28
N ARG A 538 -27.07 -7.80 -36.88
CA ARG A 538 -26.13 -8.87 -37.14
C ARG A 538 -25.82 -9.04 -38.63
N GLU A 539 -26.59 -8.42 -39.52
CA GLU A 539 -26.28 -8.52 -40.94
C GLU A 539 -25.00 -7.76 -41.29
N ASN A 540 -24.60 -6.77 -40.49
CA ASN A 540 -23.45 -5.94 -40.80
C ASN A 540 -22.18 -6.36 -40.07
N ILE A 541 -22.20 -7.49 -39.37
CA ILE A 541 -21.02 -8.07 -38.75
C ILE A 541 -20.26 -8.83 -39.84
N PRO A 542 -19.00 -8.47 -40.12
CA PRO A 542 -18.25 -9.15 -41.18
C PRO A 542 -17.76 -10.53 -40.78
N ASN A 543 -17.40 -11.31 -41.80
CA ASN A 543 -16.65 -12.54 -41.60
C ASN A 543 -15.18 -12.17 -41.39
N MET A 544 -14.35 -13.17 -41.11
CA MET A 544 -12.95 -12.92 -40.81
C MET A 544 -12.08 -13.97 -41.48
N ARG A 545 -11.02 -13.53 -42.15
CA ARG A 545 -10.06 -14.41 -42.82
C ARG A 545 -8.74 -14.39 -42.06
N ILE A 546 -8.20 -15.58 -41.77
CA ILE A 546 -6.88 -15.72 -41.19
C ILE A 546 -5.84 -15.49 -42.30
N VAL A 547 -4.95 -14.52 -42.08
CA VAL A 547 -3.94 -14.16 -43.07
C VAL A 547 -2.52 -14.49 -42.62
N TRP A 548 -2.37 -15.11 -41.45
CA TRP A 548 -1.10 -15.67 -41.01
C TRP A 548 -1.32 -16.42 -39.72
N GLY A 549 -0.76 -17.62 -39.63
CA GLY A 549 -0.78 -18.40 -38.41
C GLY A 549 -1.88 -19.44 -38.30
N HIS A 550 -2.48 -19.87 -39.41
CA HIS A 550 -3.65 -20.74 -39.35
C HIS A 550 -3.35 -22.07 -38.65
N ASN A 551 -2.09 -22.54 -38.68
CA ASN A 551 -1.72 -23.83 -38.12
C ASN A 551 -0.90 -23.74 -36.83
N LEU A 552 -0.96 -22.59 -36.11
CA LEU A 552 -0.07 -22.52 -34.94
C LEU A 552 -0.75 -23.13 -33.70
N PRO A 553 -0.01 -23.81 -32.82
CA PRO A 553 -0.64 -24.33 -31.59
C PRO A 553 -1.26 -23.18 -30.82
N MET A 554 -2.54 -23.34 -30.42
CA MET A 554 -3.17 -22.27 -29.66
C MET A 554 -3.28 -20.98 -30.47
N ARG A 555 -3.74 -21.13 -31.73
CA ARG A 555 -3.58 -20.07 -32.73
C ARG A 555 -4.36 -18.79 -32.43
N HIS A 556 -5.35 -18.83 -31.53
CA HIS A 556 -6.13 -17.63 -31.29
C HIS A 556 -5.32 -16.58 -30.51
N PHE A 557 -4.22 -16.98 -29.85
CA PHE A 557 -3.30 -16.05 -29.20
C PHE A 557 -2.27 -15.44 -30.16
N HIS A 558 -2.01 -16.08 -31.31
CA HIS A 558 -0.93 -15.73 -32.24
C HIS A 558 -1.40 -15.07 -33.52
N ALA A 559 -2.53 -15.51 -34.07
CA ALA A 559 -2.80 -15.39 -35.50
C ALA A 559 -3.25 -13.98 -35.86
N PHE A 560 -3.10 -13.67 -37.16
CA PHE A 560 -3.57 -12.42 -37.74
C PHE A 560 -4.83 -12.67 -38.55
N LEU A 561 -5.84 -11.86 -38.32
CA LEU A 561 -7.10 -11.90 -39.04
C LEU A 561 -7.25 -10.63 -39.90
N GLU A 562 -8.33 -10.60 -40.65
CA GLU A 562 -8.66 -9.58 -41.63
C GLU A 562 -10.17 -9.66 -41.90
N PRO A 563 -10.89 -8.54 -41.86
CA PRO A 563 -12.33 -8.57 -42.13
C PRO A 563 -12.67 -8.45 -43.61
N TYR A 564 -13.83 -9.02 -43.96
CA TYR A 564 -14.38 -8.95 -45.30
C TYR A 564 -15.89 -9.16 -45.24
N ALA A 565 -16.61 -8.46 -46.11
CA ALA A 565 -18.09 -8.45 -46.09
C ALA A 565 -18.70 -9.82 -45.74
N LYS B 24 32.31 25.43 -2.86
CA LYS B 24 32.84 25.28 -1.51
C LYS B 24 32.77 23.79 -1.08
N GLN B 25 33.80 23.26 -0.44
CA GLN B 25 33.82 21.86 -0.04
C GLN B 25 34.11 21.77 1.45
N TYR B 26 33.35 20.94 2.17
CA TYR B 26 33.60 20.72 3.60
C TYR B 26 33.80 19.22 3.80
N PRO B 27 35.01 18.74 3.50
CA PRO B 27 35.25 17.28 3.47
C PRO B 27 35.09 16.61 4.83
N LEU B 28 34.79 15.31 4.80
CA LEU B 28 34.72 14.50 6.02
C LEU B 28 35.33 13.12 5.73
N ASN B 29 35.87 12.49 6.75
CA ASN B 29 36.43 11.16 6.57
C ASN B 29 35.36 10.05 6.57
N VAL B 30 34.07 10.42 6.57
CA VAL B 30 32.95 9.48 6.56
C VAL B 30 32.03 9.88 5.42
N PRO B 31 31.54 8.95 4.61
CA PRO B 31 30.72 9.35 3.46
C PRO B 31 29.31 9.74 3.90
N ALA B 32 28.74 10.70 3.18
CA ALA B 32 27.34 11.04 3.41
C ALA B 32 26.46 9.84 3.06
N PRO B 33 25.43 9.56 3.84
CA PRO B 33 24.51 8.47 3.46
C PRO B 33 23.69 8.88 2.25
N HIS B 34 23.26 7.89 1.45
CA HIS B 34 22.48 8.24 0.26
C HIS B 34 21.05 7.73 0.26
N HIS B 35 20.65 6.90 1.25
CA HIS B 35 19.25 6.54 1.43
C HIS B 35 18.98 6.37 2.90
N PHE B 36 17.71 6.17 3.24
CA PHE B 36 17.38 5.87 4.62
C PHE B 36 16.23 4.90 4.61
N THR B 37 15.91 4.36 5.79
CA THR B 37 14.86 3.37 5.91
C THR B 37 13.48 4.04 5.82
N TYR B 38 12.69 3.63 4.84
CA TYR B 38 11.33 4.13 4.69
C TYR B 38 10.35 3.34 5.55
N ALA B 39 10.58 2.04 5.68
CA ALA B 39 9.77 1.20 6.55
C ALA B 39 10.65 0.06 7.02
N VAL B 40 10.25 -0.58 8.13
CA VAL B 40 11.09 -1.55 8.81
C VAL B 40 10.31 -2.81 9.07
N ARG B 41 11.06 -3.89 9.27
CA ARG B 41 10.51 -5.18 9.63
C ARG B 41 11.35 -5.77 10.75
N ASP B 42 10.68 -6.36 11.74
CA ASP B 42 11.40 -6.92 12.89
C ASP B 42 11.90 -8.33 12.63
N LEU B 43 13.04 -8.66 13.23
CA LEU B 43 13.62 -10.00 13.14
C LEU B 43 13.24 -10.82 14.35
N PRO B 44 13.25 -12.15 14.25
CA PRO B 44 12.76 -12.98 15.35
C PRO B 44 13.82 -13.18 16.43
N GLU B 45 13.34 -13.59 17.62
CA GLU B 45 14.19 -13.95 18.77
C GLU B 45 14.24 -15.47 18.89
N VAL B 46 15.41 -16.06 18.59
CA VAL B 46 15.54 -17.50 18.37
C VAL B 46 16.76 -18.05 19.12
N THR B 47 16.59 -19.18 19.80
CA THR B 47 17.74 -19.79 20.45
C THR B 47 18.52 -20.71 19.51
N VAL B 48 19.75 -21.06 19.94
CA VAL B 48 20.55 -22.09 19.28
C VAL B 48 19.83 -23.43 19.33
N GLU B 49 19.29 -23.77 20.49
CA GLU B 49 18.57 -25.03 20.61
C GLU B 49 17.44 -25.08 19.58
N GLN B 50 16.75 -23.96 19.37
CA GLN B 50 15.64 -23.94 18.43
C GLN B 50 16.11 -24.13 16.99
N ARG B 51 17.21 -23.47 16.62
CA ARG B 51 17.72 -23.59 15.26
C ARG B 51 18.26 -24.99 15.00
N GLU B 52 18.99 -25.56 15.97
CA GLU B 52 19.45 -26.93 15.82
C GLU B 52 18.27 -27.88 15.64
N ARG B 53 17.19 -27.67 16.38
CA ARG B 53 16.02 -28.52 16.19
C ARG B 53 15.47 -28.40 14.77
N ALA B 54 15.44 -27.18 14.22
CA ALA B 54 14.88 -27.03 12.88
C ALA B 54 15.82 -27.60 11.82
N LEU B 55 17.13 -27.46 12.02
CA LEU B 55 18.10 -28.01 11.07
C LEU B 55 17.88 -29.50 10.83
N GLN B 56 17.68 -30.26 11.91
CA GLN B 56 17.46 -31.69 11.81
C GLN B 56 16.04 -32.07 11.40
N ALA B 57 15.02 -31.28 11.75
CA ALA B 57 13.68 -31.52 11.19
C ALA B 57 13.67 -31.41 9.67
N THR B 58 14.63 -30.67 9.08
CA THR B 58 14.66 -30.34 7.66
C THR B 58 15.84 -30.96 6.93
N HIS B 59 16.49 -31.97 7.54
CA HIS B 59 17.50 -32.79 6.86
C HIS B 59 18.76 -32.02 6.51
N TYR B 60 19.02 -30.88 7.17
CA TYR B 60 20.27 -30.16 6.97
C TYR B 60 20.42 -29.61 5.54
N ASN B 61 19.30 -29.36 4.88
CA ASN B 61 19.32 -28.67 3.60
C ASN B 61 19.03 -27.18 3.86
N GLU B 62 19.99 -26.32 3.49
CA GLU B 62 19.82 -24.92 3.86
C GLU B 62 18.62 -24.26 3.17
N PHE B 63 18.18 -24.77 2.00
CA PHE B 63 17.03 -24.17 1.33
C PHE B 63 15.73 -24.52 2.02
N ALA B 64 15.72 -25.60 2.79
CA ALA B 64 14.53 -25.97 3.57
C ALA B 64 14.51 -25.34 4.96
N PHE B 65 15.49 -24.54 5.32
CA PHE B 65 15.43 -23.97 6.67
C PHE B 65 14.46 -22.78 6.69
N PRO B 66 13.53 -22.71 7.65
CA PRO B 66 12.51 -21.64 7.64
C PRO B 66 13.14 -20.25 7.75
N SER B 67 12.79 -19.36 6.82
CA SER B 67 13.42 -18.05 6.92
C SER B 67 12.92 -17.25 8.12
N GLY B 68 11.74 -17.60 8.66
CA GLY B 68 11.20 -16.98 9.84
C GLY B 68 12.03 -17.19 11.10
N MET B 69 13.10 -17.96 11.02
CA MET B 69 13.96 -18.26 12.14
C MET B 69 15.37 -17.73 11.96
N LEU B 70 15.63 -17.00 10.88
CA LEU B 70 16.97 -16.53 10.57
C LEU B 70 17.18 -15.12 11.12
N THR B 71 18.43 -14.79 11.37
CA THR B 71 18.79 -13.46 11.83
C THR B 71 19.36 -12.62 10.70
N VAL B 72 20.30 -13.17 9.93
CA VAL B 72 20.74 -12.55 8.68
C VAL B 72 20.73 -13.63 7.58
N ASP B 73 19.77 -13.51 6.66
CA ASP B 73 19.64 -14.44 5.54
C ASP B 73 20.45 -13.93 4.35
N MET B 74 21.50 -14.68 3.98
CA MET B 74 22.36 -14.31 2.86
C MET B 74 22.44 -15.44 1.83
N LEU B 75 21.35 -16.20 1.70
CA LEU B 75 21.30 -17.33 0.78
C LEU B 75 21.42 -16.88 -0.67
N SER B 76 20.81 -15.74 -1.03
CA SER B 76 20.72 -15.30 -2.41
C SER B 76 20.24 -13.85 -2.50
N ASP B 77 20.83 -13.07 -3.40
CA ASP B 77 20.31 -11.73 -3.74
C ASP B 77 19.15 -11.77 -4.73
N SER B 78 18.71 -12.94 -5.16
CA SER B 78 17.67 -13.04 -6.19
C SER B 78 16.27 -12.82 -5.60
N GLY B 79 15.63 -11.72 -5.95
CA GLY B 79 14.27 -11.45 -5.51
C GLY B 79 14.13 -10.96 -4.08
N THR B 80 15.23 -10.73 -3.37
CA THR B 80 15.15 -10.45 -1.95
C THR B 80 15.18 -8.95 -1.63
N THR B 81 15.02 -8.09 -2.65
CA THR B 81 15.23 -6.67 -2.51
C THR B 81 14.18 -5.97 -1.64
N ALA B 82 14.63 -5.02 -0.87
CA ALA B 82 13.73 -4.02 -0.28
C ALA B 82 13.42 -2.96 -1.32
N MET B 83 12.17 -2.87 -1.79
CA MET B 83 11.90 -1.91 -2.85
C MET B 83 11.99 -0.46 -2.33
N THR B 84 12.18 0.48 -3.27
CA THR B 84 12.04 1.88 -2.91
C THR B 84 10.55 2.22 -2.75
N ASN B 85 10.29 3.30 -2.00
CA ASN B 85 8.91 3.78 -1.87
C ASN B 85 8.28 4.15 -3.22
N HIS B 86 9.06 4.64 -4.19
CA HIS B 86 8.48 4.88 -5.52
C HIS B 86 8.07 3.57 -6.21
N GLN B 87 8.77 2.47 -5.94
CA GLN B 87 8.32 1.16 -6.42
C GLN B 87 7.02 0.74 -5.76
N TRP B 88 6.86 1.00 -4.45
CA TRP B 88 5.64 0.58 -3.78
C TRP B 88 4.46 1.35 -4.34
N ALA B 89 4.67 2.63 -4.67
CA ALA B 89 3.63 3.44 -5.30
C ALA B 89 3.23 2.88 -6.66
N SER B 90 4.22 2.41 -7.44
CA SER B 90 3.95 1.91 -8.78
C SER B 90 3.06 0.69 -8.75
N LEU B 91 3.11 -0.06 -7.65
CA LEU B 91 2.31 -1.27 -7.54
C LEU B 91 0.85 -0.96 -7.81
N PHE B 92 0.37 0.14 -7.22
CA PHE B 92 -1.01 0.59 -7.39
C PHE B 92 -1.30 1.12 -8.78
N LEU B 93 -0.29 1.33 -9.60
CA LEU B 93 -0.54 1.71 -10.97
C LEU B 93 -0.58 0.49 -11.89
N GLY B 94 -0.39 -0.71 -11.33
CA GLY B 94 -0.33 -1.90 -12.16
C GLY B 94 -1.69 -2.17 -12.77
N ASP B 95 -1.66 -2.74 -13.97
CA ASP B 95 -2.89 -3.05 -14.70
C ASP B 95 -3.01 -4.57 -14.81
N GLU B 96 -4.09 -5.12 -14.27
CA GLU B 96 -4.23 -6.56 -14.18
C GLU B 96 -4.97 -7.19 -15.37
N ALA B 97 -5.26 -6.42 -16.42
CA ALA B 97 -5.98 -6.95 -17.59
C ALA B 97 -5.24 -8.13 -18.26
N TYR B 98 -6.01 -9.03 -18.90
CA TYR B 98 -5.38 -10.23 -19.47
C TYR B 98 -4.61 -9.94 -20.76
N GLY B 99 -5.18 -9.13 -21.64
CA GLY B 99 -4.50 -8.74 -22.87
C GLY B 99 -4.00 -7.31 -22.85
N ARG B 100 -2.71 -7.16 -23.23
CA ARG B 100 -2.07 -5.83 -23.37
C ARG B 100 -2.32 -4.92 -22.18
N ASN B 101 -1.78 -5.28 -21.03
CA ASN B 101 -1.83 -4.37 -19.87
C ASN B 101 -0.87 -3.23 -20.22
N THR B 102 -1.13 -2.03 -19.69
CA THR B 102 -0.26 -0.86 -20.00
C THR B 102 1.17 -1.21 -19.60
N GLY B 103 1.34 -2.00 -18.54
CA GLY B 103 2.68 -2.38 -18.08
C GLY B 103 3.45 -3.15 -19.14
N TYR B 104 2.76 -3.91 -20.00
CA TYR B 104 3.53 -4.59 -21.05
C TYR B 104 4.36 -3.59 -21.81
N TYR B 105 3.72 -2.52 -22.26
CA TYR B 105 4.39 -1.48 -23.05
C TYR B 105 5.44 -0.75 -22.23
N VAL B 106 5.13 -0.42 -20.99
CA VAL B 106 6.06 0.37 -20.21
C VAL B 106 7.34 -0.41 -19.98
N LEU B 107 7.21 -1.69 -19.70
CA LEU B 107 8.38 -2.48 -19.43
C LEU B 107 9.23 -2.65 -20.68
N LEU B 108 8.59 -2.93 -21.81
CA LEU B 108 9.37 -3.08 -23.03
C LEU B 108 10.14 -1.80 -23.31
N ASP B 109 9.48 -0.66 -23.17
CA ASP B 109 10.20 0.54 -23.57
C ASP B 109 11.22 0.97 -22.51
N THR B 110 11.08 0.50 -21.26
CA THR B 110 12.13 0.72 -20.25
C THR B 110 13.40 -0.06 -20.62
N PHE B 111 13.25 -1.31 -21.05
CA PHE B 111 14.38 -2.02 -21.64
C PHE B 111 15.00 -1.22 -22.78
N ARG B 112 14.18 -0.63 -23.65
CA ARG B 112 14.73 0.19 -24.72
C ARG B 112 15.54 1.34 -24.17
N ASP B 113 14.99 2.09 -23.22
CA ASP B 113 15.72 3.22 -22.67
C ASP B 113 17.11 2.79 -22.18
N ILE B 114 17.15 1.78 -21.31
CA ILE B 114 18.39 1.44 -20.65
C ILE B 114 19.36 0.70 -21.57
N PHE B 115 18.87 -0.27 -22.36
CA PHE B 115 19.80 -1.16 -23.04
C PHE B 115 20.02 -0.83 -24.51
N GLU B 116 19.24 0.10 -25.09
CA GLU B 116 19.42 0.49 -26.47
C GLU B 116 19.62 2.00 -26.69
N ARG B 117 19.18 2.88 -25.79
CA ARG B 117 19.10 4.28 -26.16
C ARG B 117 20.30 5.11 -25.69
N GLY B 118 21.22 4.53 -24.95
CA GLY B 118 22.51 5.20 -24.66
C GLY B 118 22.52 6.41 -23.76
N GLY B 119 21.99 6.30 -22.55
CA GLY B 119 22.13 7.45 -21.64
C GLY B 119 20.83 8.06 -21.22
N GLU B 120 20.80 8.59 -19.99
CA GLU B 120 19.58 9.17 -19.41
C GLU B 120 19.00 10.24 -20.34
N LYS B 121 19.86 11.08 -20.92
CA LYS B 121 19.33 12.16 -21.75
C LYS B 121 18.54 11.66 -22.96
N ASN B 122 18.69 10.39 -23.36
CA ASN B 122 17.96 9.82 -24.50
C ASN B 122 16.73 9.00 -24.09
N TRP B 123 16.40 8.95 -22.80
CA TRP B 123 15.26 8.14 -22.35
C TRP B 123 13.94 8.79 -22.75
N LYS B 124 12.99 7.97 -23.18
CA LYS B 124 11.63 8.46 -23.35
C LYS B 124 10.81 8.38 -22.06
N LYS B 125 11.13 7.45 -21.16
CA LYS B 125 10.46 7.32 -19.86
C LYS B 125 8.94 7.45 -19.98
N ILE B 126 8.35 6.63 -20.85
CA ILE B 126 6.90 6.62 -20.96
C ILE B 126 6.23 6.09 -19.69
N ILE B 127 7.00 5.46 -18.79
CA ILE B 127 6.45 5.16 -17.49
C ILE B 127 5.91 6.42 -16.81
N ASP B 128 6.42 7.60 -17.17
CA ASP B 128 5.94 8.80 -16.50
C ASP B 128 4.56 9.20 -17.00
N LEU B 129 4.13 8.67 -18.16
CA LEU B 129 2.74 8.90 -18.56
C LEU B 129 1.77 8.09 -17.71
N VAL B 130 2.18 6.91 -17.27
CA VAL B 130 1.42 6.19 -16.25
C VAL B 130 1.50 6.93 -14.91
N ARG B 131 2.70 7.36 -14.54
CA ARG B 131 2.88 7.96 -13.21
C ARG B 131 2.15 9.29 -13.06
N THR B 132 1.93 10.02 -14.14
CA THR B 132 1.25 11.32 -14.08
C THR B 132 -0.21 11.21 -14.46
N ASP B 133 -0.74 9.99 -14.55
CA ASP B 133 -2.16 9.75 -14.81
C ASP B 133 -2.63 10.38 -16.13
N CYS B 134 -1.77 10.35 -17.15
CA CYS B 134 -2.14 10.89 -18.45
C CYS B 134 -3.44 10.30 -18.96
N ARG B 135 -4.40 11.16 -19.31
CA ARG B 135 -5.71 10.73 -19.80
C ARG B 135 -5.98 11.13 -21.26
N ASP B 136 -4.95 11.47 -22.03
CA ASP B 136 -5.08 11.68 -23.47
C ASP B 136 -4.94 10.34 -24.18
N VAL B 137 -6.07 9.82 -24.67
CA VAL B 137 -6.02 8.55 -25.39
C VAL B 137 -5.14 8.68 -26.62
N GLU B 138 -5.28 9.79 -27.36
CA GLU B 138 -4.50 9.98 -28.57
C GLU B 138 -3.01 9.90 -28.28
N LYS B 139 -2.57 10.63 -27.25
CA LYS B 139 -1.17 10.63 -26.88
C LYS B 139 -0.71 9.25 -26.42
N MET B 140 -1.52 8.56 -25.60
CA MET B 140 -1.18 7.19 -25.22
C MET B 140 -1.06 6.28 -26.45
N MET B 141 -1.97 6.43 -27.42
CA MET B 141 -1.89 5.61 -28.63
C MET B 141 -0.57 5.81 -29.35
N ASP B 142 -0.18 7.08 -29.54
CA ASP B 142 0.99 7.37 -30.36
C ASP B 142 2.30 7.11 -29.65
N GLU B 143 2.37 7.34 -28.33
CA GLU B 143 3.62 7.24 -27.62
C GLU B 143 3.76 5.98 -26.79
N VAL B 144 2.71 5.16 -26.68
CA VAL B 144 2.80 3.93 -25.89
C VAL B 144 2.29 2.71 -26.65
N TYR B 145 0.98 2.68 -26.95
CA TYR B 145 0.37 1.42 -27.43
C TYR B 145 0.80 1.07 -28.85
N LEU B 146 0.75 2.04 -29.78
CA LEU B 146 0.89 1.72 -31.20
C LEU B 146 2.27 2.02 -31.77
N CYS B 147 3.25 2.37 -30.92
CA CYS B 147 4.60 2.62 -31.43
C CYS B 147 5.13 1.41 -32.20
N GLU B 148 5.85 1.70 -33.29
CA GLU B 148 6.55 0.69 -34.06
C GLU B 148 8.04 0.79 -33.75
N TYR B 149 8.63 -0.32 -33.39
CA TYR B 149 10.07 -0.42 -33.21
C TYR B 149 10.57 -1.69 -33.91
N GLU B 150 11.66 -1.57 -34.64
CA GLU B 150 12.29 -2.77 -35.20
C GLU B 150 13.78 -2.50 -35.31
N GLY B 151 14.52 -3.58 -35.58
CA GLY B 151 15.94 -3.53 -35.85
C GLY B 151 16.86 -3.71 -34.65
N GLY B 152 16.32 -3.88 -33.43
CA GLY B 152 17.09 -3.99 -32.21
C GLY B 152 16.65 -5.18 -31.37
N LEU B 153 16.85 -5.07 -30.06
CA LEU B 153 16.53 -6.17 -29.16
C LEU B 153 15.07 -6.22 -28.75
N PHE B 154 14.29 -5.13 -28.99
CA PHE B 154 12.90 -5.06 -28.48
C PHE B 154 11.99 -4.47 -29.54
N ASN B 155 11.60 -5.30 -30.50
CA ASN B 155 10.59 -4.92 -31.46
C ASN B 155 9.33 -4.43 -30.74
N GLY B 156 8.52 -3.62 -31.41
CA GLY B 156 7.31 -3.12 -30.81
C GLY B 156 6.21 -2.96 -31.85
N GLY B 157 4.98 -3.10 -31.39
CA GLY B 157 3.85 -2.95 -32.30
C GLY B 157 3.74 -4.15 -33.22
N ALA B 158 3.34 -3.88 -34.47
CA ALA B 158 3.13 -4.96 -35.42
C ALA B 158 4.42 -5.72 -35.68
N ALA B 159 5.56 -5.06 -35.52
CA ALA B 159 6.84 -5.75 -35.70
C ALA B 159 7.01 -6.85 -34.67
N GLN B 160 6.64 -6.60 -33.41
CA GLN B 160 6.72 -7.63 -32.38
C GLN B 160 5.73 -8.78 -32.62
N MET B 161 4.64 -8.53 -33.33
CA MET B 161 3.74 -9.62 -33.66
C MET B 161 4.28 -10.43 -34.84
N GLU B 162 4.82 -9.75 -35.86
CA GLU B 162 5.32 -10.43 -37.08
C GLU B 162 6.66 -11.08 -36.84
N ARG B 163 7.57 -10.40 -36.17
CA ARG B 163 8.89 -10.93 -35.83
C ARG B 163 9.11 -10.79 -34.33
N PRO B 164 8.50 -11.66 -33.52
CA PRO B 164 8.64 -11.52 -32.07
C PRO B 164 10.07 -11.83 -31.66
N ASN B 165 10.62 -10.96 -30.78
CA ASN B 165 12.02 -11.12 -30.38
C ASN B 165 12.26 -10.74 -28.93
N ALA B 166 11.23 -10.40 -28.18
CA ALA B 166 11.37 -10.14 -26.75
C ALA B 166 10.28 -10.90 -26.02
N PHE B 167 10.65 -11.49 -24.90
CA PHE B 167 9.71 -12.35 -24.19
C PHE B 167 9.82 -12.07 -22.69
N ILE B 168 8.83 -11.36 -22.15
CA ILE B 168 8.69 -11.22 -20.71
C ILE B 168 8.35 -12.58 -20.11
N ILE B 169 8.95 -12.89 -18.96
CA ILE B 169 8.74 -14.18 -18.31
C ILE B 169 9.11 -13.98 -16.85
N GLN B 170 8.72 -14.91 -15.96
CA GLN B 170 8.74 -14.50 -14.56
C GLN B 170 10.13 -14.51 -13.94
N GLN B 171 11.06 -15.32 -14.43
CA GLN B 171 12.41 -15.22 -13.91
C GLN B 171 13.40 -15.77 -14.92
N GLY B 172 14.67 -15.78 -14.51
CA GLY B 172 15.76 -16.06 -15.43
C GLY B 172 15.87 -17.52 -15.85
N ARG B 173 15.66 -18.44 -14.92
CA ARG B 173 15.72 -19.86 -15.26
C ARG B 173 14.59 -20.24 -16.22
N ALA B 174 13.48 -19.52 -16.15
CA ALA B 174 12.40 -19.69 -17.12
C ALA B 174 12.81 -19.12 -18.47
N ALA B 175 13.44 -17.93 -18.46
CA ALA B 175 13.94 -17.34 -19.69
C ALA B 175 14.93 -18.27 -20.38
N GLU B 176 15.84 -18.87 -19.61
CA GLU B 176 16.84 -19.79 -20.18
C GLU B 176 16.19 -21.07 -20.70
N SER B 177 15.23 -21.60 -19.94
CA SER B 177 14.58 -22.89 -20.30
C SER B 177 13.89 -22.78 -21.66
N VAL B 178 13.07 -21.74 -21.86
CA VAL B 178 12.37 -21.54 -23.16
C VAL B 178 13.43 -21.54 -24.27
N LEU B 179 14.46 -20.71 -24.13
CA LEU B 179 15.55 -20.64 -25.14
C LEU B 179 16.17 -22.03 -25.32
N MET B 180 16.64 -22.65 -24.26
CA MET B 180 17.36 -23.95 -24.40
C MET B 180 16.46 -25.01 -25.06
N GLU B 181 15.18 -25.07 -24.70
CA GLU B 181 14.29 -26.11 -25.27
C GLU B 181 14.19 -25.89 -26.78
N ILE B 182 13.96 -24.66 -27.20
CA ILE B 182 13.78 -24.37 -28.65
C ILE B 182 15.11 -24.60 -29.34
N VAL B 183 16.22 -24.24 -28.69
CA VAL B 183 17.50 -24.51 -29.31
C VAL B 183 17.73 -26.03 -29.40
N ARG B 184 17.38 -26.78 -28.34
CA ARG B 184 17.57 -28.22 -28.38
C ARG B 184 16.71 -28.86 -29.47
N ASN B 185 15.47 -28.40 -29.64
CA ASN B 185 14.59 -28.96 -30.66
C ASN B 185 15.14 -28.71 -32.06
N ILE B 186 15.46 -27.45 -32.37
CA ILE B 186 16.06 -27.13 -33.66
C ILE B 186 17.30 -27.99 -33.92
N LEU B 187 18.18 -28.14 -32.92
CA LEU B 187 19.41 -28.90 -33.12
C LEU B 187 19.14 -30.39 -33.28
N ALA B 188 18.08 -30.89 -32.63
CA ALA B 188 17.74 -32.30 -32.76
C ALA B 188 17.23 -32.61 -34.16
N LYS B 189 16.29 -31.80 -34.66
CA LYS B 189 15.73 -32.07 -35.98
C LYS B 189 16.78 -31.90 -37.07
N ARG B 190 17.73 -30.97 -36.89
CA ARG B 190 18.74 -30.72 -37.92
C ARG B 190 19.99 -31.59 -37.80
N HIS B 191 20.39 -32.00 -36.61
CA HIS B 191 21.60 -32.82 -36.43
C HIS B 191 21.33 -33.91 -35.42
N PRO B 192 20.36 -34.76 -35.70
CA PRO B 192 20.01 -35.83 -34.75
C PRO B 192 21.27 -36.55 -34.31
N GLY B 193 21.40 -36.73 -33.00
CA GLY B 193 22.47 -37.51 -32.43
C GLY B 193 23.76 -36.76 -32.13
N LYS B 194 23.95 -35.55 -32.66
CA LYS B 194 25.17 -34.81 -32.37
C LYS B 194 25.07 -34.16 -30.98
N LYS B 195 26.09 -34.36 -30.16
CA LYS B 195 26.19 -33.73 -28.85
C LYS B 195 27.06 -32.47 -28.97
N PHE B 196 26.51 -31.32 -28.60
CA PHE B 196 27.19 -30.06 -28.81
C PHE B 196 27.86 -29.54 -27.54
N THR B 197 28.84 -28.68 -27.73
CA THR B 197 29.54 -28.00 -26.66
C THR B 197 29.18 -26.51 -26.67
N ILE B 198 29.00 -25.95 -25.48
CA ILE B 198 28.60 -24.55 -25.32
C ILE B 198 29.49 -23.88 -24.27
N PRO B 199 30.44 -23.05 -24.66
CA PRO B 199 31.33 -22.41 -23.69
C PRO B 199 30.78 -21.09 -23.12
N SER B 200 31.35 -20.69 -21.98
CA SER B 200 31.01 -19.40 -21.34
C SER B 200 32.17 -19.02 -20.43
N ASN B 201 32.18 -17.80 -19.91
CA ASN B 201 33.22 -17.45 -18.90
C ASN B 201 32.84 -18.19 -17.62
N GLY B 202 31.53 -18.43 -17.43
CA GLY B 202 31.05 -19.18 -16.26
C GLY B 202 29.56 -19.45 -16.34
N HIS B 203 29.15 -20.72 -16.40
CA HIS B 203 27.72 -21.07 -16.36
C HIS B 203 27.40 -21.34 -14.88
N PHE B 204 26.24 -20.87 -14.41
CA PHE B 204 25.82 -21.08 -13.00
C PHE B 204 25.12 -22.44 -12.86
N ASP B 205 24.74 -22.83 -11.64
CA ASP B 205 24.13 -24.17 -11.40
C ASP B 205 22.86 -24.34 -12.25
N THR B 206 22.02 -23.31 -12.33
CA THR B 206 20.74 -23.41 -13.08
C THR B 206 21.03 -23.50 -14.58
N THR B 207 21.90 -22.64 -15.09
CA THR B 207 22.22 -22.59 -16.52
C THR B 207 22.93 -23.87 -16.96
N GLU B 208 24.05 -24.18 -16.31
CA GLU B 208 24.77 -25.42 -16.57
C GLU B 208 23.89 -26.66 -16.39
N GLY B 209 23.12 -26.70 -15.29
CA GLY B 209 22.24 -27.83 -15.07
C GLY B 209 21.17 -27.96 -16.13
N ASN B 210 20.60 -26.83 -16.55
CA ASN B 210 19.66 -26.86 -17.67
C ASN B 210 20.34 -27.21 -18.99
N ILE B 211 21.66 -27.06 -19.10
CA ILE B 211 22.33 -27.42 -20.35
C ILE B 211 22.75 -28.89 -20.35
N LYS B 212 23.16 -29.43 -19.19
CA LYS B 212 23.43 -30.86 -19.13
C LYS B 212 22.15 -31.66 -19.21
N GLN B 213 21.01 -31.08 -18.79
CA GLN B 213 19.71 -31.76 -18.90
C GLN B 213 19.22 -31.83 -20.35
N MET B 214 19.79 -31.02 -21.25
CA MET B 214 19.60 -31.20 -22.68
C MET B 214 20.47 -32.32 -23.24
N GLY B 215 21.52 -32.71 -22.52
CA GLY B 215 22.56 -33.51 -23.11
C GLY B 215 23.53 -32.65 -23.90
N SER B 216 24.01 -31.56 -23.31
CA SER B 216 25.01 -30.71 -23.92
C SER B 216 26.19 -30.54 -22.97
N ILE B 217 27.34 -30.18 -23.53
CA ILE B 217 28.58 -30.14 -22.76
C ILE B 217 28.92 -28.70 -22.38
N PRO B 218 28.67 -28.30 -21.15
CA PRO B 218 29.02 -26.94 -20.71
C PRO B 218 30.48 -26.81 -20.31
N ARG B 219 31.07 -25.65 -20.62
CA ARG B 219 32.48 -25.39 -20.36
C ARG B 219 32.71 -23.97 -19.84
N ASN B 220 33.56 -23.85 -18.81
CA ASN B 220 33.87 -22.57 -18.15
C ASN B 220 35.31 -22.16 -18.49
N LEU B 221 35.45 -21.09 -19.27
CA LEU B 221 36.77 -20.63 -19.74
C LEU B 221 37.14 -19.30 -19.07
N TYR B 222 37.88 -19.38 -17.97
CA TYR B 222 38.38 -18.21 -17.25
C TYR B 222 39.78 -18.52 -16.74
N ASN B 223 40.44 -17.49 -16.17
CA ASN B 223 41.81 -17.59 -15.69
C ASN B 223 41.79 -17.94 -14.21
N LYS B 224 41.70 -19.25 -13.93
CA LYS B 224 41.58 -19.71 -12.55
C LYS B 224 42.80 -19.35 -11.71
N THR B 225 43.91 -18.99 -12.34
CA THR B 225 45.10 -18.57 -11.59
C THR B 225 44.94 -17.13 -11.13
N LEU B 226 44.51 -16.25 -12.03
CA LEU B 226 44.28 -14.86 -11.67
C LEU B 226 43.30 -14.80 -10.51
N LEU B 227 42.32 -15.70 -10.52
CA LEU B 227 41.26 -15.70 -9.52
C LEU B 227 41.83 -15.65 -8.09
N TRP B 228 42.71 -16.61 -7.76
CA TRP B 228 43.14 -16.78 -6.37
C TRP B 228 44.20 -15.80 -5.91
N GLU B 229 44.80 -15.03 -6.83
CA GLU B 229 45.75 -13.97 -6.48
C GLU B 229 45.21 -13.02 -5.42
N THR B 230 45.78 -13.05 -4.21
CA THR B 230 45.46 -12.05 -3.20
C THR B 230 46.33 -10.82 -3.43
N PRO B 231 45.76 -9.64 -3.39
CA PRO B 231 46.56 -8.43 -3.65
C PRO B 231 47.25 -7.91 -2.41
N GLU B 232 48.35 -7.16 -2.62
CA GLU B 232 49.14 -6.62 -1.51
C GLU B 232 48.26 -5.69 -0.66
N GLY B 233 48.18 -6.01 0.63
CA GLY B 233 47.29 -5.30 1.52
C GLY B 233 45.83 -5.72 1.46
N GLY B 234 45.45 -6.51 0.45
CA GLY B 234 44.08 -6.89 0.27
C GLY B 234 43.23 -5.84 -0.43
N ARG B 235 43.83 -4.89 -1.13
CA ARG B 235 43.04 -3.87 -1.83
C ARG B 235 43.68 -3.65 -3.19
N TYR B 236 43.06 -4.22 -4.23
CA TYR B 236 43.49 -3.97 -5.59
C TYR B 236 43.36 -2.49 -5.92
N GLU B 237 44.43 -1.89 -6.43
CA GLU B 237 44.30 -0.50 -6.87
C GLU B 237 43.25 -0.36 -7.96
N LYS B 238 43.12 -1.37 -8.82
CA LYS B 238 42.03 -1.38 -9.78
C LYS B 238 41.49 -2.80 -9.89
N ASN B 239 40.20 -2.89 -10.14
CA ASN B 239 39.63 -4.23 -10.30
C ASN B 239 40.25 -4.92 -11.52
N PRO B 240 40.87 -6.10 -11.36
CA PRO B 240 41.51 -6.79 -12.50
C PRO B 240 40.56 -7.54 -13.41
N PHE B 241 39.26 -7.53 -13.14
CA PHE B 241 38.26 -8.15 -14.01
C PHE B 241 38.48 -9.66 -14.10
N LYS B 242 38.55 -10.31 -12.94
CA LYS B 242 38.78 -11.74 -12.93
C LYS B 242 37.62 -12.53 -13.54
N GLY B 243 36.50 -11.91 -13.90
CA GLY B 243 35.41 -12.65 -14.51
C GLY B 243 35.54 -12.83 -16.01
N ASN B 244 36.46 -12.08 -16.62
CA ASN B 244 36.72 -12.12 -18.06
C ASN B 244 36.83 -13.55 -18.60
N MET B 245 36.35 -13.73 -19.83
CA MET B 245 36.58 -14.99 -20.50
C MET B 245 37.99 -15.04 -21.04
N ASP B 246 38.57 -16.23 -20.99
CA ASP B 246 39.89 -16.47 -21.57
C ASP B 246 39.73 -16.61 -23.08
N ILE B 247 40.15 -15.59 -23.81
CA ILE B 247 40.04 -15.60 -25.27
C ILE B 247 40.90 -16.73 -25.87
N GLU B 248 42.14 -16.89 -25.40
CA GLU B 248 42.98 -17.98 -25.92
C GLU B 248 42.28 -19.33 -25.75
N LYS B 249 41.92 -19.66 -24.50
CA LYS B 249 41.20 -20.91 -24.25
C LYS B 249 39.93 -21.03 -25.10
N LEU B 250 39.27 -19.91 -25.43
CA LEU B 250 38.03 -20.01 -26.20
C LEU B 250 38.31 -20.44 -27.62
N GLU B 251 39.30 -19.81 -28.26
CA GLU B 251 39.70 -20.23 -29.59
C GLU B 251 40.21 -21.67 -29.59
N GLN B 252 41.02 -22.06 -28.59
CA GLN B 252 41.51 -23.43 -28.51
C GLN B 252 40.36 -24.45 -28.36
N LEU B 253 39.21 -24.03 -27.83
CA LEU B 253 38.09 -24.97 -27.76
C LEU B 253 37.30 -24.97 -29.06
N ILE B 254 37.08 -23.80 -29.67
CA ILE B 254 36.32 -23.79 -30.93
C ILE B 254 37.05 -24.62 -31.98
N GLN B 255 38.37 -24.50 -32.02
CA GLN B 255 39.14 -25.22 -33.02
C GLN B 255 39.37 -26.68 -32.62
N GLY B 256 39.40 -26.98 -31.34
CA GLY B 256 39.57 -28.36 -30.91
C GLY B 256 38.34 -29.21 -31.12
N VAL B 257 37.16 -28.64 -30.87
CA VAL B 257 35.92 -29.36 -31.12
C VAL B 257 35.38 -29.10 -32.53
N GLY B 258 35.82 -28.03 -33.18
CA GLY B 258 35.35 -27.67 -34.50
C GLY B 258 34.15 -26.74 -34.44
N PRO B 259 34.23 -25.61 -35.15
CA PRO B 259 33.14 -24.60 -35.10
C PRO B 259 31.74 -25.20 -35.17
N GLU B 260 31.57 -26.17 -36.07
CA GLU B 260 30.27 -26.80 -36.25
C GLU B 260 29.74 -27.45 -34.99
N ASN B 261 30.59 -27.67 -33.98
CA ASN B 261 30.13 -28.29 -32.75
C ASN B 261 29.87 -27.26 -31.64
N VAL B 262 30.05 -25.98 -31.94
CA VAL B 262 29.76 -24.88 -31.02
C VAL B 262 28.60 -24.06 -31.60
N PRO B 263 27.38 -24.38 -31.21
CA PRO B 263 26.22 -23.68 -31.78
C PRO B 263 25.87 -22.38 -31.06
N LEU B 264 26.35 -22.16 -29.83
CA LEU B 264 26.13 -20.90 -29.12
C LEU B 264 27.32 -20.59 -28.24
N ILE B 265 27.55 -19.29 -27.97
CA ILE B 265 28.55 -18.86 -26.99
C ILE B 265 27.88 -17.98 -25.95
N PHE B 266 27.97 -18.39 -24.69
CA PHE B 266 27.37 -17.70 -23.56
C PHE B 266 28.41 -16.80 -22.89
N THR B 267 27.92 -15.77 -22.22
CA THR B 267 28.79 -14.90 -21.44
C THR B 267 28.00 -14.28 -20.30
N CYS B 268 28.48 -14.51 -19.08
CA CYS B 268 27.77 -14.05 -17.85
C CYS B 268 28.37 -12.75 -17.33
N ILE B 269 27.50 -11.77 -17.07
CA ILE B 269 27.93 -10.44 -16.57
C ILE B 269 27.00 -10.04 -15.42
N THR B 270 27.55 -9.85 -14.23
CA THR B 270 28.89 -10.28 -13.78
C THR B 270 29.04 -11.81 -13.87
N ASN B 271 30.26 -12.32 -13.72
CA ASN B 271 30.51 -13.79 -13.78
C ASN B 271 30.09 -14.42 -12.45
N ASN B 272 28.81 -14.71 -12.31
CA ASN B 272 28.30 -15.24 -11.05
C ASN B 272 29.12 -16.44 -10.56
N PRO B 273 29.32 -17.48 -11.39
CA PRO B 273 30.03 -18.66 -10.93
C PRO B 273 31.47 -18.37 -10.47
N VAL B 274 32.18 -17.52 -11.19
CA VAL B 274 33.59 -17.18 -10.84
C VAL B 274 33.63 -16.04 -9.82
N CYS B 275 33.05 -16.28 -8.65
CA CYS B 275 33.08 -15.28 -7.54
C CYS B 275 32.50 -13.91 -7.96
N GLY B 276 31.36 -13.91 -8.64
CA GLY B 276 30.73 -12.66 -9.11
C GLY B 276 31.74 -11.64 -9.58
N GLN B 277 32.76 -12.09 -10.28
CA GLN B 277 33.83 -11.17 -10.65
C GLN B 277 33.52 -10.38 -11.90
N ALA B 278 34.02 -9.16 -11.93
CA ALA B 278 33.74 -8.23 -13.02
C ALA B 278 34.26 -8.74 -14.36
N VAL B 279 33.60 -8.27 -15.43
CA VAL B 279 33.94 -8.57 -16.81
C VAL B 279 34.11 -7.26 -17.56
N SER B 280 35.27 -7.04 -18.14
CA SER B 280 35.53 -5.76 -18.78
C SER B 280 34.87 -5.68 -20.16
N MET B 281 34.79 -4.45 -20.69
CA MET B 281 34.15 -4.18 -21.97
C MET B 281 35.02 -4.58 -23.16
N GLY B 282 36.34 -4.48 -23.01
CA GLY B 282 37.24 -5.00 -24.02
C GLY B 282 37.10 -6.50 -24.17
N ASN B 283 36.96 -7.20 -23.05
CA ASN B 283 36.67 -8.63 -23.10
C ASN B 283 35.42 -8.89 -23.93
N LEU B 284 34.35 -8.15 -23.67
CA LEU B 284 33.13 -8.35 -24.43
C LEU B 284 33.37 -8.13 -25.91
N LYS B 285 34.14 -7.09 -26.25
CA LYS B 285 34.47 -6.82 -27.64
C LYS B 285 35.20 -7.99 -28.28
N GLU B 286 36.08 -8.64 -27.51
CA GLU B 286 36.85 -9.77 -28.02
C GLU B 286 35.98 -11.00 -28.22
N ILE B 287 35.22 -11.40 -27.18
CA ILE B 287 34.30 -12.52 -27.35
C ILE B 287 33.41 -12.30 -28.58
N ASN B 288 32.94 -11.07 -28.77
CA ASN B 288 32.10 -10.78 -29.93
C ASN B 288 32.85 -11.01 -31.24
N ARG B 289 34.12 -10.60 -31.27
CA ARG B 289 34.91 -10.80 -32.47
C ARG B 289 35.10 -12.28 -32.76
N VAL B 290 35.63 -13.01 -31.79
CA VAL B 290 35.88 -14.44 -31.97
C VAL B 290 34.59 -15.17 -32.33
N ALA B 291 33.46 -14.74 -31.78
CA ALA B 291 32.21 -15.45 -32.07
C ALA B 291 31.79 -15.23 -33.51
N HIS B 292 31.77 -13.97 -33.94
CA HIS B 292 31.29 -13.64 -35.27
C HIS B 292 32.29 -14.00 -36.37
N LYS B 293 33.54 -14.29 -36.00
CA LYS B 293 34.44 -14.87 -36.98
C LYS B 293 33.95 -16.23 -37.43
N TYR B 294 33.23 -16.94 -36.55
CA TYR B 294 32.76 -18.29 -36.85
C TYR B 294 31.25 -18.35 -37.05
N ASN B 295 30.60 -17.19 -37.20
CA ASN B 295 29.15 -17.14 -37.36
C ASN B 295 28.43 -17.78 -36.17
N ILE B 296 28.96 -17.65 -34.97
CA ILE B 296 28.36 -18.23 -33.76
C ILE B 296 27.64 -17.13 -33.00
N PRO B 297 26.31 -17.21 -32.82
CA PRO B 297 25.60 -16.19 -32.04
C PRO B 297 26.09 -16.15 -30.60
N LEU B 298 26.18 -14.95 -30.07
CA LEU B 298 26.71 -14.71 -28.72
C LEU B 298 25.55 -14.29 -27.80
N VAL B 299 25.31 -15.09 -26.76
CA VAL B 299 24.21 -14.89 -25.84
C VAL B 299 24.78 -14.45 -24.48
N PHE B 300 24.25 -13.35 -23.95
CA PHE B 300 24.68 -12.77 -22.66
C PHE B 300 23.67 -13.19 -21.60
N ASP B 301 24.17 -13.67 -20.47
CA ASP B 301 23.44 -13.75 -19.21
C ASP B 301 23.73 -12.43 -18.48
N THR B 302 22.69 -11.60 -18.34
CA THR B 302 22.84 -10.22 -17.88
C THR B 302 22.08 -9.97 -16.58
N ALA B 303 22.05 -10.96 -15.69
CA ALA B 303 21.31 -10.77 -14.43
C ALA B 303 21.92 -9.60 -13.64
N ARG B 304 23.25 -9.50 -13.62
CA ARG B 304 23.90 -8.46 -12.83
C ARG B 304 24.57 -7.41 -13.73
N TRP B 305 23.86 -7.01 -14.78
CA TRP B 305 24.37 -5.99 -15.69
C TRP B 305 24.82 -4.71 -14.96
N ALA B 306 24.02 -4.23 -13.97
CA ALA B 306 24.32 -2.88 -13.45
C ALA B 306 25.50 -2.88 -12.50
N GLU B 307 25.68 -3.95 -11.74
CA GLU B 307 26.93 -4.10 -10.99
C GLU B 307 28.12 -4.17 -11.93
N ASN B 308 27.97 -4.83 -13.08
CA ASN B 308 29.08 -4.90 -14.02
C ASN B 308 29.36 -3.54 -14.64
N ALA B 309 28.33 -2.85 -15.10
CA ALA B 309 28.52 -1.52 -15.67
C ALA B 309 29.25 -0.61 -14.69
N TYR B 310 28.94 -0.74 -13.39
CA TYR B 310 29.64 0.02 -12.36
C TYR B 310 31.13 -0.35 -12.30
N PHE B 311 31.45 -1.65 -12.37
CA PHE B 311 32.85 -2.03 -12.31
C PHE B 311 33.63 -1.47 -13.49
N ILE B 312 33.04 -1.52 -14.69
CA ILE B 312 33.65 -0.91 -15.86
C ILE B 312 33.87 0.60 -15.64
N LYS B 313 32.83 1.30 -15.20
CA LYS B 313 32.94 2.76 -15.02
C LYS B 313 34.06 3.10 -14.04
N MET B 314 34.19 2.34 -12.96
CA MET B 314 35.13 2.61 -11.88
C MET B 314 36.55 2.12 -12.17
N ASN B 315 36.78 1.31 -13.21
CA ASN B 315 38.06 0.60 -13.32
C ASN B 315 38.65 0.57 -14.72
N GLU B 316 37.87 0.66 -15.79
CA GLU B 316 38.36 0.45 -17.14
C GLU B 316 38.63 1.78 -17.83
N GLU B 317 39.79 1.90 -18.47
CA GLU B 317 40.24 3.20 -18.96
C GLU B 317 39.24 3.80 -19.95
N GLY B 318 38.98 5.10 -19.76
CA GLY B 318 38.16 5.88 -20.67
C GLY B 318 36.65 5.84 -20.42
N TYR B 319 36.19 5.11 -19.41
CA TYR B 319 34.77 5.07 -19.08
C TYR B 319 34.43 5.77 -17.79
N ALA B 320 35.41 6.35 -17.08
CA ALA B 320 35.12 6.95 -15.79
C ALA B 320 34.08 8.06 -15.87
N ASP B 321 33.91 8.68 -17.05
CA ASP B 321 32.97 9.77 -17.20
C ASP B 321 31.65 9.33 -17.85
N LYS B 322 31.38 8.02 -17.85
CA LYS B 322 30.18 7.50 -18.49
C LYS B 322 29.19 7.00 -17.43
N SER B 323 27.90 7.19 -17.70
CA SER B 323 26.88 6.75 -16.75
C SER B 323 26.64 5.24 -16.89
N ILE B 324 26.13 4.64 -15.81
CA ILE B 324 25.73 3.24 -15.84
C ILE B 324 24.91 2.97 -17.09
N ALA B 325 23.95 3.86 -17.35
CA ALA B 325 23.03 3.64 -18.47
C ALA B 325 23.75 3.69 -19.81
N GLU B 326 24.71 4.60 -19.98
CA GLU B 326 25.47 4.58 -21.22
C GLU B 326 26.22 3.27 -21.36
N ILE B 327 26.91 2.87 -20.31
CA ILE B 327 27.70 1.65 -20.34
C ILE B 327 26.82 0.44 -20.54
N ALA B 328 25.59 0.49 -20.04
CA ALA B 328 24.71 -0.65 -20.25
C ALA B 328 24.30 -0.77 -21.72
N THR B 329 24.13 0.34 -22.41
CA THR B 329 23.77 0.23 -23.82
C THR B 329 24.94 -0.35 -24.59
N GLU B 330 26.14 0.07 -24.23
CA GLU B 330 27.34 -0.37 -24.94
C GLU B 330 27.66 -1.85 -24.70
N MET B 331 27.52 -2.34 -23.47
CA MET B 331 27.67 -3.77 -23.23
C MET B 331 26.77 -4.56 -24.16
N PHE B 332 25.46 -4.25 -24.14
CA PHE B 332 24.47 -5.06 -24.85
C PHE B 332 24.63 -5.02 -26.36
N SER B 333 25.31 -3.99 -26.89
CA SER B 333 25.55 -3.91 -28.33
C SER B 333 26.44 -5.06 -28.83
N TYR B 334 27.19 -5.71 -27.95
CA TYR B 334 28.08 -6.79 -28.30
C TYR B 334 27.42 -8.18 -28.27
N CYS B 335 26.11 -8.26 -28.12
CA CYS B 335 25.47 -9.57 -27.98
C CYS B 335 24.38 -9.73 -29.03
N ASP B 336 24.11 -10.98 -29.39
CA ASP B 336 23.04 -11.30 -30.34
C ASP B 336 21.74 -11.67 -29.64
N ALA B 337 21.81 -12.04 -28.36
CA ALA B 337 20.64 -12.29 -27.53
C ALA B 337 21.10 -12.23 -26.08
N PHE B 338 20.10 -12.21 -25.17
CA PHE B 338 20.39 -12.24 -23.76
C PHE B 338 19.23 -12.80 -22.98
N THR B 339 19.56 -13.45 -21.88
CA THR B 339 18.62 -13.81 -20.84
C THR B 339 18.92 -12.98 -19.61
N MET B 340 17.89 -12.59 -18.92
CA MET B 340 18.10 -11.76 -17.73
C MET B 340 17.15 -12.23 -16.66
N SER B 341 17.68 -12.45 -15.47
CA SER B 341 16.84 -12.59 -14.30
C SER B 341 16.78 -11.18 -13.72
N ALA B 342 15.63 -10.54 -13.87
CA ALA B 342 15.46 -9.18 -13.38
C ALA B 342 15.26 -9.13 -11.85
N LYS B 343 15.22 -10.29 -11.20
CA LYS B 343 15.11 -10.36 -9.73
C LYS B 343 16.43 -9.93 -9.09
N LYS B 344 17.44 -9.71 -9.91
CA LYS B 344 18.75 -9.26 -9.41
C LYS B 344 18.89 -7.76 -9.62
N ASP B 345 19.58 -7.35 -10.69
CA ASP B 345 19.85 -5.90 -10.92
C ASP B 345 18.60 -5.18 -11.42
N GLY B 346 17.40 -5.71 -11.15
CA GLY B 346 16.16 -5.01 -11.51
C GLY B 346 15.56 -4.42 -10.25
N HIS B 347 16.29 -4.49 -9.14
CA HIS B 347 15.82 -3.95 -7.82
C HIS B 347 14.38 -4.42 -7.59
N ALA B 348 14.11 -5.70 -7.80
CA ALA B 348 12.72 -6.14 -7.76
C ALA B 348 12.64 -7.50 -7.08
N ASN B 349 11.42 -7.95 -6.80
CA ASN B 349 11.19 -9.26 -6.18
C ASN B 349 10.75 -10.33 -7.20
N MET B 350 10.55 -9.95 -8.47
CA MET B 350 10.23 -10.94 -9.50
C MET B 350 10.45 -10.32 -10.88
N GLY B 351 10.68 -11.17 -11.87
CA GLY B 351 10.83 -10.74 -13.26
C GLY B 351 11.98 -11.36 -14.08
N GLY B 352 11.72 -11.62 -15.36
CA GLY B 352 12.66 -12.26 -16.24
C GLY B 352 12.49 -11.73 -17.65
N MET B 353 13.49 -11.97 -18.50
CA MET B 353 13.47 -11.43 -19.86
C MET B 353 14.40 -12.20 -20.76
N LEU B 354 13.91 -12.53 -21.96
CA LEU B 354 14.69 -13.15 -23.03
C LEU B 354 14.53 -12.32 -24.30
N ALA B 355 15.64 -11.99 -24.98
CA ALA B 355 15.50 -11.25 -26.23
C ALA B 355 16.66 -11.54 -27.18
N PHE B 356 16.40 -11.38 -28.50
CA PHE B 356 17.46 -11.43 -29.50
C PHE B 356 17.30 -10.30 -30.51
N ARG B 357 18.42 -9.92 -31.14
CA ARG B 357 18.40 -8.82 -32.11
C ARG B 357 17.52 -9.16 -33.29
N ASP B 358 16.70 -8.20 -33.72
CA ASP B 358 15.75 -8.38 -34.81
C ASP B 358 16.48 -8.75 -36.11
N LYS B 359 16.20 -9.96 -36.63
CA LYS B 359 16.81 -10.41 -37.87
C LYS B 359 18.33 -10.47 -37.77
N GLY B 360 18.83 -10.73 -36.57
CA GLY B 360 20.26 -10.84 -36.34
C GLY B 360 20.78 -12.25 -36.52
N LEU B 361 22.03 -12.45 -36.09
CA LEU B 361 22.73 -13.70 -36.33
C LEU B 361 22.03 -14.87 -35.64
N PHE B 362 21.51 -14.65 -34.42
CA PHE B 362 20.71 -15.69 -33.76
C PHE B 362 19.47 -16.03 -34.58
N TRP B 363 18.86 -15.06 -35.25
CA TRP B 363 17.61 -15.35 -35.98
C TRP B 363 17.94 -16.05 -37.31
N LYS B 364 19.10 -15.77 -37.87
CA LYS B 364 19.48 -16.34 -39.18
C LYS B 364 19.87 -17.81 -38.99
N ASN B 365 20.61 -18.14 -37.93
CA ASN B 365 21.04 -19.52 -37.81
C ASN B 365 19.97 -20.43 -37.22
N PHE B 366 18.88 -19.89 -36.69
CA PHE B 366 17.97 -20.77 -36.01
C PHE B 366 16.59 -20.77 -36.62
N SER B 367 16.30 -19.87 -37.52
CA SER B 367 15.09 -19.91 -38.31
C SER B 367 15.28 -20.82 -39.51
N ASP B 368 14.18 -21.16 -40.18
CA ASP B 368 14.23 -21.84 -41.46
C ASP B 368 13.65 -20.92 -42.53
N PHE B 369 14.21 -20.97 -43.73
CA PHE B 369 13.82 -20.10 -44.84
C PHE B 369 13.37 -20.90 -46.06
N ASN B 370 12.60 -20.23 -46.93
CA ASN B 370 12.20 -20.77 -48.22
C ASN B 370 13.33 -20.65 -49.23
N GLU B 371 13.12 -21.26 -50.40
CA GLU B 371 14.13 -21.23 -51.47
C GLU B 371 14.51 -19.79 -51.82
N ASP B 372 13.50 -18.92 -51.98
CA ASP B 372 13.72 -17.53 -52.34
C ASP B 372 14.22 -16.66 -51.19
N GLY B 373 14.34 -17.21 -49.97
CA GLY B 373 14.98 -16.50 -48.89
C GLY B 373 14.05 -15.87 -47.86
N THR B 374 12.75 -15.79 -48.12
CA THR B 374 11.84 -15.36 -47.07
C THR B 374 11.80 -16.42 -45.96
N VAL B 375 11.31 -16.01 -44.80
CA VAL B 375 11.33 -16.86 -43.62
C VAL B 375 10.27 -17.95 -43.76
N LYS B 376 10.63 -19.17 -43.37
CA LYS B 376 9.72 -20.31 -43.39
C LYS B 376 9.24 -20.66 -41.99
N THR B 377 10.16 -20.89 -41.06
CA THR B 377 9.86 -21.11 -39.65
C THR B 377 10.66 -20.10 -38.83
N ASP B 378 9.98 -19.14 -38.18
CA ASP B 378 10.64 -18.06 -37.44
C ASP B 378 10.91 -18.48 -36.00
N VAL B 379 12.19 -18.53 -35.62
CA VAL B 379 12.57 -18.96 -34.26
C VAL B 379 11.85 -18.13 -33.18
N GLY B 380 11.60 -16.85 -33.46
CA GLY B 380 10.86 -16.03 -32.51
C GLY B 380 9.43 -16.52 -32.29
N VAL B 381 8.78 -17.00 -33.34
CA VAL B 381 7.45 -17.59 -33.17
C VAL B 381 7.53 -18.89 -32.36
N LEU B 382 8.61 -19.69 -32.54
CA LEU B 382 8.74 -20.93 -31.79
C LEU B 382 8.94 -20.68 -30.29
N LEU B 383 9.66 -19.61 -29.92
CA LEU B 383 9.78 -19.24 -28.51
C LEU B 383 8.47 -18.69 -27.95
N LYS B 384 7.79 -17.81 -28.71
CA LYS B 384 6.50 -17.26 -28.26
C LYS B 384 5.46 -18.36 -28.00
N VAL B 385 5.42 -19.39 -28.85
CA VAL B 385 4.46 -20.47 -28.65
C VAL B 385 4.76 -21.23 -27.35
N LYS B 386 6.04 -21.42 -27.05
CA LYS B 386 6.44 -22.04 -25.80
C LYS B 386 6.12 -21.12 -24.61
N GLN B 387 6.44 -19.82 -24.73
CA GLN B 387 6.13 -18.85 -23.68
C GLN B 387 4.65 -18.91 -23.30
N ILE B 388 3.76 -18.93 -24.29
CA ILE B 388 2.34 -18.79 -24.04
C ILE B 388 1.69 -20.09 -23.55
N SER B 389 2.25 -21.22 -23.93
CA SER B 389 1.65 -22.50 -23.57
C SER B 389 2.13 -23.00 -22.20
N CYS B 390 3.27 -22.51 -21.69
CA CYS B 390 3.86 -23.02 -20.47
C CYS B 390 4.08 -21.93 -19.41
N TYR B 391 3.97 -20.68 -19.77
CA TYR B 391 4.24 -19.60 -18.81
C TYR B 391 3.13 -18.56 -18.70
N GLY B 392 2.49 -18.21 -19.79
CA GLY B 392 1.47 -17.19 -19.74
C GLY B 392 1.50 -16.33 -20.99
N ASN B 393 0.50 -15.47 -21.12
CA ASN B 393 0.42 -14.61 -22.28
C ASN B 393 1.63 -13.67 -22.34
N ASP B 394 2.03 -13.34 -23.56
CA ASP B 394 3.21 -12.51 -23.78
C ASP B 394 3.08 -11.10 -23.21
N SER B 395 1.89 -10.67 -22.79
CA SER B 395 1.70 -9.34 -22.23
C SER B 395 2.02 -9.26 -20.74
N TYR B 396 2.09 -10.40 -20.06
CA TYR B 396 2.47 -10.49 -18.65
C TYR B 396 3.44 -11.65 -18.34
N GLY B 397 3.52 -12.69 -19.17
CA GLY B 397 4.56 -13.74 -19.02
C GLY B 397 4.69 -14.38 -17.66
N GLY B 398 3.56 -14.53 -16.93
CA GLY B 398 3.62 -15.14 -15.62
C GLY B 398 3.76 -14.16 -14.46
N MET B 399 3.80 -12.86 -14.74
CA MET B 399 3.96 -11.83 -13.72
C MET B 399 2.61 -11.17 -13.43
N SER B 400 2.40 -10.75 -12.19
CA SER B 400 1.23 -9.89 -11.95
C SER B 400 1.48 -8.53 -12.58
N GLY B 401 0.39 -7.81 -12.83
CA GLY B 401 0.50 -6.50 -13.41
C GLY B 401 1.19 -5.51 -12.49
N ARG B 402 1.08 -5.69 -11.17
CA ARG B 402 1.74 -4.68 -10.33
C ARG B 402 3.24 -4.94 -10.28
N ASP B 403 3.63 -6.21 -10.23
CA ASP B 403 5.03 -6.59 -10.32
C ASP B 403 5.69 -6.07 -11.60
N ILE B 404 4.97 -6.00 -12.71
CA ILE B 404 5.56 -5.50 -13.96
C ILE B 404 5.91 -4.01 -13.84
N MET B 405 4.98 -3.21 -13.31
CA MET B 405 5.28 -1.79 -13.02
C MET B 405 6.44 -1.61 -12.04
N ALA B 406 6.47 -2.40 -10.97
CA ALA B 406 7.53 -2.20 -9.98
C ALA B 406 8.89 -2.58 -10.57
N LEU B 407 8.92 -3.62 -11.42
CA LEU B 407 10.15 -3.97 -12.13
C LEU B 407 10.63 -2.82 -12.99
N ALA B 408 9.72 -2.16 -13.71
CA ALA B 408 10.17 -1.09 -14.60
C ALA B 408 10.79 0.06 -13.79
N VAL B 409 10.16 0.46 -12.69
CA VAL B 409 10.75 1.46 -11.81
C VAL B 409 12.10 0.97 -11.29
N GLY B 410 12.15 -0.27 -10.79
CA GLY B 410 13.40 -0.80 -10.25
C GLY B 410 14.59 -0.78 -11.21
N LEU B 411 14.36 -1.03 -12.50
CA LEU B 411 15.49 -1.05 -13.44
C LEU B 411 16.08 0.34 -13.66
N TYR B 412 15.24 1.38 -13.66
CA TYR B 412 15.76 2.74 -13.68
C TYR B 412 16.56 3.04 -12.43
N GLU B 413 16.13 2.54 -11.27
CA GLU B 413 16.87 2.81 -10.04
C GLU B 413 18.28 2.20 -10.08
N SER B 414 18.44 1.02 -10.72
CA SER B 414 19.77 0.41 -10.77
C SER B 414 20.76 1.19 -11.63
N CYS B 415 20.31 2.15 -12.43
CA CYS B 415 21.21 3.04 -13.15
C CYS B 415 21.73 4.19 -12.30
N ASP B 416 21.22 4.36 -11.09
CA ASP B 416 21.58 5.51 -10.28
C ASP B 416 22.96 5.27 -9.66
N PHE B 417 23.90 6.15 -9.97
CA PHE B 417 25.28 5.95 -9.54
C PHE B 417 25.36 5.77 -8.03
N ASN B 418 24.80 6.73 -7.28
CA ASN B 418 24.96 6.71 -5.82
C ASN B 418 24.38 5.44 -5.23
N TYR B 419 23.23 4.98 -5.74
CA TYR B 419 22.68 3.72 -5.26
C TYR B 419 23.65 2.56 -5.51
N MET B 420 24.21 2.48 -6.72
CA MET B 420 25.06 1.33 -7.00
C MET B 420 26.41 1.48 -6.32
N ASN B 421 26.88 2.71 -6.15
CA ASN B 421 28.14 2.92 -5.45
C ASN B 421 28.04 2.46 -4.00
N GLU B 422 26.88 2.66 -3.38
CA GLU B 422 26.68 2.25 -1.97
C GLU B 422 26.39 0.74 -1.88
N ARG B 423 25.83 0.16 -2.94
CA ARG B 423 25.53 -1.29 -2.98
C ARG B 423 26.83 -2.07 -2.97
N VAL B 424 27.76 -1.70 -3.84
CA VAL B 424 29.05 -2.45 -3.95
C VAL B 424 29.91 -2.11 -2.74
N ALA B 425 29.77 -0.91 -2.17
CA ALA B 425 30.54 -0.60 -0.97
C ALA B 425 30.24 -1.62 0.13
N GLN B 426 28.98 -1.97 0.30
CA GLN B 426 28.67 -3.02 1.27
C GLN B 426 29.46 -4.30 0.99
N CYS B 427 29.57 -4.72 -0.28
CA CYS B 427 30.29 -5.97 -0.57
C CYS B 427 31.78 -5.81 -0.29
N ASN B 428 32.38 -4.71 -0.77
CA ASN B 428 33.76 -4.40 -0.42
C ASN B 428 33.96 -4.38 1.08
N TYR B 429 33.04 -3.74 1.78
CA TYR B 429 33.14 -3.65 3.23
C TYR B 429 33.14 -5.05 3.86
N LEU B 430 32.32 -5.95 3.34
CA LEU B 430 32.21 -7.26 3.98
C LEU B 430 33.43 -8.13 3.72
N ALA B 431 34.06 -8.00 2.54
CA ALA B 431 35.20 -8.83 2.18
C ALA B 431 36.45 -8.37 2.91
N GLU B 432 36.75 -7.07 2.81
CA GLU B 432 37.79 -6.44 3.63
C GLU B 432 37.56 -6.69 5.11
N GLY B 433 36.31 -6.68 5.57
CA GLY B 433 36.08 -7.10 6.94
C GLY B 433 36.64 -8.48 7.21
N PHE B 434 36.27 -9.45 6.36
CA PHE B 434 36.75 -10.82 6.50
C PHE B 434 38.28 -10.87 6.51
N TYR B 435 38.91 -10.14 5.59
CA TYR B 435 40.35 -10.12 5.47
C TYR B 435 41.01 -9.51 6.69
N ASP B 436 40.59 -8.29 7.05
CA ASP B 436 41.12 -7.61 8.23
C ASP B 436 40.86 -8.37 9.52
N ALA B 437 39.99 -9.38 9.51
CA ALA B 437 39.82 -10.20 10.70
C ALA B 437 40.67 -11.47 10.67
N GLY B 438 41.44 -11.69 9.61
CA GLY B 438 42.30 -12.85 9.54
C GLY B 438 41.61 -14.15 9.17
N VAL B 439 40.52 -14.10 8.43
CA VAL B 439 39.97 -15.33 7.86
C VAL B 439 40.77 -15.68 6.61
N LYS B 440 41.11 -16.95 6.47
CA LYS B 440 41.85 -17.42 5.30
C LYS B 440 40.85 -17.83 4.22
N GLY B 441 41.09 -17.39 2.99
CA GLY B 441 40.33 -17.84 1.83
C GLY B 441 39.41 -16.81 1.21
N VAL B 442 39.44 -15.56 1.69
CA VAL B 442 38.57 -14.52 1.16
C VAL B 442 39.02 -14.23 -0.28
N VAL B 443 38.20 -14.58 -1.27
CA VAL B 443 38.47 -14.11 -2.62
C VAL B 443 38.33 -12.60 -2.68
N LEU B 444 39.15 -11.98 -3.51
CA LEU B 444 39.18 -10.55 -3.68
C LEU B 444 39.44 -10.21 -5.14
N PRO B 445 38.94 -9.06 -5.63
CA PRO B 445 38.00 -8.24 -4.85
C PRO B 445 36.62 -8.87 -4.70
N ALA B 446 35.75 -8.24 -3.90
CA ALA B 446 34.44 -8.83 -3.69
C ALA B 446 33.63 -8.81 -4.99
N GLY B 447 32.69 -9.72 -5.10
CA GLY B 447 31.69 -9.62 -6.16
C GLY B 447 30.91 -8.30 -6.13
N GLY B 448 30.08 -8.11 -7.16
CA GLY B 448 29.16 -6.99 -7.12
C GLY B 448 27.92 -7.20 -6.26
N HIS B 449 27.69 -8.45 -5.83
CA HIS B 449 26.52 -8.84 -5.07
C HIS B 449 26.84 -9.74 -3.89
N ALA B 450 28.05 -10.28 -3.81
CA ALA B 450 28.37 -11.29 -2.81
C ALA B 450 29.87 -11.29 -2.57
N VAL B 451 30.24 -11.84 -1.42
CA VAL B 451 31.61 -12.13 -1.06
C VAL B 451 31.75 -13.65 -0.99
N TYR B 452 32.87 -14.18 -1.47
CA TYR B 452 33.11 -15.62 -1.49
C TYR B 452 34.36 -15.96 -0.69
N ILE B 453 34.31 -17.11 -0.04
CA ILE B 453 35.44 -17.66 0.72
C ILE B 453 35.84 -19.01 0.13
N ASN B 454 37.13 -19.19 -0.14
CA ASN B 454 37.67 -20.44 -0.66
C ASN B 454 37.88 -21.41 0.49
N MET B 455 37.10 -22.48 0.52
CA MET B 455 37.16 -23.38 1.67
C MET B 455 38.37 -24.32 1.64
N ASP B 456 39.04 -24.48 0.49
CA ASP B 456 40.33 -25.16 0.52
C ASP B 456 41.33 -24.37 1.36
N GLU B 457 41.27 -23.04 1.31
CA GLU B 457 42.13 -22.14 2.07
C GLU B 457 41.62 -21.88 3.48
N PHE B 458 40.31 -21.93 3.69
CA PHE B 458 39.74 -21.80 5.02
C PHE B 458 40.30 -22.88 5.93
N PHE B 459 40.16 -24.14 5.55
CA PHE B 459 40.61 -25.27 6.36
C PHE B 459 42.09 -25.63 6.16
N ASP B 460 42.87 -24.79 5.48
CA ASP B 460 44.32 -24.92 5.37
C ASP B 460 44.74 -26.17 4.60
N GLY B 461 43.88 -26.66 3.71
CA GLY B 461 44.13 -27.92 3.05
C GLY B 461 43.87 -29.17 3.89
N LYS B 462 43.17 -29.07 5.01
CA LYS B 462 43.01 -30.19 5.92
C LYS B 462 41.66 -30.92 5.78
N ARG B 463 40.88 -30.61 4.74
CA ARG B 463 39.62 -31.31 4.47
C ARG B 463 39.56 -31.72 3.00
N GLY B 464 38.73 -32.71 2.69
CA GLY B 464 38.70 -33.29 1.36
C GLY B 464 37.54 -32.78 0.51
N HIS B 465 37.55 -33.21 -0.75
CA HIS B 465 36.45 -32.87 -1.65
C HIS B 465 35.18 -33.66 -1.33
N ASP B 466 35.25 -34.74 -0.54
CA ASP B 466 34.08 -35.52 -0.15
C ASP B 466 33.69 -35.35 1.31
N THR B 467 34.57 -34.81 2.15
CA THR B 467 34.14 -34.32 3.47
C THR B 467 33.00 -33.32 3.37
N PHE B 468 32.99 -32.49 2.33
CA PHE B 468 31.97 -31.43 2.18
C PHE B 468 32.00 -30.45 3.35
N ALA B 469 33.22 -30.05 3.74
CA ALA B 469 33.37 -29.17 4.89
C ALA B 469 32.70 -27.82 4.67
N GLY B 470 32.52 -27.42 3.40
CA GLY B 470 31.86 -26.16 3.11
C GLY B 470 30.41 -26.13 3.55
N GLU B 471 29.72 -27.27 3.46
CA GLU B 471 28.34 -27.34 3.93
C GLU B 471 28.28 -27.32 5.44
N GLY B 472 29.25 -27.96 6.09
CA GLY B 472 29.30 -27.91 7.55
C GLY B 472 29.50 -26.50 8.06
N PHE B 473 30.29 -25.70 7.33
CA PHE B 473 30.48 -24.31 7.66
C PHE B 473 29.17 -23.53 7.52
N SER B 474 28.57 -23.56 6.34
CA SER B 474 27.34 -22.82 6.12
C SER B 474 26.31 -23.18 7.17
N LEU B 475 26.20 -24.47 7.51
CA LEU B 475 25.21 -24.90 8.49
C LEU B 475 25.58 -24.50 9.92
N GLU B 476 26.87 -24.40 10.22
CA GLU B 476 27.25 -23.89 11.54
C GLU B 476 26.86 -22.44 11.69
N LEU B 477 27.03 -21.64 10.64
CA LEU B 477 26.55 -20.26 10.66
C LEU B 477 25.10 -20.22 11.09
N ILE B 478 24.28 -21.14 10.59
CA ILE B 478 22.86 -21.13 10.96
C ILE B 478 22.69 -21.51 12.43
N ARG B 479 23.27 -22.64 12.86
CA ARG B 479 23.05 -23.13 14.22
C ARG B 479 23.47 -22.09 15.26
N ARG B 480 24.66 -21.50 15.08
CA ARG B 480 25.23 -20.65 16.11
C ARG B 480 24.69 -19.24 16.02
N TYR B 481 24.65 -18.69 14.81
CA TYR B 481 24.44 -17.29 14.58
C TYR B 481 23.16 -16.95 13.83
N GLY B 482 22.41 -17.93 13.35
CA GLY B 482 21.21 -17.60 12.60
C GLY B 482 21.55 -16.88 11.31
N ILE B 483 22.73 -17.13 10.77
CA ILE B 483 23.18 -16.60 9.47
C ILE B 483 23.11 -17.70 8.42
N ARG B 484 22.42 -17.44 7.31
CA ARG B 484 22.28 -18.44 6.26
C ARG B 484 23.11 -18.01 5.06
N VAL B 485 23.88 -18.95 4.53
CA VAL B 485 24.73 -18.73 3.36
C VAL B 485 24.57 -19.91 2.43
N SER B 486 25.18 -19.81 1.26
CA SER B 486 25.08 -20.84 0.23
C SER B 486 26.47 -21.44 -0.05
N GLU B 487 26.64 -22.72 0.22
CA GLU B 487 27.82 -23.45 -0.24
C GLU B 487 27.72 -23.68 -1.75
N LEU B 488 28.58 -23.00 -2.51
CA LEU B 488 28.58 -23.12 -3.97
C LEU B 488 29.91 -23.68 -4.47
N GLY B 489 30.33 -24.80 -3.90
CA GLY B 489 31.66 -25.32 -4.18
C GLY B 489 31.62 -26.74 -4.69
N ASP B 490 32.30 -27.66 -4.00
CA ASP B 490 32.30 -29.05 -4.41
C ASP B 490 30.89 -29.63 -4.37
N TYR B 491 30.20 -29.48 -3.24
CA TYR B 491 28.90 -30.15 -3.10
C TYR B 491 27.89 -29.59 -4.11
N SER B 492 27.54 -28.30 -3.97
CA SER B 492 26.46 -27.73 -4.79
C SER B 492 26.84 -27.55 -6.26
N MET B 493 28.11 -27.67 -6.59
CA MET B 493 28.47 -27.68 -7.99
C MET B 493 28.69 -29.09 -8.53
N GLU B 494 28.44 -30.12 -7.72
CA GLU B 494 28.58 -31.49 -8.17
C GLU B 494 29.95 -31.72 -8.80
N TYR B 495 30.99 -31.32 -8.05
CA TYR B 495 32.39 -31.54 -8.52
C TYR B 495 32.51 -33.03 -8.82
N ASP B 496 32.05 -33.89 -7.92
CA ASP B 496 32.16 -35.38 -8.07
C ASP B 496 31.41 -35.92 -9.29
N LEU B 497 30.40 -35.22 -9.80
CA LEU B 497 29.57 -35.75 -10.92
C LEU B 497 29.88 -34.93 -12.18
N LYS B 498 31.15 -34.65 -12.42
CA LYS B 498 31.59 -33.81 -13.53
C LYS B 498 32.82 -34.43 -14.20
N THR B 499 33.09 -34.00 -15.43
CA THR B 499 34.24 -34.55 -16.14
C THR B 499 35.51 -33.96 -15.53
N PRO B 500 36.63 -34.70 -15.52
CA PRO B 500 37.90 -34.12 -15.10
C PRO B 500 38.15 -32.69 -15.59
N GLU B 501 37.89 -32.42 -16.88
CA GLU B 501 38.07 -31.05 -17.40
C GLU B 501 37.23 -30.07 -16.60
N GLN B 502 35.97 -30.40 -16.32
CA GLN B 502 35.05 -29.45 -15.63
C GLN B 502 35.40 -29.34 -14.14
N GLN B 503 36.02 -30.38 -13.58
CA GLN B 503 36.36 -30.39 -12.13
C GLN B 503 37.49 -29.40 -11.88
N ALA B 504 38.23 -29.08 -12.92
CA ALA B 504 39.33 -28.12 -12.79
C ALA B 504 38.76 -26.70 -12.81
N GLU B 505 37.55 -26.54 -13.38
CA GLU B 505 36.93 -25.22 -13.33
C GLU B 505 36.00 -25.04 -12.13
N VAL B 506 35.80 -26.09 -11.32
CA VAL B 506 34.96 -26.00 -10.13
C VAL B 506 35.67 -25.15 -9.07
N CYS B 507 35.01 -24.08 -8.62
CA CYS B 507 35.50 -23.24 -7.53
C CYS B 507 34.85 -23.68 -6.21
N ASN B 508 35.67 -24.07 -5.24
CA ASN B 508 35.17 -24.60 -3.97
C ASN B 508 34.99 -23.45 -2.96
N VAL B 509 33.94 -22.65 -3.17
CA VAL B 509 33.77 -21.44 -2.37
C VAL B 509 32.39 -21.43 -1.71
N VAL B 510 32.29 -20.72 -0.59
CA VAL B 510 31.02 -20.41 0.06
C VAL B 510 30.72 -18.94 -0.21
N ARG B 511 29.43 -18.63 -0.47
CA ARG B 511 29.00 -17.29 -0.87
C ARG B 511 28.12 -16.64 0.20
N PHE B 512 28.41 -15.40 0.53
CA PHE B 512 27.55 -14.54 1.36
C PHE B 512 26.88 -13.54 0.42
N ALA B 513 25.61 -13.77 0.08
CA ALA B 513 24.92 -12.85 -0.83
C ALA B 513 24.26 -11.73 -0.04
N ILE B 514 24.42 -10.49 -0.51
CA ILE B 514 23.83 -9.32 0.12
C ILE B 514 22.59 -8.87 -0.67
N ASP B 515 21.41 -9.04 -0.04
CA ASP B 515 20.15 -8.49 -0.55
C ASP B 515 20.23 -6.99 -0.84
N ARG B 516 19.74 -6.58 -2.01
CA ARG B 516 19.76 -5.15 -2.34
C ARG B 516 18.92 -4.32 -1.35
N SER B 517 19.55 -3.32 -0.73
CA SER B 517 18.90 -2.28 0.06
C SER B 517 18.31 -2.78 1.37
N ARG B 518 18.39 -4.07 1.66
CA ARG B 518 17.79 -4.60 2.86
C ARG B 518 18.71 -4.53 4.09
N LEU B 519 20.04 -4.60 3.92
CA LEU B 519 20.96 -4.70 5.05
C LEU B 519 21.72 -3.39 5.28
N THR B 520 22.05 -3.09 6.54
CA THR B 520 22.90 -1.95 6.90
C THR B 520 24.22 -2.43 7.54
N LYS B 521 25.10 -1.47 7.84
CA LYS B 521 26.38 -1.78 8.48
C LYS B 521 26.21 -2.70 9.70
N GLU B 522 25.21 -2.40 10.54
CA GLU B 522 24.97 -3.25 11.71
C GLU B 522 24.92 -4.73 11.34
N HIS B 523 24.18 -5.06 10.29
CA HIS B 523 24.10 -6.46 9.87
C HIS B 523 25.47 -7.00 9.48
N LEU B 524 26.26 -6.19 8.79
CA LEU B 524 27.53 -6.67 8.27
C LEU B 524 28.52 -6.92 9.40
N ASP B 525 28.65 -5.98 10.34
CA ASP B 525 29.58 -6.19 11.44
C ASP B 525 29.25 -7.47 12.20
N TYR B 526 27.95 -7.79 12.31
CA TYR B 526 27.59 -9.03 13.00
C TYR B 526 28.11 -10.24 12.24
N VAL B 527 28.02 -10.21 10.91
CA VAL B 527 28.46 -11.37 10.14
C VAL B 527 29.98 -11.50 10.20
N ILE B 528 30.69 -10.40 9.98
CA ILE B 528 32.15 -10.40 10.14
C ILE B 528 32.54 -11.05 11.46
N ALA B 529 31.89 -10.64 12.55
CA ALA B 529 32.23 -11.18 13.86
C ALA B 529 32.00 -12.68 13.90
N ALA B 530 30.86 -13.13 13.39
CA ALA B 530 30.49 -14.55 13.46
C ALA B 530 31.43 -15.42 12.64
N VAL B 531 31.90 -14.93 11.48
CA VAL B 531 32.77 -15.73 10.63
C VAL B 531 34.15 -15.84 11.26
N LYS B 532 34.66 -14.72 11.77
CA LYS B 532 35.91 -14.72 12.54
C LYS B 532 35.86 -15.73 13.67
N ALA B 533 34.78 -15.72 14.46
CA ALA B 533 34.67 -16.71 15.54
C ALA B 533 34.66 -18.14 14.99
N LEU B 534 33.88 -18.42 13.94
CA LEU B 534 33.96 -19.75 13.35
C LEU B 534 35.31 -20.05 12.69
N TYR B 535 36.00 -19.06 12.15
CA TYR B 535 37.31 -19.40 11.61
C TYR B 535 38.24 -19.90 12.72
N GLU B 536 38.14 -19.26 13.88
CA GLU B 536 38.99 -19.64 15.03
C GLU B 536 38.50 -20.95 15.66
N ASP B 537 37.45 -21.54 15.07
CA ASP B 537 36.91 -22.85 15.54
C ASP B 537 36.80 -23.75 14.30
N ARG B 538 37.79 -23.70 13.40
CA ARG B 538 37.77 -24.50 12.14
C ARG B 538 37.59 -25.99 12.43
N GLU B 539 38.42 -26.54 13.32
CA GLU B 539 38.40 -28.00 13.58
C GLU B 539 37.03 -28.45 14.07
N ASN B 540 36.24 -27.56 14.67
CA ASN B 540 34.96 -28.04 15.26
C ASN B 540 33.91 -28.22 14.16
N ILE B 541 34.03 -27.47 13.05
CA ILE B 541 33.04 -27.52 11.97
C ILE B 541 32.90 -28.98 11.52
N PRO B 542 31.75 -29.62 11.71
CA PRO B 542 31.60 -31.03 11.27
C PRO B 542 31.77 -31.15 9.76
N ASN B 543 31.85 -32.41 9.31
CA ASN B 543 31.70 -32.77 7.91
C ASN B 543 30.25 -33.17 7.66
N MET B 544 29.84 -33.11 6.38
CA MET B 544 28.51 -33.51 5.93
C MET B 544 28.64 -34.65 4.93
N ARG B 545 27.77 -35.66 5.09
CA ARG B 545 27.65 -36.78 4.17
C ARG B 545 26.24 -36.85 3.59
N ILE B 546 26.13 -36.64 2.26
CA ILE B 546 24.85 -36.81 1.56
C ILE B 546 24.26 -38.17 1.90
N VAL B 547 22.98 -38.20 2.29
CA VAL B 547 22.33 -39.45 2.64
C VAL B 547 21.18 -39.79 1.71
N TRP B 548 20.70 -38.83 0.93
CA TRP B 548 19.68 -39.04 -0.09
C TRP B 548 19.94 -38.01 -1.18
N GLY B 549 19.75 -38.42 -2.43
CA GLY B 549 20.13 -37.57 -3.54
C GLY B 549 21.56 -37.78 -4.05
N HIS B 550 22.20 -36.66 -4.42
CA HIS B 550 23.54 -36.65 -5.00
C HIS B 550 23.49 -36.71 -6.52
N ASN B 551 22.90 -37.76 -7.09
CA ASN B 551 22.74 -37.84 -8.55
C ASN B 551 21.43 -37.22 -9.01
N LEU B 552 21.15 -35.99 -8.60
CA LEU B 552 19.95 -35.30 -9.06
C LEU B 552 20.36 -33.99 -9.72
N PRO B 553 19.62 -33.53 -10.74
CA PRO B 553 20.00 -32.26 -11.36
C PRO B 553 19.85 -31.14 -10.34
N MET B 554 20.96 -30.43 -10.12
CA MET B 554 20.97 -29.28 -9.23
C MET B 554 20.70 -29.76 -7.79
N ARG B 555 21.42 -30.78 -7.36
CA ARG B 555 20.98 -31.55 -6.19
C ARG B 555 20.98 -30.75 -4.88
N HIS B 556 21.66 -29.60 -4.84
CA HIS B 556 21.74 -28.85 -3.56
C HIS B 556 20.36 -28.31 -3.16
N PHE B 557 19.41 -28.26 -4.10
CA PHE B 557 18.08 -27.69 -3.81
C PHE B 557 17.19 -28.73 -3.14
N HIS B 558 17.64 -29.99 -3.08
CA HIS B 558 16.73 -31.04 -2.55
C HIS B 558 17.45 -32.10 -1.72
N ALA B 559 18.73 -32.39 -2.02
CA ALA B 559 19.43 -33.47 -1.30
C ALA B 559 19.35 -33.42 0.23
N PHE B 560 19.31 -34.60 0.86
CA PHE B 560 19.30 -34.69 2.34
C PHE B 560 20.75 -34.84 2.81
N LEU B 561 21.07 -34.33 3.99
CA LEU B 561 22.47 -34.34 4.48
C LEU B 561 22.53 -34.70 5.96
N GLU B 562 23.71 -35.08 6.45
CA GLU B 562 23.94 -35.40 7.85
C GLU B 562 25.37 -35.11 8.30
N PRO B 563 25.57 -34.64 9.54
CA PRO B 563 26.92 -34.26 9.98
C PRO B 563 27.63 -35.35 10.77
N TYR B 564 28.93 -35.51 10.51
CA TYR B 564 29.84 -36.28 11.35
C TYR B 564 31.07 -35.42 11.65
N ALA B 565 31.74 -35.74 12.76
CA ALA B 565 32.95 -35.04 13.14
C ALA B 565 34.11 -35.40 12.23
N ASN B 566 35.07 -34.50 12.12
CA ASN B 566 36.20 -34.69 11.22
C ASN B 566 37.15 -35.76 11.72
N GLN C 25 -20.90 7.27 -35.18
CA GLN C 25 -21.23 6.91 -33.80
C GLN C 25 -22.29 5.80 -33.70
N TYR C 26 -22.35 5.16 -32.53
CA TYR C 26 -23.31 4.08 -32.25
C TYR C 26 -23.92 4.31 -30.87
N PRO C 27 -24.81 5.28 -30.74
CA PRO C 27 -25.41 5.59 -29.45
C PRO C 27 -26.21 4.43 -28.84
N LEU C 28 -26.40 4.53 -27.53
CA LEU C 28 -27.23 3.59 -26.76
C LEU C 28 -27.95 4.38 -25.68
N ASN C 29 -29.10 3.87 -25.26
CA ASN C 29 -29.83 4.52 -24.17
C ASN C 29 -29.06 4.45 -22.85
N VAL C 30 -28.29 3.38 -22.65
CA VAL C 30 -27.48 3.16 -21.46
C VAL C 30 -26.16 3.91 -21.62
N PRO C 31 -25.83 4.80 -20.69
CA PRO C 31 -24.54 5.49 -20.75
C PRO C 31 -23.40 4.51 -20.56
N ALA C 32 -22.24 4.91 -21.01
CA ALA C 32 -21.11 4.03 -20.76
C ALA C 32 -20.52 4.33 -19.39
N PRO C 33 -19.87 3.36 -18.77
CA PRO C 33 -19.26 3.56 -17.46
C PRO C 33 -17.94 4.32 -17.56
N HIS C 34 -17.66 5.12 -16.53
CA HIS C 34 -16.41 5.88 -16.51
C HIS C 34 -15.48 5.54 -15.34
N HIS C 35 -15.79 4.51 -14.56
CA HIS C 35 -14.87 3.99 -13.56
C HIS C 35 -15.26 2.56 -13.24
N PHE C 36 -14.38 1.86 -12.52
CA PHE C 36 -14.71 0.54 -12.01
C PHE C 36 -14.13 0.40 -10.61
N THR C 37 -14.52 -0.70 -9.94
CA THR C 37 -14.01 -1.03 -8.61
C THR C 37 -12.58 -1.52 -8.70
N TYR C 38 -11.66 -0.83 -8.01
CA TYR C 38 -10.26 -1.19 -7.99
C TYR C 38 -10.01 -2.19 -6.89
N ALA C 39 -10.69 -2.01 -5.76
CA ALA C 39 -10.65 -2.91 -4.62
C ALA C 39 -12.01 -2.84 -3.92
N VAL C 40 -12.38 -3.96 -3.28
CA VAL C 40 -13.68 -4.12 -2.63
C VAL C 40 -13.52 -4.30 -1.12
N ARG C 41 -14.57 -3.93 -0.38
CA ARG C 41 -14.69 -4.18 1.04
C ARG C 41 -16.05 -4.82 1.30
N ASP C 42 -16.06 -5.86 2.14
CA ASP C 42 -17.30 -6.60 2.39
C ASP C 42 -18.13 -5.93 3.48
N LEU C 43 -19.42 -6.13 3.39
CA LEU C 43 -20.31 -5.56 4.38
C LEU C 43 -20.77 -6.62 5.37
N PRO C 44 -21.23 -6.21 6.55
CA PRO C 44 -21.58 -7.18 7.60
C PRO C 44 -22.97 -7.77 7.43
N GLU C 45 -23.14 -8.98 7.97
CA GLU C 45 -24.44 -9.66 8.00
C GLU C 45 -25.04 -9.43 9.39
N VAL C 46 -26.07 -8.58 9.46
CA VAL C 46 -26.61 -8.13 10.74
C VAL C 46 -28.12 -8.32 10.76
N THR C 47 -28.66 -8.53 11.95
CA THR C 47 -30.09 -8.71 12.14
C THR C 47 -30.74 -7.49 12.78
N VAL C 48 -32.05 -7.38 12.58
CA VAL C 48 -32.83 -6.30 13.17
C VAL C 48 -32.63 -6.24 14.67
N GLU C 49 -32.67 -7.40 15.33
CA GLU C 49 -32.56 -7.46 16.77
C GLU C 49 -31.18 -6.99 17.22
N GLN C 50 -30.13 -7.43 16.52
CA GLN C 50 -28.79 -6.91 16.80
C GLN C 50 -28.76 -5.39 16.69
N ARG C 51 -29.41 -4.83 15.67
CA ARG C 51 -29.39 -3.38 15.51
C ARG C 51 -30.23 -2.69 16.60
N GLU C 52 -31.41 -3.24 16.92
CA GLU C 52 -32.22 -2.69 18.00
C GLU C 52 -31.46 -2.70 19.33
N ARG C 53 -30.68 -3.74 19.58
CA ARG C 53 -29.86 -3.80 20.80
C ARG C 53 -28.80 -2.71 20.81
N ALA C 54 -28.10 -2.55 19.69
CA ALA C 54 -27.04 -1.54 19.65
C ALA C 54 -27.63 -0.14 19.78
N LEU C 55 -28.83 0.09 19.23
CA LEU C 55 -29.47 1.40 19.35
C LEU C 55 -29.78 1.75 20.80
N GLN C 56 -30.40 0.82 21.52
CA GLN C 56 -30.69 1.05 22.93
C GLN C 56 -29.40 1.24 23.73
N ALA C 57 -28.40 0.41 23.47
CA ALA C 57 -27.13 0.49 24.19
C ALA C 57 -26.37 1.78 23.94
N THR C 58 -26.70 2.54 22.88
CA THR C 58 -26.02 3.80 22.52
C THR C 58 -26.96 5.01 22.53
N HIS C 59 -27.99 4.98 23.37
CA HIS C 59 -28.86 6.13 23.68
C HIS C 59 -29.61 6.64 22.45
N TYR C 60 -29.69 5.87 21.37
CA TYR C 60 -30.41 6.29 20.18
C TYR C 60 -29.77 7.53 19.55
N ASN C 61 -28.46 7.72 19.74
CA ASN C 61 -27.72 8.75 19.03
C ASN C 61 -27.13 8.15 17.75
N GLU C 62 -27.68 8.56 16.62
CA GLU C 62 -27.21 8.13 15.31
C GLU C 62 -25.68 8.27 15.08
N PHE C 63 -24.95 9.13 15.80
CA PHE C 63 -23.50 9.18 15.63
C PHE C 63 -22.76 8.18 16.51
N ALA C 64 -23.40 7.66 17.53
CA ALA C 64 -22.85 6.64 18.40
C ALA C 64 -23.16 5.24 17.93
N PHE C 65 -23.90 5.11 16.82
CA PHE C 65 -24.20 3.78 16.33
C PHE C 65 -23.01 3.21 15.56
N PRO C 66 -22.57 1.99 15.86
CA PRO C 66 -21.33 1.47 15.27
C PRO C 66 -21.43 1.39 13.75
N SER C 67 -20.47 1.99 13.05
CA SER C 67 -20.51 1.85 11.59
C SER C 67 -20.34 0.38 11.17
N GLY C 68 -19.58 -0.38 11.95
CA GLY C 68 -19.46 -1.83 11.74
C GLY C 68 -20.75 -2.62 11.56
N MET C 69 -21.90 -2.08 12.00
CA MET C 69 -23.16 -2.82 11.91
C MET C 69 -24.07 -2.34 10.78
N LEU C 70 -23.57 -1.49 9.90
CA LEU C 70 -24.43 -0.82 8.95
C LEU C 70 -24.28 -1.43 7.57
N THR C 71 -25.38 -1.36 6.80
CA THR C 71 -25.47 -1.84 5.41
C THR C 71 -25.16 -0.74 4.40
N VAL C 72 -25.82 0.42 4.51
CA VAL C 72 -25.47 1.61 3.74
C VAL C 72 -25.42 2.78 4.71
N ASP C 73 -24.24 3.35 4.88
CA ASP C 73 -24.04 4.46 5.79
C ASP C 73 -24.04 5.77 4.99
N MET C 74 -25.13 6.52 5.12
CA MET C 74 -25.29 7.82 4.45
C MET C 74 -25.34 8.98 5.45
N LEU C 75 -24.63 8.82 6.57
CA LEU C 75 -24.60 9.86 7.59
C LEU C 75 -23.93 11.12 7.09
N SER C 76 -22.84 10.99 6.34
CA SER C 76 -22.02 12.11 5.89
C SER C 76 -21.16 11.68 4.70
N ASP C 77 -21.04 12.58 3.73
CA ASP C 77 -20.08 12.45 2.63
C ASP C 77 -18.69 12.97 3.01
N SER C 78 -18.47 13.43 4.22
CA SER C 78 -17.24 14.11 4.63
C SER C 78 -16.18 13.10 5.07
N GLY C 79 -15.13 12.95 4.26
CA GLY C 79 -14.00 12.09 4.58
C GLY C 79 -14.24 10.61 4.35
N THR C 80 -15.39 10.25 3.77
CA THR C 80 -15.84 8.87 3.60
C THR C 80 -15.53 8.36 2.18
N THR C 81 -14.75 9.12 1.43
CA THR C 81 -14.51 8.82 0.02
C THR C 81 -13.72 7.53 -0.19
N ALA C 82 -14.05 6.81 -1.27
CA ALA C 82 -13.16 5.80 -1.84
C ALA C 82 -12.14 6.49 -2.76
N MET C 83 -10.88 6.49 -2.36
CA MET C 83 -9.81 7.11 -3.16
C MET C 83 -9.56 6.35 -4.44
N THR C 84 -8.98 7.05 -5.43
CA THR C 84 -8.55 6.40 -6.68
C THR C 84 -7.24 5.65 -6.47
N ASN C 85 -6.92 4.74 -7.38
CA ASN C 85 -5.65 4.03 -7.25
C ASN C 85 -4.47 5.00 -7.23
N HIS C 86 -4.55 6.09 -8.02
CA HIS C 86 -3.46 7.08 -8.03
C HIS C 86 -3.32 7.79 -6.69
N GLN C 87 -4.42 7.97 -5.96
CA GLN C 87 -4.32 8.51 -4.62
C GLN C 87 -3.61 7.54 -3.69
N TRP C 88 -4.00 6.26 -3.73
CA TRP C 88 -3.29 5.27 -2.97
C TRP C 88 -1.82 5.25 -3.36
N ALA C 89 -1.52 5.36 -4.65
CA ALA C 89 -0.11 5.43 -5.02
C ALA C 89 0.56 6.64 -4.38
N SER C 90 -0.18 7.75 -4.22
CA SER C 90 0.28 9.01 -3.60
C SER C 90 0.82 8.80 -2.20
N LEU C 91 0.19 7.88 -1.46
CA LEU C 91 0.48 7.81 -0.03
C LEU C 91 1.95 7.51 0.20
N PHE C 92 2.57 6.73 -0.69
CA PHE C 92 3.98 6.34 -0.56
C PHE C 92 4.96 7.41 -0.98
N LEU C 93 4.48 8.50 -1.53
CA LEU C 93 5.32 9.65 -1.85
C LEU C 93 5.26 10.73 -0.77
N GLY C 94 4.33 10.60 0.18
CA GLY C 94 4.24 11.55 1.28
C GLY C 94 5.53 11.59 2.09
N ASP C 95 5.87 12.79 2.53
CA ASP C 95 7.09 13.09 3.24
C ASP C 95 6.71 13.40 4.70
N GLU C 96 7.27 12.66 5.67
CA GLU C 96 6.90 12.82 7.06
C GLU C 96 7.84 13.73 7.86
N ALA C 97 8.79 14.42 7.22
CA ALA C 97 9.61 15.40 7.91
C ALA C 97 8.74 16.43 8.64
N TYR C 98 9.28 16.97 9.75
CA TYR C 98 8.53 17.97 10.52
C TYR C 98 8.53 19.32 9.81
N GLY C 99 9.69 19.73 9.31
CA GLY C 99 9.84 21.05 8.70
C GLY C 99 9.84 21.01 7.20
N ARG C 100 8.79 21.58 6.60
CA ARG C 100 8.66 21.80 5.15
C ARG C 100 8.70 20.50 4.34
N ASN C 101 8.01 19.47 4.82
CA ASN C 101 7.83 18.28 3.99
C ASN C 101 7.37 18.69 2.59
N THR C 102 7.85 17.95 1.57
CA THR C 102 7.64 18.35 0.18
C THR C 102 6.17 18.49 -0.16
N GLY C 103 5.31 17.68 0.47
CA GLY C 103 3.88 17.77 0.22
C GLY C 103 3.29 19.14 0.52
N TYR C 104 3.93 19.92 1.39
CA TYR C 104 3.38 21.24 1.70
C TYR C 104 3.38 22.13 0.46
N TYR C 105 4.51 22.16 -0.25
CA TYR C 105 4.60 22.94 -1.46
C TYR C 105 3.66 22.44 -2.54
N VAL C 106 3.56 21.12 -2.70
CA VAL C 106 2.71 20.57 -3.75
C VAL C 106 1.24 20.91 -3.49
N LEU C 107 0.83 20.87 -2.23
CA LEU C 107 -0.58 21.13 -1.93
C LEU C 107 -0.92 22.59 -2.18
N LEU C 108 -0.11 23.49 -1.67
CA LEU C 108 -0.31 24.92 -1.97
C LEU C 108 -0.44 25.14 -3.47
N ASP C 109 0.50 24.60 -4.24
CA ASP C 109 0.48 24.94 -5.65
C ASP C 109 -0.64 24.22 -6.39
N THR C 110 -1.22 23.18 -5.79
CA THR C 110 -2.44 22.61 -6.35
C THR C 110 -3.61 23.58 -6.19
N PHE C 111 -3.69 24.26 -5.03
CA PHE C 111 -4.70 25.29 -4.85
C PHE C 111 -4.54 26.44 -5.85
N ARG C 112 -3.31 26.93 -6.04
CA ARG C 112 -3.05 27.89 -7.11
C ARG C 112 -3.54 27.38 -8.46
N ASP C 113 -3.24 26.13 -8.82
CA ASP C 113 -3.65 25.65 -10.14
C ASP C 113 -5.18 25.69 -10.28
N ILE C 114 -5.90 25.13 -9.31
CA ILE C 114 -7.34 24.93 -9.45
C ILE C 114 -8.09 26.24 -9.25
N PHE C 115 -7.68 27.05 -8.27
CA PHE C 115 -8.46 28.18 -7.78
C PHE C 115 -7.87 29.53 -8.15
N GLU C 116 -6.79 29.59 -8.93
CA GLU C 116 -6.18 30.85 -9.33
C GLU C 116 -5.66 30.87 -10.76
N ARG C 117 -5.45 29.73 -11.43
CA ARG C 117 -4.77 29.76 -12.71
C ARG C 117 -5.72 29.57 -13.89
N GLY C 118 -6.99 29.30 -13.62
CA GLY C 118 -8.01 29.49 -14.63
C GLY C 118 -8.07 28.46 -15.73
N GLY C 119 -7.76 27.21 -15.44
CA GLY C 119 -7.97 26.13 -16.40
C GLY C 119 -6.76 25.23 -16.57
N GLU C 120 -7.01 24.00 -17.00
CA GLU C 120 -5.95 23.00 -17.10
C GLU C 120 -4.81 23.49 -17.98
N LYS C 121 -5.14 24.22 -19.04
CA LYS C 121 -4.12 24.72 -19.97
C LYS C 121 -3.04 25.54 -19.26
N ASN C 122 -3.32 26.12 -18.10
CA ASN C 122 -2.34 26.93 -17.41
C ASN C 122 -1.84 26.32 -16.10
N TRP C 123 -2.18 25.07 -15.82
CA TRP C 123 -1.69 24.44 -14.60
C TRP C 123 -0.18 24.22 -14.68
N LYS C 124 0.46 24.19 -13.53
CA LYS C 124 1.85 23.77 -13.42
C LYS C 124 2.00 22.30 -13.03
N LYS C 125 1.05 21.77 -12.26
CA LYS C 125 1.08 20.39 -11.75
C LYS C 125 2.48 20.00 -11.30
N ILE C 126 3.01 20.72 -10.30
CA ILE C 126 4.30 20.36 -9.72
C ILE C 126 4.24 19.03 -8.98
N ILE C 127 3.04 18.49 -8.75
CA ILE C 127 2.94 17.16 -8.18
C ILE C 127 3.52 16.13 -9.14
N ASP C 128 3.60 16.47 -10.43
CA ASP C 128 4.18 15.55 -11.39
C ASP C 128 5.70 15.42 -11.19
N LEU C 129 6.38 16.50 -10.80
CA LEU C 129 7.78 16.37 -10.45
C LEU C 129 7.98 15.37 -9.30
N VAL C 130 7.10 15.39 -8.30
CA VAL C 130 7.17 14.39 -7.25
C VAL C 130 6.86 12.99 -7.81
N ARG C 131 5.79 12.87 -8.59
CA ARG C 131 5.36 11.56 -9.05
C ARG C 131 6.33 10.94 -10.03
N THR C 132 7.12 11.76 -10.74
CA THR C 132 8.12 11.19 -11.63
C THR C 132 9.50 11.09 -10.96
N ASP C 133 9.59 11.39 -9.65
CA ASP C 133 10.81 11.19 -8.89
C ASP C 133 11.96 12.08 -9.40
N CYS C 134 11.66 13.35 -9.63
CA CYS C 134 12.69 14.33 -9.93
C CYS C 134 13.83 14.27 -8.90
N ARG C 135 15.05 14.14 -9.41
CA ARG C 135 16.25 14.17 -8.58
C ARG C 135 17.18 15.32 -8.95
N ASP C 136 16.77 16.18 -9.87
CA ASP C 136 17.49 17.41 -10.18
C ASP C 136 17.13 18.47 -9.12
N VAL C 137 18.04 18.67 -8.16
CA VAL C 137 17.75 19.50 -6.99
C VAL C 137 17.59 20.98 -7.34
N GLU C 138 18.34 21.50 -8.33
CA GLU C 138 18.14 22.89 -8.73
C GLU C 138 16.75 23.09 -9.28
N LYS C 139 16.34 22.20 -10.20
CA LYS C 139 14.98 22.25 -10.72
C LYS C 139 13.96 22.31 -9.58
N MET C 140 14.22 21.55 -8.50
CA MET C 140 13.27 21.45 -7.40
C MET C 140 13.25 22.73 -6.57
N MET C 141 14.39 23.40 -6.44
CA MET C 141 14.41 24.64 -5.69
C MET C 141 13.70 25.73 -6.48
N ASP C 142 13.92 25.75 -7.79
CA ASP C 142 13.46 26.84 -8.64
C ASP C 142 12.00 26.67 -9.08
N GLU C 143 11.47 25.46 -8.99
CA GLU C 143 10.09 25.22 -9.37
C GLU C 143 9.23 24.75 -8.21
N VAL C 144 9.80 24.50 -7.06
CA VAL C 144 8.99 23.94 -5.96
C VAL C 144 9.35 24.64 -4.66
N TYR C 145 10.59 24.49 -4.20
CA TYR C 145 10.92 24.95 -2.86
C TYR C 145 10.99 26.48 -2.78
N LEU C 146 11.63 27.14 -3.74
CA LEU C 146 11.91 28.55 -3.57
C LEU C 146 11.06 29.45 -4.48
N CYS C 147 9.95 28.94 -5.02
CA CYS C 147 9.08 29.80 -5.80
C CYS C 147 8.53 30.92 -4.92
N GLU C 148 8.33 32.08 -5.53
CA GLU C 148 7.69 33.24 -4.92
C GLU C 148 6.33 33.44 -5.54
N TYR C 149 5.32 33.60 -4.69
CA TYR C 149 4.01 34.02 -5.16
C TYR C 149 3.46 35.02 -4.17
N GLU C 150 2.86 36.08 -4.70
CA GLU C 150 2.19 37.08 -3.91
C GLU C 150 0.99 37.57 -4.73
N GLY C 151 0.13 38.35 -4.08
CA GLY C 151 -0.99 39.00 -4.74
C GLY C 151 -2.25 38.17 -4.89
N GLY C 152 -2.38 37.03 -4.20
CA GLY C 152 -3.55 36.19 -4.32
C GLY C 152 -3.91 35.47 -3.03
N LEU C 153 -4.66 34.38 -3.16
CA LEU C 153 -5.07 33.54 -2.02
C LEU C 153 -3.94 32.68 -1.42
N PHE C 154 -2.83 32.45 -2.12
CA PHE C 154 -1.85 31.49 -1.63
C PHE C 154 -0.46 32.05 -1.91
N ASN C 155 0.08 32.75 -0.93
CA ASN C 155 1.44 33.23 -1.10
C ASN C 155 2.41 32.05 -1.09
N GLY C 156 3.59 32.28 -1.63
CA GLY C 156 4.61 31.24 -1.65
C GLY C 156 5.95 31.84 -1.28
N GLY C 157 6.78 31.01 -0.63
CA GLY C 157 8.13 31.44 -0.30
C GLY C 157 8.19 32.46 0.81
N ALA C 158 9.18 33.34 0.73
CA ALA C 158 9.32 34.37 1.75
C ALA C 158 8.04 35.19 1.91
N ALA C 159 7.30 35.42 0.82
CA ALA C 159 6.01 36.10 0.93
C ALA C 159 5.09 35.41 1.94
N GLN C 160 4.91 34.09 1.82
CA GLN C 160 4.06 33.39 2.77
C GLN C 160 4.62 33.48 4.19
N MET C 161 5.94 33.63 4.34
CA MET C 161 6.49 33.89 5.67
C MET C 161 6.22 35.32 6.13
N GLU C 162 6.25 36.29 5.22
CA GLU C 162 6.16 37.68 5.65
C GLU C 162 4.71 38.10 5.80
N ARG C 163 3.86 37.70 4.86
CA ARG C 163 2.44 37.97 4.93
C ARG C 163 1.71 36.63 4.81
N PRO C 164 1.81 35.77 5.83
CA PRO C 164 1.04 34.51 5.82
C PRO C 164 -0.43 34.77 5.54
N ASN C 165 -0.96 34.12 4.50
CA ASN C 165 -2.37 34.23 4.15
C ASN C 165 -2.94 32.88 3.77
N ALA C 166 -2.22 31.78 4.03
CA ALA C 166 -2.72 30.45 3.74
C ALA C 166 -2.34 29.52 4.88
N PHE C 167 -3.28 28.65 5.28
CA PHE C 167 -3.13 27.87 6.50
C PHE C 167 -3.72 26.48 6.27
N ILE C 168 -2.85 25.47 6.23
CA ILE C 168 -3.30 24.10 6.11
C ILE C 168 -3.74 23.62 7.48
N ILE C 169 -4.85 22.89 7.53
CA ILE C 169 -5.39 22.43 8.80
C ILE C 169 -6.17 21.14 8.53
N GLN C 170 -6.48 20.39 9.60
CA GLN C 170 -7.01 19.04 9.38
C GLN C 170 -8.38 19.04 8.72
N GLN C 171 -9.24 20.00 9.06
CA GLN C 171 -10.57 19.99 8.46
C GLN C 171 -11.22 21.35 8.59
N GLY C 172 -12.45 21.45 8.06
CA GLY C 172 -13.14 22.72 7.92
C GLY C 172 -13.49 23.39 9.24
N ARG C 173 -13.92 22.61 10.23
CA ARG C 173 -14.30 23.22 11.51
C ARG C 173 -13.07 23.79 12.22
N ALA C 174 -11.91 23.19 11.99
CA ALA C 174 -10.68 23.78 12.51
C ALA C 174 -10.32 25.06 11.76
N ALA C 175 -10.67 25.11 10.48
CA ALA C 175 -10.43 26.30 9.66
C ALA C 175 -11.30 27.47 10.14
N GLU C 176 -12.62 27.28 10.16
CA GLU C 176 -13.52 28.36 10.54
C GLU C 176 -13.32 28.75 12.00
N SER C 177 -12.98 27.79 12.86
CA SER C 177 -12.74 28.05 14.27
C SER C 177 -11.49 28.87 14.52
N VAL C 178 -10.54 28.83 13.59
CA VAL C 178 -9.34 29.64 13.74
C VAL C 178 -9.58 31.03 13.19
N LEU C 179 -10.33 31.14 12.10
CA LEU C 179 -10.86 32.42 11.66
C LEU C 179 -11.70 33.03 12.78
N MET C 180 -12.81 32.36 13.16
CA MET C 180 -13.77 33.03 14.04
C MET C 180 -13.13 33.41 15.37
N GLU C 181 -12.17 32.60 15.86
CA GLU C 181 -11.49 32.98 17.09
C GLU C 181 -10.71 34.27 16.90
N ILE C 182 -9.96 34.39 15.80
CA ILE C 182 -9.15 35.58 15.63
C ILE C 182 -10.04 36.81 15.45
N VAL C 183 -11.12 36.67 14.69
CA VAL C 183 -12.05 37.77 14.49
C VAL C 183 -12.61 38.23 15.84
N ARG C 184 -13.04 37.26 16.68
CA ARG C 184 -13.60 37.58 17.99
C ARG C 184 -12.62 38.36 18.85
N ASN C 185 -11.35 37.95 18.86
CA ASN C 185 -10.38 38.68 19.69
C ASN C 185 -10.23 40.12 19.20
N ILE C 186 -10.23 40.32 17.88
CA ILE C 186 -10.14 41.66 17.31
C ILE C 186 -11.41 42.46 17.61
N LEU C 187 -12.57 41.94 17.17
CA LEU C 187 -13.84 42.65 17.34
C LEU C 187 -14.15 42.97 18.81
N ALA C 188 -13.42 42.39 19.76
CA ALA C 188 -13.63 42.63 21.18
C ALA C 188 -12.63 43.63 21.77
N LYS C 189 -11.37 43.56 21.37
CA LYS C 189 -10.41 44.59 21.73
C LYS C 189 -10.60 45.85 20.91
N ARG C 190 -11.71 45.93 20.17
CA ARG C 190 -12.09 47.13 19.43
C ARG C 190 -13.48 47.61 19.81
N HIS C 191 -14.49 46.75 19.75
CA HIS C 191 -15.87 47.11 20.04
C HIS C 191 -16.36 46.27 21.22
N PRO C 192 -15.78 46.47 22.40
CA PRO C 192 -16.19 45.69 23.57
C PRO C 192 -17.71 45.70 23.76
N GLY C 193 -18.22 44.55 24.19
CA GLY C 193 -19.66 44.40 24.37
C GLY C 193 -20.48 44.13 23.13
N LYS C 194 -20.23 44.90 22.06
CA LYS C 194 -21.03 44.79 20.85
C LYS C 194 -21.15 43.33 20.39
N LYS C 195 -22.35 42.96 19.93
CA LYS C 195 -22.64 41.64 19.39
C LYS C 195 -23.00 41.80 17.92
N PHE C 196 -22.22 41.18 17.04
CA PHE C 196 -22.34 41.39 15.61
C PHE C 196 -23.18 40.31 14.95
N THR C 197 -23.63 40.61 13.74
CA THR C 197 -24.44 39.71 12.94
C THR C 197 -23.64 39.27 11.73
N ILE C 198 -23.65 37.98 11.44
CA ILE C 198 -22.92 37.41 10.32
C ILE C 198 -23.91 36.67 9.42
N PRO C 199 -24.35 37.32 8.35
CA PRO C 199 -25.27 36.68 7.40
C PRO C 199 -24.53 35.69 6.49
N SER C 200 -25.33 34.85 5.83
CA SER C 200 -24.79 33.86 4.86
C SER C 200 -26.00 33.31 4.08
N ASN C 201 -25.78 32.64 2.95
CA ASN C 201 -26.92 32.01 2.23
C ASN C 201 -27.37 30.80 3.05
N GLY C 202 -26.45 30.23 3.85
CA GLY C 202 -26.78 29.07 4.71
C GLY C 202 -25.58 28.58 5.49
N HIS C 203 -25.46 29.00 6.76
CA HIS C 203 -24.37 28.48 7.63
C HIS C 203 -24.72 27.06 8.05
N PHE C 204 -23.77 26.11 7.96
CA PHE C 204 -24.02 24.73 8.45
C PHE C 204 -24.04 24.72 9.98
N ASP C 205 -24.52 23.62 10.58
CA ASP C 205 -24.57 23.51 12.06
C ASP C 205 -23.17 23.72 12.64
N THR C 206 -22.12 23.27 11.97
CA THR C 206 -20.73 23.49 12.45
C THR C 206 -20.41 24.98 12.44
N THR C 207 -20.66 25.67 11.31
CA THR C 207 -20.36 27.13 11.23
C THR C 207 -21.25 27.89 12.23
N GLU C 208 -22.56 27.62 12.21
CA GLU C 208 -23.49 28.29 13.12
C GLU C 208 -23.10 28.07 14.59
N GLY C 209 -22.93 26.81 14.98
CA GLY C 209 -22.51 26.53 16.35
C GLY C 209 -21.29 27.32 16.76
N ASN C 210 -20.28 27.37 15.88
CA ASN C 210 -19.06 28.10 16.21
C ASN C 210 -19.29 29.61 16.25
N ILE C 211 -20.11 30.14 15.33
CA ILE C 211 -20.46 31.56 15.38
C ILE C 211 -21.16 31.88 16.69
N LYS C 212 -22.20 31.10 17.00
CA LYS C 212 -22.96 31.33 18.24
C LYS C 212 -22.06 31.20 19.47
N GLN C 213 -21.13 30.24 19.48
CA GLN C 213 -20.23 30.13 20.62
C GLN C 213 -19.24 31.27 20.67
N MET C 214 -19.05 31.97 19.55
CA MET C 214 -18.22 33.17 19.54
C MET C 214 -18.96 34.40 20.09
N GLY C 215 -20.29 34.37 20.20
CA GLY C 215 -21.09 35.49 20.64
C GLY C 215 -21.88 36.18 19.54
N SER C 216 -21.54 35.93 18.28
CA SER C 216 -22.22 36.59 17.17
C SER C 216 -23.51 35.85 16.82
N ILE C 217 -24.26 36.42 15.88
CA ILE C 217 -25.61 35.97 15.60
C ILE C 217 -25.63 35.43 14.17
N PRO C 218 -25.79 34.12 13.95
CA PRO C 218 -25.89 33.63 12.57
C PRO C 218 -27.27 33.92 11.99
N ARG C 219 -27.29 34.04 10.65
CA ARG C 219 -28.52 34.32 9.92
C ARG C 219 -28.38 33.84 8.49
N ASN C 220 -29.38 33.13 7.99
CA ASN C 220 -29.34 32.50 6.67
C ASN C 220 -30.43 33.09 5.79
N LEU C 221 -30.03 33.69 4.67
CA LEU C 221 -30.91 34.50 3.84
C LEU C 221 -31.09 33.83 2.47
N TYR C 222 -32.20 33.13 2.28
CA TYR C 222 -32.52 32.47 1.00
C TYR C 222 -34.02 32.50 0.82
N ASN C 223 -34.49 31.90 -0.28
CA ASN C 223 -35.90 31.93 -0.67
C ASN C 223 -36.53 30.59 -0.35
N LYS C 224 -37.12 30.49 0.84
CA LYS C 224 -37.71 29.22 1.30
C LYS C 224 -38.91 28.80 0.46
N THR C 225 -39.59 29.76 -0.20
CA THR C 225 -40.70 29.42 -1.08
C THR C 225 -40.22 28.66 -2.30
N LEU C 226 -39.15 29.15 -2.93
CA LEU C 226 -38.61 28.46 -4.10
C LEU C 226 -38.16 27.06 -3.74
N LEU C 227 -37.54 26.88 -2.58
CA LEU C 227 -37.00 25.58 -2.16
C LEU C 227 -38.02 24.47 -2.27
N TRP C 228 -39.28 24.72 -1.88
CA TRP C 228 -40.29 23.66 -1.84
C TRP C 228 -41.02 23.49 -3.16
N GLU C 229 -40.79 24.38 -4.12
CA GLU C 229 -41.38 24.23 -5.44
C GLU C 229 -41.03 22.87 -6.04
N THR C 230 -42.02 22.24 -6.68
CA THR C 230 -41.85 21.00 -7.39
C THR C 230 -41.99 21.22 -8.89
N PRO C 231 -41.13 20.61 -9.70
CA PRO C 231 -41.33 20.64 -11.15
C PRO C 231 -42.33 19.58 -11.59
N GLU C 232 -43.23 19.97 -12.50
CA GLU C 232 -44.14 19.02 -13.12
C GLU C 232 -43.33 17.88 -13.73
N GLY C 233 -43.39 16.70 -13.11
CA GLY C 233 -42.62 15.56 -13.52
C GLY C 233 -41.46 15.22 -12.60
N GLY C 234 -41.22 16.05 -11.59
CA GLY C 234 -40.10 15.85 -10.69
C GLY C 234 -38.74 15.98 -11.33
N ARG C 235 -38.63 16.79 -12.40
CA ARG C 235 -37.35 17.00 -13.09
C ARG C 235 -37.37 18.38 -13.71
N TYR C 236 -36.55 19.28 -13.18
CA TYR C 236 -36.46 20.64 -13.69
C TYR C 236 -35.75 20.66 -15.04
N GLU C 237 -36.02 21.70 -15.84
CA GLU C 237 -35.31 21.83 -17.11
C GLU C 237 -33.90 22.40 -16.89
N LYS C 238 -33.78 23.43 -16.08
CA LYS C 238 -32.48 23.95 -15.67
C LYS C 238 -32.51 24.13 -14.16
N ASN C 239 -31.42 23.72 -13.51
CA ASN C 239 -31.32 23.90 -12.08
C ASN C 239 -31.68 25.33 -11.70
N PRO C 240 -32.71 25.55 -10.88
CA PRO C 240 -33.10 26.92 -10.51
C PRO C 240 -32.15 27.60 -9.55
N PHE C 241 -31.06 26.96 -9.17
CA PHE C 241 -30.10 27.57 -8.21
C PHE C 241 -30.82 28.05 -6.95
N LYS C 242 -31.48 27.14 -6.23
CA LYS C 242 -32.27 27.51 -5.03
C LYS C 242 -31.38 27.72 -3.80
N GLY C 243 -30.06 27.57 -3.94
CA GLY C 243 -29.15 27.84 -2.81
C GLY C 243 -28.66 29.26 -2.85
N ASN C 244 -29.04 29.99 -3.90
CA ASN C 244 -28.62 31.40 -4.07
C ASN C 244 -29.04 32.22 -2.85
N MET C 245 -28.23 33.20 -2.51
CA MET C 245 -28.56 34.09 -1.40
C MET C 245 -29.57 35.13 -1.87
N ASP C 246 -30.55 35.42 -1.00
CA ASP C 246 -31.59 36.42 -1.35
C ASP C 246 -30.95 37.81 -1.35
N ILE C 247 -30.72 38.36 -2.55
CA ILE C 247 -30.04 39.69 -2.67
C ILE C 247 -30.83 40.74 -1.88
N GLU C 248 -32.16 40.73 -1.98
CA GLU C 248 -32.97 41.73 -1.29
C GLU C 248 -32.79 41.63 0.23
N LYS C 249 -33.01 40.43 0.79
CA LYS C 249 -32.88 40.24 2.23
C LYS C 249 -31.51 40.71 2.74
N LEU C 250 -30.47 40.60 1.91
CA LEU C 250 -29.12 40.90 2.39
C LEU C 250 -28.97 42.40 2.68
N GLU C 251 -29.43 43.23 1.76
CA GLU C 251 -29.27 44.70 1.95
C GLU C 251 -30.24 45.16 3.03
N GLN C 252 -31.41 44.54 3.12
CA GLN C 252 -32.40 44.88 4.18
C GLN C 252 -31.80 44.67 5.57
N LEU C 253 -31.04 43.59 5.76
CA LEU C 253 -30.47 43.30 7.09
C LEU C 253 -29.23 44.14 7.27
N ILE C 254 -28.53 44.44 6.19
CA ILE C 254 -27.37 45.31 6.40
C ILE C 254 -27.83 46.72 6.73
N GLN C 255 -28.90 47.19 6.05
CA GLN C 255 -29.44 48.51 6.36
C GLN C 255 -30.15 48.50 7.70
N GLY C 256 -30.97 47.47 7.94
CA GLY C 256 -31.57 47.25 9.25
C GLY C 256 -30.58 47.29 10.40
N VAL C 257 -29.62 46.35 10.44
CA VAL C 257 -28.73 46.28 11.59
C VAL C 257 -27.63 47.34 11.54
N GLY C 258 -27.30 47.86 10.35
CA GLY C 258 -26.23 48.82 10.20
C GLY C 258 -24.92 48.18 9.73
N PRO C 259 -24.34 48.72 8.64
CA PRO C 259 -23.06 48.22 8.14
C PRO C 259 -22.06 47.89 9.24
N GLU C 260 -21.80 48.86 10.11
CA GLU C 260 -20.78 48.73 11.14
C GLU C 260 -21.02 47.55 12.07
N ASN C 261 -22.17 46.88 11.95
CA ASN C 261 -22.45 45.71 12.78
C ASN C 261 -22.45 44.42 11.97
N VAL C 262 -22.06 44.48 10.70
CA VAL C 262 -21.84 43.29 9.88
C VAL C 262 -20.35 43.21 9.60
N PRO C 263 -19.61 42.34 10.29
CA PRO C 263 -18.15 42.33 10.14
C PRO C 263 -17.67 41.37 9.06
N LEU C 264 -18.50 40.39 8.71
CA LEU C 264 -18.18 39.41 7.68
C LEU C 264 -19.48 38.88 7.09
N ILE C 265 -19.40 38.47 5.82
CA ILE C 265 -20.52 37.86 5.12
C ILE C 265 -20.07 36.53 4.56
N PHE C 266 -20.69 35.44 5.00
CA PHE C 266 -20.35 34.11 4.50
C PHE C 266 -21.23 33.72 3.31
N THR C 267 -20.75 32.75 2.54
CA THR C 267 -21.55 32.17 1.47
C THR C 267 -21.11 30.73 1.22
N CYS C 268 -22.06 29.81 1.20
CA CYS C 268 -21.80 28.38 1.19
C CYS C 268 -22.14 27.84 -0.20
N ILE C 269 -21.17 27.15 -0.82
CA ILE C 269 -21.30 26.55 -2.14
C ILE C 269 -20.77 25.12 -2.09
N THR C 270 -21.59 24.15 -2.49
CA THR C 270 -23.04 24.34 -2.57
C THR C 270 -23.61 24.73 -1.19
N ASN C 271 -24.89 25.11 -1.16
CA ASN C 271 -25.53 25.55 0.10
C ASN C 271 -26.00 24.33 0.87
N ASN C 272 -25.16 23.83 1.78
CA ASN C 272 -25.49 22.57 2.46
C ASN C 272 -26.74 22.70 3.31
N PRO C 273 -26.83 23.63 4.24
CA PRO C 273 -28.10 23.84 4.97
C PRO C 273 -29.34 23.83 4.08
N VAL C 274 -29.34 24.62 3.02
CA VAL C 274 -30.49 24.69 2.12
C VAL C 274 -30.45 23.57 1.09
N CYS C 275 -30.58 22.33 1.56
CA CYS C 275 -30.68 21.13 0.71
C CYS C 275 -29.56 21.02 -0.31
N GLY C 276 -28.34 21.39 0.08
CA GLY C 276 -27.21 21.21 -0.82
C GLY C 276 -27.45 21.76 -2.20
N GLN C 277 -28.11 22.92 -2.25
CA GLN C 277 -28.61 23.46 -3.49
C GLN C 277 -27.57 24.35 -4.16
N ALA C 278 -27.58 24.32 -5.48
CA ALA C 278 -26.56 24.98 -6.27
C ALA C 278 -26.70 26.49 -6.21
N VAL C 279 -25.57 27.16 -6.41
CA VAL C 279 -25.44 28.61 -6.33
C VAL C 279 -24.86 29.12 -7.65
N SER C 280 -25.55 30.06 -8.29
CA SER C 280 -25.13 30.51 -9.60
C SER C 280 -24.01 31.55 -9.48
N MET C 281 -23.26 31.70 -10.59
CA MET C 281 -22.15 32.65 -10.63
C MET C 281 -22.63 34.09 -10.57
N GLY C 282 -23.70 34.40 -11.31
CA GLY C 282 -24.38 35.67 -11.13
C GLY C 282 -24.58 36.07 -9.69
N ASN C 283 -25.12 35.14 -8.87
CA ASN C 283 -25.33 35.42 -7.43
C ASN C 283 -24.00 35.71 -6.74
N LEU C 284 -22.95 34.91 -6.98
CA LEU C 284 -21.70 35.27 -6.33
C LEU C 284 -21.29 36.69 -6.69
N LYS C 285 -21.50 37.09 -7.95
CA LYS C 285 -21.12 38.43 -8.38
C LYS C 285 -21.93 39.50 -7.64
N GLU C 286 -23.25 39.32 -7.59
CA GLU C 286 -24.13 40.21 -6.84
C GLU C 286 -23.71 40.30 -5.37
N ILE C 287 -23.45 39.16 -4.72
CA ILE C 287 -23.04 39.18 -3.31
C ILE C 287 -21.73 39.93 -3.17
N ASN C 288 -20.81 39.70 -4.11
CA ASN C 288 -19.59 40.49 -4.15
C ASN C 288 -19.88 41.99 -4.11
N ARG C 289 -20.78 42.46 -4.96
CA ARG C 289 -20.96 43.89 -5.11
C ARG C 289 -21.59 44.50 -3.87
N VAL C 290 -22.68 43.89 -3.39
CA VAL C 290 -23.30 44.34 -2.15
C VAL C 290 -22.31 44.34 -0.99
N ALA C 291 -21.35 43.41 -0.99
CA ALA C 291 -20.49 43.28 0.18
C ALA C 291 -19.40 44.35 0.20
N HIS C 292 -18.81 44.65 -0.96
CA HIS C 292 -17.90 45.77 -1.04
C HIS C 292 -18.64 47.10 -1.06
N LYS C 293 -19.91 47.10 -1.45
CA LYS C 293 -20.76 48.28 -1.34
C LYS C 293 -20.62 48.93 0.05
N TYR C 294 -20.65 48.11 1.10
CA TYR C 294 -20.49 48.59 2.47
C TYR C 294 -19.11 48.25 3.05
N ASN C 295 -18.19 47.75 2.23
CA ASN C 295 -16.83 47.43 2.68
C ASN C 295 -16.81 46.23 3.65
N ILE C 296 -17.65 45.24 3.40
CA ILE C 296 -17.70 44.02 4.22
C ILE C 296 -16.92 42.91 3.51
N PRO C 297 -15.89 42.34 4.15
CA PRO C 297 -15.17 41.19 3.54
C PRO C 297 -16.09 40.00 3.25
N LEU C 298 -15.97 39.46 2.04
CA LEU C 298 -16.78 38.32 1.61
C LEU C 298 -15.99 37.01 1.73
N VAL C 299 -16.57 36.02 2.41
CA VAL C 299 -15.88 34.82 2.86
C VAL C 299 -16.66 33.60 2.37
N PHE C 300 -16.03 32.77 1.54
CA PHE C 300 -16.73 31.66 0.91
C PHE C 300 -16.36 30.36 1.64
N ASP C 301 -17.34 29.67 2.20
CA ASP C 301 -17.19 28.26 2.53
C ASP C 301 -17.40 27.40 1.29
N THR C 302 -16.35 26.66 0.91
CA THR C 302 -16.28 26.00 -0.38
C THR C 302 -16.07 24.50 -0.27
N ALA C 303 -16.46 23.89 0.86
CA ALA C 303 -16.42 22.44 0.98
C ALA C 303 -16.86 21.75 -0.31
N ARG C 304 -17.93 22.22 -0.95
CA ARG C 304 -18.41 21.48 -2.13
C ARG C 304 -18.32 22.31 -3.43
N TRP C 305 -17.17 22.93 -3.63
CA TRP C 305 -16.96 23.80 -4.79
C TRP C 305 -17.11 23.06 -6.11
N ALA C 306 -16.62 21.83 -6.16
CA ALA C 306 -16.55 21.18 -7.46
C ALA C 306 -17.94 20.85 -7.96
N GLU C 307 -18.84 20.46 -7.08
CA GLU C 307 -20.17 20.13 -7.54
C GLU C 307 -20.95 21.39 -7.89
N ASN C 308 -20.68 22.48 -7.18
CA ASN C 308 -21.29 23.77 -7.53
C ASN C 308 -20.81 24.24 -8.91
N ALA C 309 -19.49 24.19 -9.13
CA ALA C 309 -18.97 24.46 -10.47
C ALA C 309 -19.62 23.57 -11.51
N TYR C 310 -19.85 22.30 -11.18
CA TYR C 310 -20.49 21.43 -12.16
C TYR C 310 -21.95 21.86 -12.40
N PHE C 311 -22.62 22.38 -11.37
CA PHE C 311 -24.00 22.82 -11.59
C PHE C 311 -24.02 24.07 -12.47
N ILE C 312 -23.14 25.03 -12.19
CA ILE C 312 -22.93 26.18 -13.07
C ILE C 312 -22.72 25.70 -14.51
N LYS C 313 -21.70 24.88 -14.73
CA LYS C 313 -21.33 24.52 -16.10
C LYS C 313 -22.50 23.90 -16.87
N MET C 314 -23.39 23.19 -16.19
CA MET C 314 -24.53 22.59 -16.85
C MET C 314 -25.78 23.49 -16.89
N ASN C 315 -25.81 24.60 -16.13
CA ASN C 315 -27.11 25.25 -16.00
C ASN C 315 -27.10 26.75 -16.29
N GLU C 316 -26.07 27.47 -15.89
CA GLU C 316 -25.96 28.88 -16.25
C GLU C 316 -25.64 29.04 -17.73
N GLU C 317 -26.01 30.19 -18.27
CA GLU C 317 -25.89 30.45 -19.70
C GLU C 317 -24.47 30.86 -20.07
N GLY C 318 -23.97 30.28 -21.17
CA GLY C 318 -22.65 30.58 -21.66
C GLY C 318 -21.52 30.03 -20.83
N TYR C 319 -21.80 29.04 -19.99
CA TYR C 319 -20.76 28.33 -19.27
C TYR C 319 -20.57 26.92 -19.78
N ALA C 320 -21.42 26.47 -20.69
CA ALA C 320 -21.40 25.07 -21.12
C ALA C 320 -20.07 24.66 -21.73
N ASP C 321 -19.32 25.61 -22.30
CA ASP C 321 -18.00 25.29 -22.82
C ASP C 321 -16.93 25.39 -21.73
N LYS C 322 -17.15 26.12 -20.65
CA LYS C 322 -16.16 26.23 -19.59
C LYS C 322 -16.08 24.94 -18.78
N SER C 323 -14.87 24.52 -18.43
CA SER C 323 -14.70 23.29 -17.66
C SER C 323 -14.74 23.57 -16.16
N ILE C 324 -14.74 22.49 -15.37
CA ILE C 324 -14.82 22.63 -13.91
C ILE C 324 -13.73 23.57 -13.42
N ALA C 325 -12.51 23.41 -13.92
CA ALA C 325 -11.38 24.14 -13.37
C ALA C 325 -11.48 25.64 -13.66
N GLU C 326 -11.90 26.02 -14.87
CA GLU C 326 -12.11 27.43 -15.20
C GLU C 326 -13.18 28.03 -14.30
N ILE C 327 -14.33 27.35 -14.19
CA ILE C 327 -15.39 27.85 -13.33
C ILE C 327 -14.92 27.98 -11.89
N ALA C 328 -14.00 27.12 -11.44
CA ALA C 328 -13.55 27.17 -10.04
C ALA C 328 -12.68 28.39 -9.78
N THR C 329 -11.76 28.69 -10.70
CA THR C 329 -11.00 29.93 -10.58
C THR C 329 -11.93 31.14 -10.57
N GLU C 330 -12.91 31.15 -11.48
CA GLU C 330 -13.83 32.27 -11.59
C GLU C 330 -14.60 32.48 -10.30
N MET C 331 -15.33 31.44 -9.86
CA MET C 331 -16.05 31.49 -8.59
C MET C 331 -15.18 32.11 -7.50
N PHE C 332 -13.93 31.69 -7.41
CA PHE C 332 -13.04 32.13 -6.35
C PHE C 332 -12.53 33.56 -6.52
N SER C 333 -12.67 34.16 -7.70
CA SER C 333 -12.24 35.53 -7.86
C SER C 333 -13.10 36.49 -7.03
N TYR C 334 -14.38 36.12 -6.82
CA TYR C 334 -15.38 36.91 -6.09
C TYR C 334 -15.28 36.85 -4.57
N CYS C 335 -14.31 36.15 -3.98
CA CYS C 335 -14.21 36.13 -2.53
C CYS C 335 -12.99 36.92 -2.07
N ASP C 336 -13.01 37.37 -0.82
CA ASP C 336 -11.80 37.93 -0.21
C ASP C 336 -11.09 36.92 0.67
N ALA C 337 -11.77 35.82 1.03
CA ALA C 337 -11.29 34.79 1.94
C ALA C 337 -12.16 33.57 1.79
N PHE C 338 -11.61 32.40 2.12
CA PHE C 338 -12.43 31.20 2.10
C PHE C 338 -11.95 30.23 3.18
N THR C 339 -12.89 29.41 3.64
CA THR C 339 -12.62 28.25 4.48
C THR C 339 -13.11 27.04 3.69
N MET C 340 -12.39 25.93 3.86
CA MET C 340 -12.70 24.75 3.07
C MET C 340 -12.45 23.49 3.90
N SER C 341 -13.42 22.60 3.86
CA SER C 341 -13.23 21.24 4.34
C SER C 341 -12.94 20.38 3.10
N ALA C 342 -11.66 20.14 2.82
CA ALA C 342 -11.23 19.32 1.69
C ALA C 342 -11.63 17.87 1.83
N LYS C 343 -12.23 17.50 2.96
CA LYS C 343 -12.72 16.13 3.20
C LYS C 343 -13.92 15.85 2.30
N LYS C 344 -14.38 16.86 1.58
CA LYS C 344 -15.56 16.70 0.67
C LYS C 344 -15.09 16.68 -0.79
N ASP C 345 -15.19 17.82 -1.47
CA ASP C 345 -14.84 17.86 -2.92
C ASP C 345 -13.32 17.81 -3.12
N GLY C 346 -12.59 17.25 -2.16
CA GLY C 346 -11.14 17.05 -2.31
C GLY C 346 -10.90 15.57 -2.50
N HIS C 347 -11.99 14.80 -2.68
CA HIS C 347 -11.89 13.33 -2.91
C HIS C 347 -10.90 12.75 -1.90
N ALA C 348 -11.06 13.05 -0.61
CA ALA C 348 -10.03 12.66 0.34
C ALA C 348 -10.69 12.31 1.66
N ASN C 349 -9.91 11.70 2.55
CA ASN C 349 -10.40 11.30 3.86
C ASN C 349 -9.99 12.27 4.97
N MET C 350 -9.15 13.26 4.67
CA MET C 350 -8.82 14.28 5.66
C MET C 350 -8.32 15.52 4.90
N GLY C 351 -8.44 16.69 5.53
CA GLY C 351 -7.88 17.90 4.94
C GLY C 351 -8.76 19.13 5.05
N GLY C 352 -8.15 20.25 5.45
CA GLY C 352 -8.85 21.51 5.45
C GLY C 352 -7.88 22.62 5.07
N MET C 353 -8.45 23.82 4.87
CA MET C 353 -7.70 24.99 4.40
C MET C 353 -8.44 26.29 4.75
N LEU C 354 -7.73 27.24 5.35
CA LEU C 354 -8.16 28.64 5.49
C LEU C 354 -7.24 29.52 4.66
N ALA C 355 -7.81 30.45 3.87
CA ALA C 355 -6.98 31.37 3.08
C ALA C 355 -7.69 32.72 2.88
N PHE C 356 -6.91 33.76 2.61
CA PHE C 356 -7.46 35.07 2.28
C PHE C 356 -6.54 35.83 1.33
N ARG C 357 -7.15 36.78 0.60
CA ARG C 357 -6.45 37.55 -0.42
C ARG C 357 -5.31 38.35 0.19
N ASP C 358 -4.18 38.34 -0.50
CA ASP C 358 -2.99 39.04 -0.03
C ASP C 358 -3.22 40.55 -0.09
N LYS C 359 -2.96 41.22 1.04
CA LYS C 359 -3.26 42.64 1.25
C LYS C 359 -4.64 43.04 0.73
N GLY C 360 -5.62 42.16 0.92
CA GLY C 360 -6.97 42.36 0.42
C GLY C 360 -7.88 43.00 1.45
N LEU C 361 -9.19 42.92 1.15
CA LEU C 361 -10.17 43.57 2.00
C LEU C 361 -10.16 42.99 3.42
N PHE C 362 -10.12 41.66 3.53
CA PHE C 362 -10.11 41.05 4.85
C PHE C 362 -8.84 41.41 5.62
N TRP C 363 -7.70 41.41 4.94
CA TRP C 363 -6.45 41.80 5.57
C TRP C 363 -6.44 43.29 5.98
N LYS C 364 -7.21 44.13 5.29
CA LYS C 364 -7.22 45.55 5.62
C LYS C 364 -8.09 45.83 6.83
N ASN C 365 -9.31 45.28 6.83
CA ASN C 365 -10.23 45.53 7.93
C ASN C 365 -9.69 44.96 9.24
N PHE C 366 -8.90 43.90 9.20
CA PHE C 366 -8.61 43.22 10.45
C PHE C 366 -7.17 43.33 10.92
N SER C 367 -6.26 43.83 10.09
CA SER C 367 -4.95 44.15 10.61
C SER C 367 -4.99 45.50 11.33
N ASP C 368 -3.92 45.79 12.09
CA ASP C 368 -3.67 47.09 12.70
C ASP C 368 -2.46 47.71 12.03
N PHE C 369 -2.58 49.00 11.68
CA PHE C 369 -1.58 49.68 10.88
C PHE C 369 -0.91 50.83 11.65
N ASN C 370 0.28 51.19 11.20
CA ASN C 370 1.02 52.34 11.70
C ASN C 370 0.46 53.62 11.08
N GLU C 371 0.77 54.75 11.72
CA GLU C 371 0.45 56.03 11.08
C GLU C 371 1.22 56.19 9.77
N ASP C 372 2.51 55.83 9.79
CA ASP C 372 3.26 55.74 8.54
C ASP C 372 2.47 55.03 7.47
N GLY C 373 1.75 53.97 7.84
CA GLY C 373 0.93 53.21 6.92
C GLY C 373 1.32 51.75 6.80
N THR C 374 2.50 51.36 7.30
CA THR C 374 2.88 49.96 7.30
C THR C 374 1.98 49.16 8.24
N VAL C 375 1.93 47.84 8.01
CA VAL C 375 1.19 46.97 8.91
C VAL C 375 1.85 47.00 10.27
N LYS C 376 1.03 47.00 11.32
CA LYS C 376 1.50 46.98 12.70
C LYS C 376 1.29 45.63 13.36
N THR C 377 0.10 45.04 13.19
CA THR C 377 -0.23 43.68 13.59
C THR C 377 -0.90 43.03 12.39
N ASP C 378 -0.21 42.07 11.79
CA ASP C 378 -0.72 41.41 10.59
C ASP C 378 -1.69 40.31 11.00
N VAL C 379 -2.95 40.42 10.56
CA VAL C 379 -3.93 39.40 10.92
C VAL C 379 -3.44 38.00 10.50
N GLY C 380 -2.69 37.92 9.41
CA GLY C 380 -2.10 36.65 9.00
C GLY C 380 -1.21 36.02 10.06
N VAL C 381 -0.38 36.84 10.71
CA VAL C 381 0.50 36.31 11.76
C VAL C 381 -0.33 35.81 12.93
N LEU C 382 -1.36 36.55 13.32
CA LEU C 382 -2.18 36.10 14.43
C LEU C 382 -2.76 34.72 14.14
N LEU C 383 -3.29 34.54 12.93
CA LEU C 383 -3.85 33.25 12.56
C LEU C 383 -2.78 32.15 12.60
N LYS C 384 -1.56 32.47 12.17
CA LYS C 384 -0.48 31.48 12.19
C LYS C 384 -0.06 31.09 13.60
N VAL C 385 -0.04 32.04 14.53
CA VAL C 385 0.29 31.69 15.91
C VAL C 385 -0.76 30.73 16.47
N LYS C 386 -2.03 30.98 16.17
CA LYS C 386 -3.07 30.06 16.60
C LYS C 386 -2.86 28.68 16.01
N GLN C 387 -2.75 28.60 14.67
CA GLN C 387 -2.50 27.35 13.94
C GLN C 387 -1.36 26.54 14.55
N ILE C 388 -0.16 27.15 14.59
CA ILE C 388 1.02 26.48 15.11
C ILE C 388 0.89 26.05 16.57
N SER C 389 0.22 26.83 17.42
CA SER C 389 0.21 26.44 18.83
C SER C 389 -0.90 25.45 19.19
N CYS C 390 -1.96 25.35 18.38
CA CYS C 390 -3.11 24.53 18.72
C CYS C 390 -3.44 23.42 17.72
N TYR C 391 -2.83 23.41 16.53
CA TYR C 391 -3.07 22.36 15.55
C TYR C 391 -1.82 21.63 15.12
N GLY C 392 -0.77 22.36 14.74
CA GLY C 392 0.46 21.77 14.25
C GLY C 392 1.21 22.76 13.41
N ASN C 393 2.47 22.42 13.11
CA ASN C 393 3.26 23.29 12.26
C ASN C 393 2.49 23.66 11.01
N ASP C 394 2.78 24.84 10.44
CA ASP C 394 2.11 25.25 9.21
C ASP C 394 2.50 24.39 8.00
N SER C 395 3.62 23.65 8.08
CA SER C 395 4.00 22.78 6.97
C SER C 395 3.08 21.57 6.86
N TYR C 396 2.42 21.13 7.93
CA TYR C 396 1.46 20.03 7.83
C TYR C 396 0.14 20.28 8.56
N GLY C 397 0.08 21.23 9.50
CA GLY C 397 -1.20 21.67 10.07
C GLY C 397 -2.06 20.56 10.64
N GLY C 398 -1.44 19.57 11.27
CA GLY C 398 -2.19 18.45 11.82
C GLY C 398 -2.52 17.33 10.86
N MET C 399 -2.01 17.39 9.63
CA MET C 399 -2.18 16.28 8.70
C MET C 399 -0.90 15.46 8.66
N SER C 400 -1.04 14.17 8.39
CA SER C 400 0.15 13.39 8.10
C SER C 400 0.62 13.73 6.68
N GLY C 401 1.89 13.44 6.40
CA GLY C 401 2.45 13.74 5.09
C GLY C 401 1.80 12.98 3.96
N ARG C 402 1.32 11.76 4.23
CA ARG C 402 0.75 11.01 3.12
C ARG C 402 -0.67 11.51 2.84
N ASP C 403 -1.38 11.95 3.87
CA ASP C 403 -2.69 12.55 3.62
C ASP C 403 -2.58 13.88 2.86
N ILE C 404 -1.49 14.61 3.04
CA ILE C 404 -1.26 15.81 2.22
C ILE C 404 -1.16 15.45 0.75
N MET C 405 -0.31 14.48 0.41
CA MET C 405 -0.15 14.07 -0.98
C MET C 405 -1.46 13.57 -1.57
N ALA C 406 -2.19 12.72 -0.83
CA ALA C 406 -3.39 12.14 -1.42
C ALA C 406 -4.48 13.20 -1.63
N LEU C 407 -4.56 14.18 -0.71
CA LEU C 407 -5.47 15.30 -0.89
C LEU C 407 -5.14 16.07 -2.15
N ALA C 408 -3.85 16.32 -2.39
CA ALA C 408 -3.50 17.06 -3.58
C ALA C 408 -3.93 16.32 -4.84
N VAL C 409 -3.76 15.01 -4.87
CA VAL C 409 -4.24 14.25 -6.03
C VAL C 409 -5.76 14.33 -6.12
N GLY C 410 -6.46 14.26 -4.99
CA GLY C 410 -7.90 14.20 -5.03
C GLY C 410 -8.55 15.47 -5.55
N LEU C 411 -8.00 16.64 -5.19
CA LEU C 411 -8.53 17.89 -5.72
C LEU C 411 -8.49 17.91 -7.24
N TYR C 412 -7.39 17.41 -7.84
CA TYR C 412 -7.33 17.29 -9.29
C TYR C 412 -8.39 16.32 -9.82
N GLU C 413 -8.70 15.27 -9.08
CA GLU C 413 -9.69 14.34 -9.59
C GLU C 413 -11.08 14.98 -9.64
N SER C 414 -11.40 15.87 -8.69
CA SER C 414 -12.68 16.55 -8.68
C SER C 414 -12.90 17.51 -9.86
N CYS C 415 -11.85 17.90 -10.59
CA CYS C 415 -12.05 18.73 -11.77
C CYS C 415 -12.48 17.97 -13.01
N ASP C 416 -12.42 16.64 -12.99
CA ASP C 416 -12.68 15.84 -14.17
C ASP C 416 -14.18 15.72 -14.43
N PHE C 417 -14.62 16.09 -15.64
CA PHE C 417 -16.06 16.22 -15.87
C PHE C 417 -16.77 14.88 -15.71
N ASN C 418 -16.15 13.80 -16.18
CA ASN C 418 -16.82 12.50 -16.18
C ASN C 418 -17.01 11.96 -14.77
N TYR C 419 -16.04 12.18 -13.89
CA TYR C 419 -16.22 11.82 -12.49
C TYR C 419 -17.37 12.62 -11.88
N MET C 420 -17.30 13.95 -11.97
CA MET C 420 -18.30 14.82 -11.37
C MET C 420 -19.67 14.65 -12.00
N ASN C 421 -19.73 14.14 -13.23
CA ASN C 421 -20.99 13.90 -13.91
C ASN C 421 -21.62 12.56 -13.51
N GLU C 422 -20.81 11.58 -13.09
CA GLU C 422 -21.40 10.33 -12.55
C GLU C 422 -21.74 10.56 -11.08
N ARG C 423 -20.97 11.40 -10.40
CA ARG C 423 -21.17 11.67 -8.96
C ARG C 423 -22.56 12.27 -8.76
N VAL C 424 -22.86 13.35 -9.48
CA VAL C 424 -24.14 14.07 -9.26
C VAL C 424 -25.28 13.22 -9.84
N ALA C 425 -24.99 12.42 -10.85
CA ALA C 425 -26.03 11.53 -11.40
C ALA C 425 -26.57 10.54 -10.36
N GLN C 426 -25.74 10.17 -9.37
CA GLN C 426 -26.24 9.26 -8.34
C GLN C 426 -27.22 9.96 -7.43
N CYS C 427 -27.06 11.26 -7.23
CA CYS C 427 -28.08 11.98 -6.48
C CYS C 427 -29.36 12.10 -7.29
N ASN C 428 -29.26 12.48 -8.56
CA ASN C 428 -30.47 12.63 -9.34
C ASN C 428 -31.24 11.33 -9.37
N TYR C 429 -30.51 10.23 -9.47
CA TYR C 429 -31.12 8.93 -9.54
C TYR C 429 -31.85 8.59 -8.26
N LEU C 430 -31.37 9.09 -7.13
CA LEU C 430 -31.92 8.75 -5.82
C LEU C 430 -33.18 9.56 -5.55
N ALA C 431 -33.06 10.88 -5.62
CA ALA C 431 -34.22 11.77 -5.52
C ALA C 431 -35.33 11.36 -6.49
N GLU C 432 -34.98 11.17 -7.76
CA GLU C 432 -35.98 10.77 -8.72
C GLU C 432 -36.48 9.35 -8.48
N GLY C 433 -35.71 8.52 -7.78
CA GLY C 433 -36.22 7.21 -7.39
C GLY C 433 -37.24 7.32 -6.28
N PHE C 434 -36.98 8.18 -5.30
CA PHE C 434 -37.96 8.48 -4.25
C PHE C 434 -39.25 8.99 -4.88
N TYR C 435 -39.15 10.05 -5.68
CA TYR C 435 -40.29 10.63 -6.37
C TYR C 435 -41.06 9.55 -7.13
N ASP C 436 -40.38 8.84 -8.01
CA ASP C 436 -41.04 7.78 -8.76
C ASP C 436 -41.76 6.77 -7.86
N ALA C 437 -41.27 6.55 -6.64
CA ALA C 437 -41.89 5.58 -5.72
C ALA C 437 -42.93 6.22 -4.78
N GLY C 438 -43.47 7.39 -5.12
CA GLY C 438 -44.56 7.96 -4.38
C GLY C 438 -44.18 8.66 -3.09
N VAL C 439 -42.93 8.58 -2.66
CA VAL C 439 -42.54 9.28 -1.44
C VAL C 439 -42.84 10.77 -1.62
N LYS C 440 -43.28 11.41 -0.53
CA LYS C 440 -43.68 12.82 -0.54
C LYS C 440 -42.71 13.64 0.30
N GLY C 441 -42.44 14.87 -0.14
CA GLY C 441 -41.51 15.72 0.56
C GLY C 441 -40.08 15.69 0.05
N VAL C 442 -39.84 15.04 -1.09
CA VAL C 442 -38.50 15.01 -1.67
C VAL C 442 -38.20 16.38 -2.27
N VAL C 443 -37.27 17.11 -1.66
CA VAL C 443 -36.81 18.38 -2.24
C VAL C 443 -36.21 18.09 -3.61
N LEU C 444 -36.31 19.07 -4.51
CA LEU C 444 -35.79 18.95 -5.87
C LEU C 444 -35.28 20.30 -6.33
N PRO C 445 -34.29 20.31 -7.24
CA PRO C 445 -33.60 19.08 -7.66
C PRO C 445 -32.60 18.53 -6.60
N ALA C 446 -32.07 17.32 -6.79
CA ALA C 446 -31.12 16.77 -5.83
C ALA C 446 -29.93 17.71 -5.67
N GLY C 447 -29.37 17.74 -4.45
CA GLY C 447 -28.09 18.38 -4.24
C GLY C 447 -26.93 17.66 -4.94
N GLY C 448 -25.75 18.27 -4.87
CA GLY C 448 -24.58 17.66 -5.46
C GLY C 448 -24.03 16.48 -4.69
N HIS C 449 -24.37 16.36 -3.40
CA HIS C 449 -23.86 15.31 -2.55
C HIS C 449 -24.91 14.50 -1.83
N ALA C 450 -26.19 14.85 -1.92
CA ALA C 450 -27.19 14.22 -1.07
C ALA C 450 -28.58 14.52 -1.59
N VAL C 451 -29.55 13.77 -1.07
CA VAL C 451 -30.97 13.97 -1.34
C VAL C 451 -31.62 14.32 -0.01
N TYR C 452 -32.51 15.32 -0.03
CA TYR C 452 -33.20 15.83 1.17
C TYR C 452 -34.70 15.61 1.06
N ILE C 453 -35.30 15.17 2.17
CA ILE C 453 -36.73 14.95 2.29
C ILE C 453 -37.27 15.85 3.38
N ASN C 454 -38.35 16.55 3.08
CA ASN C 454 -38.99 17.45 4.01
C ASN C 454 -39.91 16.66 4.93
N MET C 455 -39.68 16.72 6.24
CA MET C 455 -40.41 15.80 7.12
C MET C 455 -41.87 16.19 7.27
N ASP C 456 -42.19 17.49 7.17
CA ASP C 456 -43.56 17.96 7.25
C ASP C 456 -44.40 17.38 6.11
N GLU C 457 -43.99 17.64 4.87
CA GLU C 457 -44.72 17.05 3.74
C GLU C 457 -44.71 15.52 3.83
N PHE C 458 -43.64 14.93 4.38
CA PHE C 458 -43.55 13.48 4.53
C PHE C 458 -44.64 12.96 5.45
N PHE C 459 -44.69 13.49 6.68
CA PHE C 459 -45.69 13.04 7.62
C PHE C 459 -47.05 13.74 7.43
N ASP C 460 -47.18 14.54 6.38
CA ASP C 460 -48.46 15.12 5.96
C ASP C 460 -49.04 16.03 7.04
N GLY C 461 -48.20 16.92 7.56
CA GLY C 461 -48.60 17.84 8.61
C GLY C 461 -48.87 17.21 9.96
N LYS C 462 -48.99 15.88 10.05
CA LYS C 462 -49.55 15.19 11.22
C LYS C 462 -48.57 15.05 12.38
N ARG C 463 -47.42 15.73 12.36
CA ARG C 463 -46.48 15.72 13.47
C ARG C 463 -46.06 17.14 13.80
N GLY C 464 -45.84 17.40 15.10
CA GLY C 464 -45.50 18.74 15.52
C GLY C 464 -44.01 18.97 15.63
N HIS C 465 -43.62 20.24 15.66
CA HIS C 465 -42.20 20.59 15.71
C HIS C 465 -41.50 19.92 16.88
N ASP C 466 -42.16 19.84 18.03
CA ASP C 466 -41.57 19.23 19.22
C ASP C 466 -41.65 17.71 19.21
N THR C 467 -42.10 17.07 18.13
CA THR C 467 -42.21 15.62 18.11
C THR C 467 -40.93 14.92 17.64
N PHE C 468 -40.04 15.63 16.93
CA PHE C 468 -38.81 15.04 16.43
C PHE C 468 -39.07 13.72 15.70
N ALA C 469 -40.16 13.66 14.94
CA ALA C 469 -40.47 12.45 14.18
C ALA C 469 -39.47 12.19 13.06
N GLY C 470 -38.81 13.25 12.55
CA GLY C 470 -37.75 13.04 11.57
C GLY C 470 -36.64 12.18 12.13
N GLU C 471 -36.20 12.47 13.36
CA GLU C 471 -35.20 11.61 14.00
C GLU C 471 -35.74 10.18 14.19
N GLY C 472 -37.03 10.03 14.44
CA GLY C 472 -37.61 8.69 14.42
C GLY C 472 -37.52 8.04 13.06
N PHE C 473 -37.65 8.83 11.99
CA PHE C 473 -37.50 8.25 10.65
C PHE C 473 -36.07 7.73 10.47
N SER C 474 -35.09 8.56 10.79
CA SER C 474 -33.69 8.18 10.59
C SER C 474 -33.36 6.94 11.41
N LEU C 475 -33.76 6.92 12.68
CA LEU C 475 -33.45 5.77 13.54
C LEU C 475 -34.14 4.50 13.04
N GLU C 476 -35.32 4.64 12.45
CA GLU C 476 -36.03 3.46 11.95
C GLU C 476 -35.38 2.92 10.69
N LEU C 477 -34.77 3.80 9.88
CA LEU C 477 -33.96 3.34 8.76
C LEU C 477 -32.84 2.44 9.24
N ILE C 478 -32.17 2.83 10.34
CA ILE C 478 -31.13 1.99 10.94
C ILE C 478 -31.73 0.64 11.37
N ARG C 479 -32.80 0.68 12.17
CA ARG C 479 -33.31 -0.54 12.81
C ARG C 479 -33.72 -1.59 11.79
N ARG C 480 -34.54 -1.21 10.81
CA ARG C 480 -35.08 -2.21 9.88
C ARG C 480 -34.14 -2.54 8.73
N TYR C 481 -33.33 -1.59 8.29
CA TYR C 481 -32.65 -1.76 7.01
C TYR C 481 -31.14 -1.55 7.05
N GLY C 482 -30.57 -1.21 8.19
CA GLY C 482 -29.15 -0.97 8.21
C GLY C 482 -28.74 0.25 7.42
N ILE C 483 -29.62 1.23 7.31
CA ILE C 483 -29.35 2.48 6.60
C ILE C 483 -29.25 3.60 7.63
N ARG C 484 -28.10 4.27 7.68
CA ARG C 484 -27.94 5.45 8.53
C ARG C 484 -27.97 6.70 7.66
N VAL C 485 -28.87 7.61 8.01
CA VAL C 485 -28.97 8.93 7.43
C VAL C 485 -28.89 9.93 8.57
N SER C 486 -28.97 11.22 8.25
CA SER C 486 -28.85 12.26 9.27
C SER C 486 -30.07 13.17 9.24
N GLU C 487 -30.62 13.45 10.42
CA GLU C 487 -31.64 14.48 10.56
C GLU C 487 -30.95 15.83 10.66
N LEU C 488 -31.41 16.76 9.85
CA LEU C 488 -30.89 18.11 9.74
C LEU C 488 -32.06 19.09 9.75
N GLY C 489 -33.03 18.78 10.60
CA GLY C 489 -34.27 19.55 10.69
C GLY C 489 -34.44 20.25 12.03
N ASP C 490 -35.65 20.20 12.59
CA ASP C 490 -35.92 20.93 13.83
C ASP C 490 -35.20 20.35 15.04
N TYR C 491 -34.69 19.12 14.98
CA TYR C 491 -33.93 18.61 16.12
C TYR C 491 -32.47 19.05 16.06
N SER C 492 -31.81 18.79 14.92
CA SER C 492 -30.36 19.05 14.84
C SER C 492 -30.04 20.52 14.63
N MET C 493 -30.87 21.24 13.89
CA MET C 493 -30.70 22.69 13.75
C MET C 493 -31.24 23.44 14.95
N GLU C 494 -31.69 22.74 15.99
CA GLU C 494 -32.09 23.32 17.27
C GLU C 494 -33.13 24.41 17.08
N TYR C 495 -34.32 23.99 16.64
CA TYR C 495 -35.45 24.90 16.43
C TYR C 495 -35.84 25.60 17.73
N ASP C 496 -36.15 24.82 18.77
CA ASP C 496 -36.59 25.34 20.05
C ASP C 496 -35.50 26.08 20.80
N LEU C 497 -34.33 26.23 20.22
CA LEU C 497 -33.22 26.92 20.87
C LEU C 497 -32.79 28.14 20.07
N LYS C 498 -33.72 28.76 19.35
CA LYS C 498 -33.36 29.82 18.41
C LYS C 498 -34.40 30.93 18.43
N THR C 499 -33.96 32.13 18.04
CA THR C 499 -34.89 33.23 17.88
C THR C 499 -35.92 32.87 16.81
N PRO C 500 -37.09 33.49 16.83
CA PRO C 500 -38.12 33.14 15.83
C PRO C 500 -37.66 33.44 14.42
N GLU C 501 -36.99 34.57 14.21
CA GLU C 501 -36.39 34.86 12.90
C GLU C 501 -35.51 33.69 12.45
N GLN C 502 -34.56 33.30 13.30
CA GLN C 502 -33.76 32.10 13.02
C GLN C 502 -34.63 30.87 12.81
N GLN C 503 -35.75 30.77 13.54
CA GLN C 503 -36.57 29.56 13.48
C GLN C 503 -37.25 29.38 12.12
N ALA C 504 -37.48 30.47 11.38
CA ALA C 504 -38.20 30.37 10.12
C ALA C 504 -37.28 29.97 8.97
N GLU C 505 -35.99 30.25 9.11
CA GLU C 505 -34.99 29.78 8.16
C GLU C 505 -34.63 28.31 8.36
N VAL C 506 -35.01 27.69 9.49
CA VAL C 506 -34.75 26.27 9.71
C VAL C 506 -35.45 25.44 8.65
N CYS C 507 -34.72 24.49 8.04
CA CYS C 507 -35.26 23.55 7.08
C CYS C 507 -35.49 22.21 7.77
N ASN C 508 -36.73 21.70 7.69
CA ASN C 508 -37.09 20.45 8.37
C ASN C 508 -36.91 19.29 7.40
N VAL C 509 -35.66 18.91 7.19
CA VAL C 509 -35.32 17.84 6.26
C VAL C 509 -34.42 16.79 6.91
N VAL C 510 -34.49 15.58 6.34
CA VAL C 510 -33.59 14.45 6.62
C VAL C 510 -32.73 14.18 5.39
N ARG C 511 -31.42 14.10 5.59
CA ARG C 511 -30.48 14.04 4.47
C ARG C 511 -29.96 12.61 4.22
N PHE C 512 -29.89 12.26 2.94
CA PHE C 512 -29.26 11.06 2.44
C PHE C 512 -27.96 11.49 1.74
N ALA C 513 -26.84 11.50 2.48
CA ALA C 513 -25.56 11.91 1.91
C ALA C 513 -24.88 10.73 1.21
N ILE C 514 -24.38 10.95 0.00
CA ILE C 514 -23.85 9.86 -0.84
C ILE C 514 -22.33 9.97 -0.88
N ASP C 515 -21.66 8.98 -0.28
CA ASP C 515 -20.20 8.91 -0.26
C ASP C 515 -19.61 8.97 -1.68
N ARG C 516 -18.53 9.74 -1.83
CA ARG C 516 -17.89 9.84 -3.14
C ARG C 516 -17.23 8.52 -3.50
N SER C 517 -17.63 7.95 -4.64
CA SER C 517 -16.99 6.80 -5.28
C SER C 517 -17.22 5.48 -4.56
N ARG C 518 -17.90 5.48 -3.42
CA ARG C 518 -18.03 4.28 -2.62
C ARG C 518 -19.20 3.38 -3.01
N LEU C 519 -20.36 3.93 -3.41
CA LEU C 519 -21.58 3.17 -3.67
C LEU C 519 -21.88 3.02 -5.16
N THR C 520 -22.75 2.05 -5.46
CA THR C 520 -23.17 1.76 -6.82
C THR C 520 -24.70 1.75 -6.90
N LYS C 521 -25.24 1.56 -8.10
CA LYS C 521 -26.70 1.54 -8.28
C LYS C 521 -27.35 0.54 -7.32
N GLU C 522 -26.70 -0.61 -7.13
CA GLU C 522 -27.26 -1.63 -6.22
C GLU C 522 -27.56 -1.05 -4.85
N HIS C 523 -26.67 -0.19 -4.33
CA HIS C 523 -26.92 0.39 -3.02
C HIS C 523 -28.11 1.34 -3.07
N LEU C 524 -28.22 2.12 -4.15
CA LEU C 524 -29.29 3.10 -4.22
C LEU C 524 -30.64 2.45 -4.44
N ASP C 525 -30.69 1.42 -5.30
CA ASP C 525 -31.93 0.69 -5.48
C ASP C 525 -32.48 0.22 -4.14
N TYR C 526 -31.57 -0.12 -3.22
CA TYR C 526 -31.99 -0.71 -1.97
C TYR C 526 -32.44 0.34 -0.97
N VAL C 527 -31.81 1.52 -0.99
CA VAL C 527 -32.28 2.63 -0.18
C VAL C 527 -33.61 3.16 -0.69
N ILE C 528 -33.80 3.14 -2.01
CA ILE C 528 -35.06 3.55 -2.62
C ILE C 528 -36.20 2.68 -2.13
N ALA C 529 -36.05 1.34 -2.26
CA ALA C 529 -37.09 0.42 -1.81
C ALA C 529 -37.33 0.54 -0.31
N ALA C 530 -36.26 0.71 0.47
CA ALA C 530 -36.42 0.73 1.91
C ALA C 530 -37.18 1.97 2.33
N VAL C 531 -36.96 3.09 1.63
CA VAL C 531 -37.69 4.31 1.99
C VAL C 531 -39.14 4.21 1.57
N LYS C 532 -39.40 3.61 0.41
CA LYS C 532 -40.78 3.43 -0.03
C LYS C 532 -41.57 2.65 1.01
N ALA C 533 -41.01 1.53 1.47
CA ALA C 533 -41.72 0.74 2.49
C ALA C 533 -41.95 1.56 3.76
N LEU C 534 -41.00 2.38 4.14
CA LEU C 534 -41.14 3.01 5.43
C LEU C 534 -41.97 4.30 5.32
N TYR C 535 -42.05 4.88 4.13
CA TYR C 535 -43.06 5.92 3.86
C TYR C 535 -44.47 5.33 3.97
N GLU C 536 -44.72 4.20 3.31
CA GLU C 536 -46.02 3.54 3.38
C GLU C 536 -46.39 3.13 4.81
N ASP C 537 -45.42 3.14 5.75
CA ASP C 537 -45.69 2.82 7.14
C ASP C 537 -45.39 4.01 8.07
N ARG C 538 -45.43 5.22 7.54
CA ARG C 538 -45.04 6.37 8.36
C ARG C 538 -45.95 6.54 9.57
N GLU C 539 -47.18 6.02 9.51
CA GLU C 539 -48.06 6.04 10.67
C GLU C 539 -47.43 5.37 11.89
N ASN C 540 -46.45 4.48 11.69
CA ASN C 540 -45.85 3.67 12.75
C ASN C 540 -44.47 4.14 13.18
N ILE C 541 -43.93 5.18 12.57
CA ILE C 541 -42.63 5.70 12.97
C ILE C 541 -42.75 6.39 14.32
N PRO C 542 -41.91 6.05 15.31
CA PRO C 542 -42.02 6.69 16.61
C PRO C 542 -41.58 8.14 16.57
N ASN C 543 -42.03 8.90 17.58
CA ASN C 543 -41.50 10.22 17.90
C ASN C 543 -40.30 10.08 18.83
N MET C 544 -39.50 11.13 18.93
CA MET C 544 -38.26 11.09 19.71
C MET C 544 -38.27 12.16 20.79
N ARG C 545 -37.99 11.75 22.02
CA ARG C 545 -37.89 12.64 23.16
C ARG C 545 -36.43 12.79 23.56
N ILE C 546 -35.96 14.03 23.68
CA ILE C 546 -34.63 14.29 24.25
C ILE C 546 -34.67 14.02 25.75
N VAL C 547 -33.90 13.04 26.20
CA VAL C 547 -33.82 12.76 27.64
C VAL C 547 -32.66 13.53 28.28
N TRP C 548 -31.63 13.88 27.51
CA TRP C 548 -30.52 14.62 28.07
C TRP C 548 -29.84 15.44 26.98
N GLY C 549 -29.26 16.57 27.39
CA GLY C 549 -28.53 17.45 26.49
C GLY C 549 -29.38 18.27 25.56
N HIS C 550 -30.59 18.68 25.99
CA HIS C 550 -31.46 19.49 25.14
C HIS C 550 -30.83 20.84 24.79
N ASN C 551 -29.94 21.34 25.64
CA ASN C 551 -29.37 22.67 25.45
C ASN C 551 -27.92 22.69 24.96
N LEU C 552 -27.32 21.54 24.67
CA LEU C 552 -25.88 21.53 24.45
C LEU C 552 -25.51 22.13 23.10
N PRO C 553 -24.33 22.74 23.00
CA PRO C 553 -23.91 23.33 21.72
C PRO C 553 -23.71 22.24 20.69
N MET C 554 -24.40 22.37 19.55
CA MET C 554 -24.38 21.36 18.49
C MET C 554 -24.90 20.00 18.99
N ARG C 555 -26.07 20.05 19.65
CA ARG C 555 -26.52 18.95 20.51
C ARG C 555 -26.73 17.64 19.76
N HIS C 556 -26.80 17.65 18.42
CA HIS C 556 -27.10 16.42 17.70
C HIS C 556 -25.91 15.43 17.72
N PHE C 557 -24.72 15.85 18.14
CA PHE C 557 -23.57 14.98 18.35
C PHE C 557 -23.50 14.45 19.80
N HIS C 558 -24.35 14.93 20.68
CA HIS C 558 -24.21 14.69 22.10
C HIS C 558 -25.45 14.08 22.74
N ALA C 559 -26.63 14.46 22.27
CA ALA C 559 -27.88 14.27 22.99
C ALA C 559 -28.22 12.79 23.13
N PHE C 560 -29.05 12.49 24.13
CA PHE C 560 -29.68 11.18 24.33
C PHE C 560 -31.16 11.27 24.00
N LEU C 561 -31.68 10.22 23.35
CA LEU C 561 -33.07 10.18 22.94
C LEU C 561 -33.72 8.89 23.43
N GLU C 562 -35.06 8.85 23.35
CA GLU C 562 -35.90 7.70 23.70
C GLU C 562 -37.10 7.74 22.78
N PRO C 563 -37.51 6.59 22.18
CA PRO C 563 -38.67 6.56 21.32
C PRO C 563 -40.02 6.51 22.06
N TYR C 564 -41.03 7.10 21.46
CA TYR C 564 -42.41 7.04 22.01
C TYR C 564 -43.37 7.04 20.84
N ALA C 565 -44.49 6.36 20.98
CA ALA C 565 -45.44 6.25 19.85
C ALA C 565 -46.15 7.59 19.61
N ASN C 566 -46.72 7.75 18.42
CA ASN C 566 -47.41 9.01 18.08
C ASN C 566 -48.91 8.90 18.39
N GLU C 567 -49.46 9.91 19.03
CA GLU C 567 -50.90 9.95 19.32
C GLU C 567 -51.63 10.95 18.43
N LYS D 24 22.93 -23.19 25.30
CA LYS D 24 24.17 -23.10 24.53
C LYS D 24 24.37 -21.65 24.06
N GLN D 25 25.59 -21.13 24.25
CA GLN D 25 25.90 -19.74 23.97
C GLN D 25 27.04 -19.66 22.99
N TYR D 26 26.91 -18.79 21.98
CA TYR D 26 27.98 -18.55 21.02
C TYR D 26 28.19 -17.04 20.90
N PRO D 27 28.57 -16.39 22.01
CA PRO D 27 28.47 -14.93 22.08
C PRO D 27 29.46 -14.24 21.16
N LEU D 28 29.18 -12.97 20.87
CA LEU D 28 30.09 -12.19 20.03
C LEU D 28 30.18 -10.79 20.60
N ASN D 29 31.24 -10.08 20.21
CA ASN D 29 31.45 -8.70 20.67
C ASN D 29 30.65 -7.69 19.89
N VAL D 30 29.59 -8.11 19.21
CA VAL D 30 28.67 -7.23 18.49
C VAL D 30 27.30 -7.87 18.61
N PRO D 31 26.23 -7.11 18.75
CA PRO D 31 24.93 -7.72 18.99
C PRO D 31 24.24 -8.08 17.68
N ALA D 32 23.37 -9.07 17.76
CA ALA D 32 22.56 -9.46 16.62
C ALA D 32 21.57 -8.34 16.31
N PRO D 33 21.44 -7.92 15.04
CA PRO D 33 20.42 -6.91 14.72
C PRO D 33 19.05 -7.46 15.07
N HIS D 34 18.09 -6.55 15.32
CA HIS D 34 16.72 -7.05 15.50
C HIS D 34 15.71 -6.51 14.52
N HIS D 35 16.12 -5.70 13.55
CA HIS D 35 15.21 -5.39 12.44
C HIS D 35 16.01 -5.20 11.16
N PHE D 36 15.30 -5.12 10.04
CA PHE D 36 15.96 -4.74 8.79
C PHE D 36 15.09 -3.75 8.02
N THR D 37 15.71 -3.17 6.98
CA THR D 37 15.03 -2.25 6.07
C THR D 37 14.03 -3.01 5.18
N TYR D 38 12.74 -2.71 5.34
CA TYR D 38 11.71 -3.33 4.51
C TYR D 38 11.52 -2.59 3.19
N ALA D 39 11.66 -1.26 3.22
CA ALA D 39 11.58 -0.43 2.04
C ALA D 39 12.51 0.77 2.20
N VAL D 40 12.98 1.31 1.09
CA VAL D 40 14.03 2.32 1.14
C VAL D 40 13.55 3.58 0.44
N ARG D 41 14.22 4.68 0.79
CA ARG D 41 13.98 5.97 0.18
C ARG D 41 15.31 6.69 0.01
N ASP D 42 15.55 7.17 -1.21
CA ASP D 42 16.79 7.88 -1.56
C ASP D 42 16.80 9.31 -1.00
N LEU D 43 18.00 9.76 -0.67
CA LEU D 43 18.32 11.10 -0.17
C LEU D 43 18.82 11.96 -1.33
N PRO D 44 18.56 13.26 -1.34
CA PRO D 44 18.92 14.08 -2.50
C PRO D 44 20.41 14.41 -2.51
N GLU D 45 20.89 14.78 -3.68
CA GLU D 45 22.27 15.22 -3.85
C GLU D 45 22.27 16.75 -3.97
N VAL D 46 22.96 17.40 -3.05
CA VAL D 46 22.84 18.85 -2.81
C VAL D 46 24.26 19.38 -2.57
N THR D 47 24.59 20.51 -3.18
CA THR D 47 25.84 21.18 -2.87
C THR D 47 25.69 22.10 -1.66
N VAL D 48 26.84 22.47 -1.08
CA VAL D 48 26.87 23.52 -0.06
C VAL D 48 26.24 24.79 -0.60
N GLU D 49 26.53 25.14 -1.86
CA GLU D 49 26.07 26.41 -2.39
C GLU D 49 24.55 26.44 -2.49
N GLN D 50 23.93 25.32 -2.86
CA GLN D 50 22.48 25.29 -2.94
C GLN D 50 21.84 25.50 -1.56
N ARG D 51 22.48 25.02 -0.49
CA ARG D 51 21.91 25.15 0.83
C ARG D 51 22.10 26.57 1.37
N GLU D 52 23.11 27.29 0.87
CA GLU D 52 23.21 28.72 1.15
C GLU D 52 22.05 29.50 0.51
N ARG D 53 21.73 29.19 -0.73
CA ARG D 53 20.55 29.86 -1.33
C ARG D 53 19.30 29.57 -0.50
N ALA D 54 19.09 28.34 -0.06
CA ALA D 54 17.81 28.07 0.60
C ALA D 54 17.77 28.73 1.96
N LEU D 55 18.89 28.75 2.67
CA LEU D 55 18.91 29.31 4.01
C LEU D 55 18.45 30.77 3.98
N GLN D 56 19.14 31.60 3.19
CA GLN D 56 18.75 33.00 3.10
C GLN D 56 17.35 33.17 2.53
N ALA D 57 17.00 32.38 1.50
CA ALA D 57 15.67 32.46 0.89
C ALA D 57 14.54 32.19 1.89
N THR D 58 14.87 31.63 3.05
CA THR D 58 13.92 31.26 4.09
C THR D 58 14.26 31.93 5.43
N HIS D 59 14.95 33.06 5.38
CA HIS D 59 15.21 33.90 6.56
C HIS D 59 15.95 33.15 7.65
N TYR D 60 16.71 32.09 7.31
CA TYR D 60 17.52 31.38 8.29
C TYR D 60 16.69 30.77 9.43
N ASN D 61 15.47 30.39 9.11
CA ASN D 61 14.62 29.69 10.10
C ASN D 61 14.71 28.19 9.78
N GLU D 62 15.21 27.40 10.71
CA GLU D 62 15.31 25.94 10.53
C GLU D 62 13.98 25.34 10.06
N PHE D 63 12.87 25.81 10.57
CA PHE D 63 11.56 25.19 10.26
C PHE D 63 11.11 25.53 8.85
N ALA D 64 11.74 26.54 8.24
CA ALA D 64 11.36 26.93 6.89
C ALA D 64 12.30 26.37 5.83
N PHE D 65 13.32 25.64 6.24
CA PHE D 65 14.25 25.02 5.28
C PHE D 65 13.60 23.79 4.62
N PRO D 66 13.71 23.62 3.27
CA PRO D 66 13.10 22.50 2.58
C PRO D 66 13.62 21.11 2.98
N SER D 67 12.71 20.18 3.28
CA SER D 67 13.09 18.82 3.71
C SER D 67 13.91 18.11 2.63
N GLY D 68 13.48 18.23 1.38
CA GLY D 68 14.16 17.54 0.26
C GLY D 68 15.49 18.15 -0.13
N MET D 69 16.09 18.95 0.73
CA MET D 69 17.45 19.46 0.46
C MET D 69 18.36 18.99 1.57
N LEU D 70 17.85 18.14 2.45
CA LEU D 70 18.63 17.75 3.63
C LEU D 70 19.24 16.36 3.47
N THR D 71 20.31 16.11 4.22
CA THR D 71 20.98 14.82 4.23
C THR D 71 20.65 13.99 5.46
N VAL D 72 20.68 14.59 6.64
CA VAL D 72 20.24 13.93 7.85
C VAL D 72 19.37 14.93 8.58
N ASP D 73 18.10 14.61 8.72
CA ASP D 73 17.15 15.51 9.35
C ASP D 73 16.94 15.06 10.80
N MET D 74 17.46 15.84 11.74
CA MET D 74 17.30 15.58 13.17
C MET D 74 16.51 16.69 13.88
N LEU D 75 15.61 17.36 13.15
CA LEU D 75 14.82 18.45 13.72
C LEU D 75 13.91 17.98 14.86
N SER D 76 13.13 16.93 14.61
CA SER D 76 12.19 16.45 15.61
C SER D 76 11.93 14.96 15.42
N ASP D 77 11.78 14.23 16.52
CA ASP D 77 11.33 12.85 16.48
C ASP D 77 9.81 12.77 16.43
N SER D 78 9.13 13.89 16.29
CA SER D 78 7.67 13.92 16.31
C SER D 78 7.14 13.56 14.92
N GLY D 79 6.38 12.49 14.84
CA GLY D 79 5.75 12.13 13.58
C GLY D 79 6.69 11.65 12.48
N THR D 80 8.00 11.55 12.72
CA THR D 80 8.94 11.25 11.63
C THR D 80 9.22 9.75 11.46
N THR D 81 8.52 8.89 12.18
CA THR D 81 8.89 7.49 12.28
C THR D 81 8.78 6.76 10.93
N ALA D 82 9.63 5.76 10.75
CA ALA D 82 9.42 4.79 9.68
C ALA D 82 8.55 3.65 10.23
N MET D 83 7.33 3.51 9.69
CA MET D 83 6.42 2.50 10.24
C MET D 83 6.90 1.07 9.95
N THR D 84 6.45 0.14 10.77
CA THR D 84 6.73 -1.26 10.49
C THR D 84 5.86 -1.71 9.32
N ASN D 85 6.25 -2.82 8.70
CA ASN D 85 5.39 -3.40 7.67
C ASN D 85 4.00 -3.76 8.21
N HIS D 86 3.87 -4.10 9.49
CA HIS D 86 2.51 -4.37 9.97
C HIS D 86 1.67 -3.10 10.10
N GLN D 87 2.31 -1.95 10.36
CA GLN D 87 1.54 -0.71 10.37
C GLN D 87 1.02 -0.40 8.99
N TRP D 88 1.87 -0.60 7.97
CA TRP D 88 1.41 -0.31 6.64
C TRP D 88 0.23 -1.19 6.28
N ALA D 89 0.33 -2.49 6.58
CA ALA D 89 -0.80 -3.39 6.39
C ALA D 89 -2.06 -2.80 6.99
N SER D 90 -1.94 -2.25 8.20
CA SER D 90 -3.10 -1.80 8.96
C SER D 90 -3.79 -0.61 8.33
N LEU D 91 -3.05 0.24 7.60
CA LEU D 91 -3.71 1.32 6.86
C LEU D 91 -4.90 0.79 6.07
N PHE D 92 -4.76 -0.39 5.44
CA PHE D 92 -5.81 -0.97 4.61
C PHE D 92 -6.96 -1.53 5.42
N LEU D 93 -6.82 -1.57 6.74
CA LEU D 93 -7.92 -1.98 7.61
C LEU D 93 -8.64 -0.79 8.22
N GLY D 94 -8.17 0.43 7.95
CA GLY D 94 -8.80 1.60 8.52
C GLY D 94 -10.23 1.75 8.04
N ASP D 95 -11.07 2.33 8.89
CA ASP D 95 -12.48 2.55 8.62
C ASP D 95 -12.69 4.05 8.48
N GLU D 96 -13.23 4.49 7.35
CA GLU D 96 -13.37 5.92 7.10
C GLU D 96 -14.79 6.43 7.35
N ALA D 97 -15.69 5.59 7.88
CA ALA D 97 -17.02 6.04 8.22
C ALA D 97 -16.93 7.24 9.16
N TYR D 98 -17.97 8.12 9.12
CA TYR D 98 -17.91 9.35 9.92
C TYR D 98 -18.28 9.09 11.38
N GLY D 99 -19.22 8.22 11.63
CA GLY D 99 -19.67 7.92 12.98
C GLY D 99 -19.21 6.56 13.45
N ARG D 100 -18.44 6.55 14.54
CA ARG D 100 -18.02 5.32 15.21
C ARG D 100 -17.27 4.37 14.27
N ASN D 101 -16.21 4.88 13.64
CA ASN D 101 -15.42 4.01 12.77
C ASN D 101 -14.80 2.94 13.67
N THR D 102 -14.55 1.74 13.10
CA THR D 102 -14.15 0.63 13.97
C THR D 102 -12.84 0.92 14.71
N GLY D 103 -11.94 1.72 14.13
CA GLY D 103 -10.66 1.97 14.78
C GLY D 103 -10.79 2.75 16.06
N TYR D 104 -11.89 3.50 16.23
CA TYR D 104 -12.11 4.23 17.48
C TYR D 104 -12.12 3.27 18.66
N TYR D 105 -12.91 2.22 18.57
CA TYR D 105 -12.94 1.20 19.61
C TYR D 105 -11.57 0.54 19.78
N VAL D 106 -10.90 0.21 18.68
CA VAL D 106 -9.60 -0.46 18.75
C VAL D 106 -8.56 0.43 19.41
N LEU D 107 -8.51 1.71 19.04
CA LEU D 107 -7.57 2.63 19.67
C LEU D 107 -7.80 2.70 21.16
N LEU D 108 -9.05 2.91 21.56
CA LEU D 108 -9.32 3.10 22.98
C LEU D 108 -8.92 1.84 23.75
N ASP D 109 -9.22 0.66 23.21
CA ASP D 109 -8.89 -0.51 24.00
C ASP D 109 -7.40 -0.85 23.93
N THR D 110 -6.67 -0.28 22.96
CA THR D 110 -5.22 -0.40 22.98
C THR D 110 -4.61 0.45 24.11
N PHE D 111 -5.15 1.66 24.32
CA PHE D 111 -4.75 2.43 25.49
C PHE D 111 -5.06 1.64 26.78
N ARG D 112 -6.27 1.12 26.90
CA ARG D 112 -6.57 0.25 28.05
C ARG D 112 -5.52 -0.84 28.22
N ASP D 113 -5.26 -1.63 27.16
CA ASP D 113 -4.24 -2.68 27.23
C ASP D 113 -2.93 -2.18 27.81
N ILE D 114 -2.32 -1.21 27.20
CA ILE D 114 -0.95 -0.83 27.64
C ILE D 114 -0.91 -0.06 28.96
N PHE D 115 -1.90 0.79 29.22
CA PHE D 115 -1.79 1.71 30.39
C PHE D 115 -2.67 1.35 31.57
N GLU D 116 -3.50 0.30 31.46
CA GLU D 116 -4.45 -0.03 32.55
C GLU D 116 -4.42 -1.54 32.86
N ARG D 117 -4.41 -2.40 31.83
CA ARG D 117 -4.50 -3.86 32.09
C ARG D 117 -3.28 -4.37 32.87
N GLY D 118 -2.08 -3.95 32.48
CA GLY D 118 -0.87 -4.33 33.27
C GLY D 118 -0.29 -5.66 32.85
N GLY D 119 0.51 -5.66 31.77
CA GLY D 119 1.16 -6.88 31.33
C GLY D 119 0.57 -7.48 30.06
N GLU D 120 1.46 -7.91 29.16
CA GLU D 120 1.03 -8.60 27.93
C GLU D 120 0.07 -9.74 28.23
N LYS D 121 0.31 -10.47 29.30
CA LYS D 121 -0.59 -11.59 29.60
C LYS D 121 -2.01 -11.14 29.89
N ASN D 122 -2.24 -9.84 30.04
CA ASN D 122 -3.56 -9.34 30.38
C ASN D 122 -4.22 -8.58 29.23
N TRP D 123 -3.53 -8.45 28.09
CA TRP D 123 -4.05 -7.70 26.97
C TRP D 123 -5.23 -8.41 26.32
N LYS D 124 -6.23 -7.63 25.91
CA LYS D 124 -7.32 -8.19 25.13
C LYS D 124 -7.02 -8.20 23.63
N LYS D 125 -6.20 -7.27 23.15
CA LYS D 125 -5.81 -7.18 21.75
C LYS D 125 -7.00 -7.36 20.81
N ILE D 126 -8.02 -6.52 20.97
CA ILE D 126 -9.14 -6.56 20.03
C ILE D 126 -8.76 -6.05 18.63
N ILE D 127 -7.62 -5.36 18.51
CA ILE D 127 -7.07 -5.15 17.16
C ILE D 127 -6.99 -6.46 16.36
N ASP D 128 -6.88 -7.59 17.03
CA ASP D 128 -6.70 -8.81 16.25
C ASP D 128 -8.00 -9.30 15.66
N LEU D 129 -9.14 -8.86 16.21
CA LEU D 129 -10.41 -9.17 15.55
C LEU D 129 -10.53 -8.46 14.19
N VAL D 130 -9.99 -7.25 14.06
CA VAL D 130 -9.98 -6.58 12.72
C VAL D 130 -8.93 -7.22 11.81
N ARG D 131 -7.78 -7.58 12.37
CA ARG D 131 -6.66 -8.12 11.57
C ARG D 131 -6.98 -9.51 11.02
N THR D 132 -7.86 -10.25 11.69
CA THR D 132 -8.24 -11.61 11.28
C THR D 132 -9.56 -11.54 10.50
N ASP D 133 -10.02 -10.33 10.18
CA ASP D 133 -11.25 -10.19 9.39
C ASP D 133 -12.40 -11.00 9.99
N CYS D 134 -12.56 -10.90 11.31
CA CYS D 134 -13.70 -11.49 11.99
C CYS D 134 -15.02 -11.07 11.34
N ARG D 135 -15.90 -12.04 11.06
CA ARG D 135 -17.21 -11.73 10.47
C ARG D 135 -18.38 -12.12 11.36
N ASP D 136 -18.13 -12.36 12.64
CA ASP D 136 -19.19 -12.69 13.60
C ASP D 136 -19.67 -11.39 14.22
N VAL D 137 -20.83 -10.91 13.78
CA VAL D 137 -21.33 -9.62 14.25
C VAL D 137 -21.56 -9.66 15.75
N GLU D 138 -22.12 -10.78 16.25
CA GLU D 138 -22.38 -10.91 17.68
C GLU D 138 -21.11 -10.75 18.49
N LYS D 139 -20.06 -11.49 18.11
CA LYS D 139 -18.79 -11.37 18.82
C LYS D 139 -18.27 -9.94 18.77
N MET D 140 -18.26 -9.33 17.57
CA MET D 140 -17.88 -7.93 17.44
C MET D 140 -18.65 -7.01 18.41
N MET D 141 -19.97 -7.21 18.51
CA MET D 141 -20.77 -6.37 19.41
C MET D 141 -20.30 -6.51 20.85
N ASP D 142 -20.14 -7.75 21.31
CA ASP D 142 -19.92 -8.04 22.73
C ASP D 142 -18.49 -7.77 23.16
N GLU D 143 -17.55 -7.77 22.23
CA GLU D 143 -16.16 -7.55 22.59
C GLU D 143 -15.59 -6.24 22.03
N VAL D 144 -16.32 -5.54 21.16
CA VAL D 144 -15.78 -4.34 20.55
C VAL D 144 -16.74 -3.17 20.72
N TYR D 145 -17.89 -3.21 20.04
CA TYR D 145 -18.72 -2.00 19.92
C TYR D 145 -19.42 -1.65 21.23
N LEU D 146 -20.02 -2.63 21.91
CA LEU D 146 -20.87 -2.28 23.05
C LEU D 146 -20.24 -2.54 24.42
N CYS D 147 -18.94 -2.82 24.51
CA CYS D 147 -18.33 -3.09 25.80
C CYS D 147 -18.42 -1.88 26.73
N GLU D 148 -18.70 -2.12 28.00
CA GLU D 148 -18.81 -1.07 29.01
C GLU D 148 -17.57 -1.12 29.87
N TYR D 149 -16.88 0.00 29.97
CA TYR D 149 -15.78 0.17 30.90
C TYR D 149 -16.02 1.45 31.69
N GLU D 150 -15.67 1.42 32.97
CA GLU D 150 -15.74 2.61 33.79
C GLU D 150 -14.65 2.50 34.84
N GLY D 151 -14.36 3.62 35.50
CA GLY D 151 -13.54 3.63 36.69
C GLY D 151 -12.08 3.97 36.46
N GLY D 152 -11.61 3.97 35.21
CA GLY D 152 -10.21 4.24 34.94
C GLY D 152 -10.03 5.41 33.99
N LEU D 153 -8.94 5.35 33.21
CA LEU D 153 -8.63 6.40 32.25
C LEU D 153 -9.47 6.39 30.97
N PHE D 154 -10.21 5.31 30.66
CA PHE D 154 -10.85 5.24 29.35
C PHE D 154 -12.19 4.56 29.48
N ASN D 155 -13.24 5.35 29.70
CA ASN D 155 -14.58 4.80 29.71
C ASN D 155 -14.93 4.24 28.33
N GLY D 156 -15.99 3.47 28.26
CA GLY D 156 -16.40 2.91 26.99
C GLY D 156 -17.86 2.57 27.00
N GLY D 157 -18.47 2.54 25.81
CA GLY D 157 -19.90 2.33 25.76
C GLY D 157 -20.66 3.52 26.34
N ALA D 158 -21.81 3.24 26.95
CA ALA D 158 -22.64 4.32 27.50
C ALA D 158 -21.88 5.13 28.55
N ALA D 159 -20.91 4.51 29.24
CA ALA D 159 -20.18 5.28 30.26
C ALA D 159 -19.31 6.36 29.62
N GLN D 160 -18.74 6.09 28.44
CA GLN D 160 -17.99 7.15 27.77
C GLN D 160 -18.97 8.24 27.26
N MET D 161 -20.21 7.86 26.99
CA MET D 161 -21.21 8.81 26.56
C MET D 161 -21.77 9.64 27.71
N GLU D 162 -21.92 9.03 28.89
CA GLU D 162 -22.46 9.71 30.07
C GLU D 162 -21.39 10.45 30.87
N ARG D 163 -20.18 9.91 30.93
CA ARG D 163 -19.07 10.54 31.64
C ARG D 163 -17.83 10.54 30.74
N PRO D 164 -17.87 11.32 29.65
CA PRO D 164 -16.71 11.38 28.75
C PRO D 164 -15.43 11.68 29.52
N ASN D 165 -14.38 10.94 29.22
CA ASN D 165 -13.09 11.17 29.89
C ASN D 165 -11.91 10.81 29.02
N ALA D 166 -12.12 10.45 27.74
CA ALA D 166 -11.02 10.17 26.81
C ALA D 166 -11.29 10.90 25.51
N PHE D 167 -10.25 11.49 24.96
CA PHE D 167 -10.46 12.39 23.83
C PHE D 167 -9.35 12.13 22.83
N ILE D 168 -9.69 11.48 21.72
CA ILE D 168 -8.77 11.30 20.62
C ILE D 168 -8.62 12.62 19.87
N ILE D 169 -7.39 13.02 19.62
CA ILE D 169 -7.18 14.26 18.89
C ILE D 169 -5.91 14.09 18.05
N GLN D 170 -5.68 15.02 17.13
CA GLN D 170 -4.57 14.86 16.15
C GLN D 170 -3.18 14.78 16.81
N GLN D 171 -2.93 15.52 17.90
CA GLN D 171 -1.55 15.49 18.46
C GLN D 171 -1.49 16.07 19.87
N GLY D 172 -0.28 16.21 20.43
CA GLY D 172 -0.12 16.68 21.82
C GLY D 172 -0.56 18.12 22.04
N ARG D 173 -0.18 19.05 21.17
CA ARG D 173 -0.52 20.46 21.44
C ARG D 173 -2.03 20.68 21.35
N ALA D 174 -2.69 19.91 20.49
CA ALA D 174 -4.15 19.98 20.44
C ALA D 174 -4.76 19.40 21.72
N ALA D 175 -4.15 18.35 22.27
CA ALA D 175 -4.64 17.79 23.53
C ALA D 175 -4.44 18.78 24.69
N GLU D 176 -3.25 19.40 24.78
CA GLU D 176 -3.00 20.36 25.83
C GLU D 176 -3.85 21.62 25.69
N SER D 177 -4.18 22.02 24.47
CA SER D 177 -4.91 23.27 24.26
C SER D 177 -6.38 23.11 24.57
N VAL D 178 -6.99 22.01 24.12
CA VAL D 178 -8.34 21.72 24.55
C VAL D 178 -8.41 21.66 26.07
N LEU D 179 -7.39 21.06 26.70
CA LEU D 179 -7.35 21.00 28.16
C LEU D 179 -7.13 22.38 28.78
N MET D 180 -6.17 23.13 28.26
CA MET D 180 -5.86 24.42 28.88
C MET D 180 -7.04 25.37 28.77
N GLU D 181 -7.68 25.41 27.61
CA GLU D 181 -8.82 26.32 27.45
C GLU D 181 -9.89 26.04 28.49
N ILE D 182 -10.33 24.77 28.59
CA ILE D 182 -11.35 24.43 29.59
C ILE D 182 -10.93 24.89 30.98
N VAL D 183 -9.70 24.55 31.37
CA VAL D 183 -9.26 24.92 32.71
C VAL D 183 -9.32 26.44 32.91
N ARG D 184 -8.88 27.20 31.91
CA ARG D 184 -8.91 28.67 31.99
C ARG D 184 -10.35 29.18 32.14
N ASN D 185 -11.24 28.76 31.25
CA ASN D 185 -12.64 29.13 31.38
C ASN D 185 -13.13 28.91 32.80
N ILE D 186 -12.93 27.70 33.33
CA ILE D 186 -13.44 27.40 34.66
C ILE D 186 -12.78 28.28 35.72
N LEU D 187 -11.45 28.41 35.65
CA LEU D 187 -10.78 29.23 36.65
C LEU D 187 -11.18 30.69 36.52
N ALA D 188 -11.30 31.17 35.28
CA ALA D 188 -11.68 32.56 35.08
C ALA D 188 -13.04 32.86 35.67
N LYS D 189 -13.96 31.89 35.62
CA LYS D 189 -15.28 32.09 36.22
C LYS D 189 -15.19 32.10 37.75
N ARG D 190 -14.40 31.21 38.33
CA ARG D 190 -14.37 31.09 39.79
C ARG D 190 -13.41 32.05 40.48
N HIS D 191 -12.48 32.67 39.76
CA HIS D 191 -11.49 33.53 40.38
C HIS D 191 -11.03 34.62 39.41
N PRO D 192 -11.95 35.46 38.94
CA PRO D 192 -11.62 36.41 37.88
C PRO D 192 -10.43 37.27 38.26
N GLY D 193 -9.50 37.43 37.30
CA GLY D 193 -8.34 38.28 37.50
C GLY D 193 -7.22 37.70 38.31
N LYS D 194 -7.39 36.50 38.89
CA LYS D 194 -6.29 35.82 39.56
C LYS D 194 -5.51 34.97 38.57
N LYS D 195 -4.19 35.01 38.68
CA LYS D 195 -3.33 34.16 37.87
C LYS D 195 -2.75 33.03 38.70
N PHE D 196 -2.58 31.88 38.07
CA PHE D 196 -2.14 30.68 38.78
C PHE D 196 -0.76 30.25 38.32
N THR D 197 -0.07 29.53 39.21
CA THR D 197 1.23 28.93 38.92
C THR D 197 1.03 27.45 38.63
N ILE D 198 1.45 27.00 37.44
CA ILE D 198 1.43 25.59 37.08
C ILE D 198 2.87 25.07 36.99
N PRO D 199 3.35 24.36 38.00
CA PRO D 199 4.70 23.82 37.97
C PRO D 199 4.76 22.45 37.27
N SER D 200 6.00 22.06 36.95
CA SER D 200 6.27 20.77 36.24
C SER D 200 7.75 20.45 36.44
N ASN D 201 8.19 19.27 36.00
CA ASN D 201 9.64 18.97 36.04
C ASN D 201 10.24 19.55 34.75
N GLY D 202 9.41 19.70 33.72
CA GLY D 202 9.87 20.25 32.43
C GLY D 202 8.72 20.55 31.48
N HIS D 203 8.27 21.81 31.44
CA HIS D 203 7.23 22.23 30.48
C HIS D 203 7.94 22.51 29.16
N PHE D 204 7.57 21.81 28.10
CA PHE D 204 8.25 21.98 26.83
C PHE D 204 7.60 23.15 26.07
N ASP D 205 8.30 23.65 25.05
CA ASP D 205 7.92 24.95 24.49
C ASP D 205 6.43 25.02 24.14
N THR D 206 5.87 23.94 23.59
CA THR D 206 4.45 24.00 23.25
C THR D 206 3.63 24.21 24.52
N THR D 207 3.93 23.42 25.55
CA THR D 207 3.08 23.40 26.74
C THR D 207 3.28 24.68 27.52
N GLU D 208 4.54 25.08 27.66
CA GLU D 208 4.90 26.33 28.35
C GLU D 208 4.34 27.56 27.63
N GLY D 209 4.33 27.54 26.30
CA GLY D 209 3.81 28.67 25.55
C GLY D 209 2.29 28.76 25.58
N ASN D 210 1.62 27.59 25.49
CA ASN D 210 0.18 27.56 25.64
C ASN D 210 -0.25 27.92 27.06
N ILE D 211 0.59 27.61 28.06
CA ILE D 211 0.28 28.03 29.42
C ILE D 211 0.37 29.55 29.54
N LYS D 212 1.53 30.11 29.16
CA LYS D 212 1.72 31.56 29.23
C LYS D 212 0.65 32.29 28.44
N GLN D 213 0.13 31.65 27.38
CA GLN D 213 -0.93 32.25 26.58
C GLN D 213 -2.28 32.21 27.30
N MET D 214 -2.49 31.23 28.18
CA MET D 214 -3.71 31.16 28.97
C MET D 214 -3.69 32.15 30.13
N GLY D 215 -2.55 32.75 30.45
CA GLY D 215 -2.42 33.65 31.57
C GLY D 215 -1.73 33.07 32.80
N SER D 216 -1.35 31.79 32.77
CA SER D 216 -0.75 31.19 33.94
C SER D 216 0.77 31.33 33.90
N ILE D 217 1.41 31.02 35.03
CA ILE D 217 2.87 31.09 35.17
C ILE D 217 3.42 29.67 35.19
N PRO D 218 4.24 29.28 34.23
CA PRO D 218 4.86 27.95 34.29
C PRO D 218 6.19 27.96 35.02
N ARG D 219 6.50 26.83 35.67
CA ARG D 219 7.76 26.67 36.40
C ARG D 219 8.30 25.25 36.21
N ASN D 220 9.63 25.14 36.02
CA ASN D 220 10.34 23.87 35.80
C ASN D 220 11.21 23.55 37.01
N LEU D 221 10.83 22.54 37.80
CA LEU D 221 11.50 22.20 39.06
C LEU D 221 12.32 20.92 38.90
N TYR D 222 13.64 21.06 38.84
CA TYR D 222 14.55 19.94 38.73
C TYR D 222 15.90 20.37 39.31
N ASN D 223 16.81 19.40 39.42
CA ASN D 223 18.16 19.64 39.90
C ASN D 223 19.04 20.00 38.71
N LYS D 224 19.09 21.30 38.39
CA LYS D 224 19.94 21.74 37.28
C LYS D 224 21.42 21.46 37.53
N THR D 225 21.79 21.01 38.73
CA THR D 225 23.19 20.74 39.06
C THR D 225 23.59 19.35 38.60
N LEU D 226 22.80 18.33 38.98
CA LEU D 226 23.07 16.97 38.51
C LEU D 226 23.10 16.91 37.00
N LEU D 227 22.25 17.72 36.35
CA LEU D 227 22.15 17.69 34.90
C LEU D 227 23.51 17.78 34.22
N TRP D 228 24.39 18.67 34.71
CA TRP D 228 25.64 18.98 34.02
C TRP D 228 26.82 18.13 34.45
N GLU D 229 26.68 17.32 35.49
CA GLU D 229 27.75 16.37 35.79
C GLU D 229 27.88 15.32 34.68
N THR D 230 29.11 14.99 34.32
CA THR D 230 29.34 13.85 33.45
C THR D 230 30.22 12.79 34.13
N PRO D 231 29.97 11.52 33.82
CA PRO D 231 30.55 10.43 34.62
C PRO D 231 31.96 10.03 34.18
N GLU D 232 32.63 9.35 35.10
CA GLU D 232 33.95 8.80 34.81
C GLU D 232 33.91 7.93 33.56
N GLY D 233 34.76 8.26 32.58
CA GLY D 233 34.82 7.49 31.36
C GLY D 233 33.74 7.79 30.34
N GLY D 234 32.77 8.63 30.68
CA GLY D 234 31.74 9.04 29.74
C GLY D 234 30.44 8.28 29.86
N ARG D 235 30.38 7.23 30.68
CA ARG D 235 29.19 6.39 30.80
C ARG D 235 28.91 6.11 32.26
N TYR D 236 27.82 6.68 32.79
CA TYR D 236 27.31 6.25 34.08
C TYR D 236 27.16 4.74 34.10
N GLU D 237 27.26 4.17 35.29
CA GLU D 237 26.95 2.76 35.41
C GLU D 237 25.46 2.54 35.56
N LYS D 238 24.78 3.44 36.25
CA LYS D 238 23.33 3.46 36.28
C LYS D 238 22.86 4.84 35.85
N ASN D 239 21.72 4.88 35.21
CA ASN D 239 21.13 6.15 34.78
C ASN D 239 20.62 6.90 36.01
N PRO D 240 21.11 8.12 36.28
CA PRO D 240 20.74 8.85 37.51
C PRO D 240 19.37 9.53 37.47
N PHE D 241 18.61 9.37 36.39
CA PHE D 241 17.24 9.90 36.35
C PHE D 241 17.22 11.42 36.53
N LYS D 242 18.09 12.10 35.79
CA LYS D 242 18.17 13.54 35.87
C LYS D 242 16.89 14.25 35.48
N GLY D 243 15.92 13.56 34.91
CA GLY D 243 14.64 14.22 34.62
C GLY D 243 13.72 14.35 35.82
N ASN D 244 14.16 13.80 36.95
CA ASN D 244 13.33 13.81 38.18
C ASN D 244 12.92 15.21 38.61
N MET D 245 11.70 15.33 39.16
CA MET D 245 11.23 16.64 39.69
C MET D 245 11.82 16.82 41.09
N ASP D 246 12.45 17.96 41.38
CA ASP D 246 12.96 18.22 42.74
C ASP D 246 11.76 18.32 43.66
N ILE D 247 11.68 17.45 44.65
CA ILE D 247 10.50 17.38 45.50
C ILE D 247 10.48 18.49 46.55
N GLU D 248 11.64 18.95 47.01
CA GLU D 248 11.68 20.12 47.89
C GLU D 248 11.25 21.36 47.15
N LYS D 249 11.89 21.62 46.00
CA LYS D 249 11.52 22.77 45.19
C LYS D 249 10.02 22.77 44.92
N LEU D 250 9.43 21.60 44.63
CA LEU D 250 7.99 21.56 44.39
C LEU D 250 7.19 21.95 45.64
N GLU D 251 7.64 21.55 46.82
CA GLU D 251 6.82 21.88 47.99
C GLU D 251 7.10 23.30 48.51
N GLN D 252 8.32 23.80 48.36
CA GLN D 252 8.58 25.21 48.61
C GLN D 252 7.82 26.12 47.67
N LEU D 253 7.52 25.65 46.45
CA LEU D 253 6.72 26.44 45.52
C LEU D 253 5.25 26.43 45.90
N ILE D 254 4.74 25.30 46.42
CA ILE D 254 3.33 25.23 46.79
C ILE D 254 3.07 26.00 48.08
N GLN D 255 3.89 25.74 49.11
CA GLN D 255 3.73 26.48 50.37
C GLN D 255 4.04 27.95 50.16
N GLY D 256 4.95 28.26 49.24
CA GLY D 256 5.32 29.63 48.94
C GLY D 256 4.22 30.44 48.32
N VAL D 257 3.72 30.03 47.15
CA VAL D 257 2.70 30.82 46.48
C VAL D 257 1.30 30.51 46.98
N GLY D 258 1.12 29.48 47.78
CA GLY D 258 -0.22 29.07 48.19
C GLY D 258 -0.82 27.96 47.33
N PRO D 259 -1.17 26.83 47.96
CA PRO D 259 -1.75 25.71 47.20
C PRO D 259 -2.98 26.09 46.40
N GLU D 260 -3.81 26.95 46.98
CA GLU D 260 -5.00 27.45 46.29
C GLU D 260 -4.63 28.23 45.04
N ASN D 261 -3.37 28.63 44.89
CA ASN D 261 -2.90 29.27 43.66
C ASN D 261 -2.30 28.27 42.66
N VAL D 262 -2.27 26.98 43.00
CA VAL D 262 -1.70 25.93 42.13
C VAL D 262 -2.81 24.98 41.71
N PRO D 263 -3.44 25.22 40.55
CA PRO D 263 -4.63 24.42 40.17
C PRO D 263 -4.31 23.06 39.54
N LEU D 264 -3.10 22.86 39.00
CA LEU D 264 -2.71 21.57 38.43
C LEU D 264 -1.21 21.42 38.57
N ILE D 265 -0.76 20.18 38.71
CA ILE D 265 0.67 19.85 38.71
C ILE D 265 0.96 18.91 37.54
N PHE D 266 1.95 19.30 36.73
CA PHE D 266 2.35 18.60 35.51
C PHE D 266 3.65 17.84 35.73
N THR D 267 3.77 16.67 35.08
CA THR D 267 5.04 15.93 35.04
C THR D 267 5.23 15.39 33.63
N CYS D 268 6.46 15.50 33.13
CA CYS D 268 6.79 15.17 31.76
C CYS D 268 7.63 13.89 31.74
N ILE D 269 7.24 12.95 30.89
CA ILE D 269 7.87 11.64 30.81
C ILE D 269 8.12 11.30 29.36
N THR D 270 9.38 11.16 28.97
CA THR D 270 10.54 11.57 29.78
C THR D 270 10.60 13.09 29.81
N ASN D 271 11.65 13.66 30.40
CA ASN D 271 11.75 15.13 30.57
C ASN D 271 12.40 15.77 29.35
N ASN D 272 11.59 16.21 28.38
CA ASN D 272 12.14 16.67 27.10
C ASN D 272 12.93 17.97 27.27
N PRO D 273 12.39 19.01 27.91
CA PRO D 273 13.20 20.21 28.21
C PRO D 273 14.53 19.90 28.90
N VAL D 274 14.52 19.05 29.90
CA VAL D 274 15.75 18.70 30.62
C VAL D 274 16.50 17.58 29.90
N CYS D 275 16.91 17.85 28.67
CA CYS D 275 17.74 16.92 27.88
C CYS D 275 17.17 15.49 27.88
N GLY D 276 15.88 15.36 27.58
CA GLY D 276 15.21 14.07 27.54
C GLY D 276 15.65 13.04 28.58
N GLN D 277 15.79 13.46 29.83
CA GLN D 277 16.33 12.59 30.85
C GLN D 277 15.22 11.82 31.57
N ALA D 278 15.55 10.63 32.02
CA ALA D 278 14.53 9.73 32.55
C ALA D 278 13.97 10.25 33.86
N VAL D 279 12.77 9.78 34.18
CA VAL D 279 12.08 10.06 35.44
C VAL D 279 11.74 8.72 36.08
N SER D 280 12.02 8.60 37.37
CA SER D 280 11.93 7.30 38.05
C SER D 280 10.53 7.06 38.62
N MET D 281 10.28 5.80 38.97
CA MET D 281 8.98 5.41 39.52
C MET D 281 8.82 5.95 40.94
N GLY D 282 9.91 5.96 41.71
CA GLY D 282 9.86 6.57 43.04
C GLY D 282 9.60 8.06 42.98
N ASN D 283 10.15 8.73 41.97
CA ASN D 283 9.85 10.14 41.76
C ASN D 283 8.39 10.37 41.43
N LEU D 284 7.80 9.52 40.57
CA LEU D 284 6.40 9.71 40.28
C LEU D 284 5.55 9.46 41.51
N LYS D 285 5.98 8.55 42.39
CA LYS D 285 5.23 8.28 43.63
C LYS D 285 5.27 9.46 44.59
N GLU D 286 6.40 10.18 44.62
CA GLU D 286 6.52 11.38 45.43
C GLU D 286 5.62 12.49 44.92
N ILE D 287 5.70 12.79 43.62
CA ILE D 287 4.83 13.83 43.05
C ILE D 287 3.38 13.53 43.36
N ASN D 288 2.99 12.26 43.22
CA ASN D 288 1.62 11.86 43.57
C ASN D 288 1.31 12.18 45.03
N ARG D 289 2.27 11.94 45.93
CA ARG D 289 2.04 12.19 47.34
C ARG D 289 1.80 13.68 47.60
N VAL D 290 2.81 14.50 47.32
CA VAL D 290 2.74 15.95 47.48
C VAL D 290 1.48 16.50 46.81
N ALA D 291 1.20 16.09 45.57
CA ALA D 291 0.08 16.68 44.88
C ALA D 291 -1.24 16.37 45.58
N HIS D 292 -1.45 15.09 45.91
CA HIS D 292 -2.67 14.70 46.60
C HIS D 292 -2.72 15.25 48.03
N LYS D 293 -1.56 15.45 48.66
CA LYS D 293 -1.50 16.09 49.97
C LYS D 293 -2.25 17.41 49.98
N TYR D 294 -2.13 18.18 48.90
CA TYR D 294 -2.77 19.48 48.76
C TYR D 294 -4.05 19.42 47.94
N ASN D 295 -4.51 18.23 47.60
CA ASN D 295 -5.72 18.05 46.82
C ASN D 295 -5.56 18.56 45.38
N ILE D 296 -4.34 18.51 44.85
CA ILE D 296 -4.02 19.09 43.53
C ILE D 296 -3.98 17.99 42.49
N PRO D 297 -4.82 18.03 41.45
CA PRO D 297 -4.73 17.02 40.37
C PRO D 297 -3.38 17.06 39.65
N LEU D 298 -2.85 15.86 39.39
CA LEU D 298 -1.53 15.64 38.77
C LEU D 298 -1.72 15.18 37.33
N VAL D 299 -1.17 15.96 36.39
CA VAL D 299 -1.33 15.72 34.96
C VAL D 299 0.01 15.28 34.38
N PHE D 300 0.03 14.14 33.68
CA PHE D 300 1.25 13.68 33.02
C PHE D 300 1.28 14.13 31.55
N ASP D 301 2.46 14.57 31.11
CA ASP D 301 2.78 14.68 29.70
C ASP D 301 3.56 13.41 29.33
N THR D 302 2.94 12.55 28.53
CA THR D 302 3.44 11.18 28.38
C THR D 302 3.85 10.86 26.95
N ALA D 303 4.30 11.86 26.19
CA ALA D 303 4.70 11.62 24.81
C ALA D 303 5.75 10.49 24.69
N ARG D 304 6.73 10.46 25.58
CA ARG D 304 7.83 9.48 25.54
C ARG D 304 7.71 8.48 26.68
N TRP D 305 6.47 8.16 27.02
CA TRP D 305 6.18 7.11 28.00
C TRP D 305 7.07 5.86 27.82
N ALA D 306 7.19 5.34 26.58
CA ALA D 306 7.85 4.04 26.45
C ALA D 306 9.37 4.13 26.62
N GLU D 307 9.99 5.19 26.12
CA GLU D 307 11.40 5.38 26.43
C GLU D 307 11.61 5.46 27.94
N ASN D 308 10.70 6.16 28.64
CA ASN D 308 10.88 6.27 30.08
C ASN D 308 10.68 4.92 30.77
N ALA D 309 9.71 4.14 30.33
CA ALA D 309 9.52 2.81 30.93
C ALA D 309 10.78 1.98 30.81
N TYR D 310 11.46 2.10 29.66
CA TYR D 310 12.68 1.35 29.38
C TYR D 310 13.81 1.75 30.32
N PHE D 311 14.02 3.06 30.52
CA PHE D 311 15.04 3.51 31.47
C PHE D 311 14.78 2.94 32.87
N ILE D 312 13.52 2.90 33.30
CA ILE D 312 13.18 2.36 34.61
C ILE D 312 13.57 0.89 34.70
N LYS D 313 13.02 0.08 33.77
CA LYS D 313 13.35 -1.35 33.72
C LYS D 313 14.86 -1.59 33.80
N MET D 314 15.64 -0.78 33.08
CA MET D 314 17.08 -0.95 32.97
C MET D 314 17.87 -0.41 34.16
N ASN D 315 17.26 0.33 35.09
CA ASN D 315 18.08 1.08 36.03
C ASN D 315 17.53 1.19 37.44
N GLU D 316 16.22 1.12 37.65
CA GLU D 316 15.61 1.30 38.96
C GLU D 316 15.45 -0.04 39.66
N GLU D 317 15.99 -0.14 40.89
CA GLU D 317 16.05 -1.44 41.57
C GLU D 317 14.65 -2.05 41.65
N GLY D 318 14.58 -3.37 41.49
CA GLY D 318 13.32 -4.08 41.53
C GLY D 318 12.54 -4.16 40.22
N TYR D 319 12.89 -3.36 39.20
CA TYR D 319 12.09 -3.30 37.97
C TYR D 319 12.73 -3.99 36.78
N ALA D 320 13.78 -4.77 37.00
CA ALA D 320 14.54 -5.34 35.88
C ALA D 320 13.81 -6.50 35.21
N ASP D 321 12.86 -7.15 35.90
CA ASP D 321 12.15 -8.30 35.36
C ASP D 321 10.68 -7.99 35.07
N LYS D 322 10.30 -6.73 35.10
CA LYS D 322 8.98 -6.33 34.64
C LYS D 322 9.11 -5.87 33.19
N SER D 323 8.02 -5.96 32.45
CA SER D 323 8.01 -5.59 31.05
C SER D 323 7.67 -4.11 30.87
N ILE D 324 7.97 -3.57 29.67
CA ILE D 324 7.58 -2.18 29.39
C ILE D 324 6.06 -2.00 29.54
N ALA D 325 5.28 -2.95 29.03
CA ALA D 325 3.84 -2.86 29.22
C ALA D 325 3.48 -2.82 30.70
N GLU D 326 4.20 -3.58 31.55
CA GLU D 326 3.90 -3.55 32.98
C GLU D 326 4.22 -2.18 33.59
N ILE D 327 5.44 -1.71 33.39
CA ILE D 327 5.87 -0.40 33.86
C ILE D 327 4.98 0.71 33.34
N ALA D 328 4.45 0.57 32.11
CA ALA D 328 3.60 1.63 31.58
C ALA D 328 2.32 1.74 32.39
N THR D 329 1.75 0.61 32.78
CA THR D 329 0.52 0.69 33.55
C THR D 329 0.80 1.30 34.92
N GLU D 330 1.98 0.97 35.49
CA GLU D 330 2.34 1.44 36.83
C GLU D 330 2.58 2.95 36.85
N MET D 331 3.41 3.45 35.93
CA MET D 331 3.58 4.89 35.80
C MET D 331 2.21 5.58 35.73
N PHE D 332 1.31 5.05 34.91
CA PHE D 332 0.06 5.78 34.76
C PHE D 332 -0.86 5.64 35.98
N SER D 333 -0.57 4.72 36.91
CA SER D 333 -1.42 4.68 38.11
C SER D 333 -1.30 5.96 38.91
N TYR D 334 -0.15 6.65 38.79
CA TYR D 334 0.15 7.82 39.61
C TYR D 334 -0.46 9.12 39.12
N CYS D 335 -1.12 9.16 37.95
CA CYS D 335 -1.68 10.40 37.43
C CYS D 335 -3.19 10.40 37.56
N ASP D 336 -3.75 11.61 37.58
CA ASP D 336 -5.19 11.80 37.46
C ASP D 336 -5.59 12.13 36.04
N ALA D 337 -4.63 12.46 35.20
CA ALA D 337 -4.91 12.82 33.82
C ALA D 337 -3.59 12.81 33.06
N PHE D 338 -3.69 12.69 31.75
CA PHE D 338 -2.48 12.81 30.97
C PHE D 338 -2.83 13.37 29.60
N THR D 339 -1.83 14.03 29.03
CA THR D 339 -1.82 14.47 27.65
C THR D 339 -0.72 13.69 26.95
N MET D 340 -0.97 13.33 25.70
CA MET D 340 0.01 12.55 24.95
C MET D 340 0.05 12.99 23.50
N SER D 341 1.25 13.19 22.99
CA SER D 341 1.48 13.25 21.55
C SER D 341 1.91 11.84 21.16
N ALA D 342 1.01 11.08 20.54
CA ALA D 342 1.35 9.72 20.10
C ALA D 342 2.22 9.71 18.86
N LYS D 343 2.51 10.86 18.27
CA LYS D 343 3.51 10.98 17.22
C LYS D 343 4.91 10.63 17.70
N LYS D 344 5.14 10.37 18.99
CA LYS D 344 6.46 9.96 19.51
C LYS D 344 6.43 8.50 19.79
N ASP D 345 6.19 8.07 21.04
CA ASP D 345 6.17 6.64 21.31
C ASP D 345 4.89 5.98 20.86
N GLY D 346 4.12 6.63 20.01
CA GLY D 346 3.18 5.83 19.24
C GLY D 346 3.79 5.16 18.03
N HIS D 347 5.06 5.41 17.72
CA HIS D 347 5.71 4.85 16.52
C HIS D 347 4.83 5.05 15.28
N ALA D 348 4.33 6.29 15.13
CA ALA D 348 3.33 6.66 14.13
C ALA D 348 3.62 8.06 13.62
N ASN D 349 2.87 8.49 12.61
CA ASN D 349 3.11 9.80 11.99
C ASN D 349 2.06 10.84 12.40
N MET D 350 1.10 10.46 13.23
CA MET D 350 0.07 11.33 13.74
C MET D 350 -0.67 10.60 14.85
N GLY D 351 -1.11 11.35 15.83
CA GLY D 351 -2.07 10.91 16.83
C GLY D 351 -1.82 11.67 18.14
N GLY D 352 -2.91 11.86 18.87
CA GLY D 352 -2.84 12.51 20.17
C GLY D 352 -3.96 11.96 21.03
N MET D 353 -3.89 12.25 22.34
CA MET D 353 -4.83 11.71 23.31
C MET D 353 -4.83 12.55 24.59
N LEU D 354 -6.03 12.91 25.05
CA LEU D 354 -6.25 13.45 26.40
C LEU D 354 -7.22 12.54 27.14
N ALA D 355 -6.88 12.15 28.37
CA ALA D 355 -7.77 11.34 29.19
C ALA D 355 -7.60 11.75 30.68
N PHE D 356 -8.65 11.55 31.48
CA PHE D 356 -8.57 11.72 32.92
C PHE D 356 -9.36 10.64 33.63
N ARG D 357 -8.95 10.33 34.87
CA ARG D 357 -9.59 9.32 35.71
C ARG D 357 -11.09 9.55 35.84
N ASP D 358 -11.86 8.52 35.57
CA ASP D 358 -13.31 8.55 35.78
C ASP D 358 -13.64 8.92 37.22
N LYS D 359 -14.34 10.05 37.40
CA LYS D 359 -14.71 10.55 38.74
C LYS D 359 -13.50 10.68 39.64
N GLY D 360 -12.37 11.08 39.06
CA GLY D 360 -11.13 11.22 39.79
C GLY D 360 -10.93 12.62 40.33
N LEU D 361 -9.72 12.87 40.81
CA LEU D 361 -9.43 14.16 41.43
C LEU D 361 -9.62 15.32 40.45
N PHE D 362 -9.22 15.15 39.20
CA PHE D 362 -9.39 16.20 38.21
C PHE D 362 -10.87 16.44 37.92
N TRP D 363 -11.68 15.39 37.93
CA TRP D 363 -13.10 15.54 37.63
C TRP D 363 -13.85 16.18 38.80
N LYS D 364 -13.39 15.90 40.02
CA LYS D 364 -14.01 16.48 41.21
C LYS D 364 -13.83 17.99 41.25
N ASN D 365 -12.57 18.45 41.20
CA ASN D 365 -12.30 19.88 41.28
C ASN D 365 -12.95 20.66 40.14
N PHE D 366 -12.91 20.15 38.92
CA PHE D 366 -13.21 21.03 37.78
C PHE D 366 -14.63 20.89 37.27
N SER D 367 -15.41 19.95 37.80
CA SER D 367 -16.83 19.90 37.48
C SER D 367 -17.63 20.78 38.43
N ASP D 368 -18.86 21.08 38.01
CA ASP D 368 -19.82 21.82 38.84
C ASP D 368 -20.82 20.84 39.42
N PHE D 369 -21.08 20.96 40.73
CA PHE D 369 -21.95 20.05 41.44
C PHE D 369 -23.15 20.78 42.04
N ASN D 370 -24.23 20.04 42.20
CA ASN D 370 -25.41 20.52 42.90
C ASN D 370 -25.26 20.31 44.41
N GLU D 371 -26.17 20.92 45.18
CA GLU D 371 -26.11 20.79 46.63
C GLU D 371 -26.26 19.33 47.05
N ASP D 372 -27.16 18.59 46.38
CA ASP D 372 -27.41 17.18 46.65
C ASP D 372 -26.33 16.24 46.10
N GLY D 373 -25.18 16.76 45.67
CA GLY D 373 -24.04 15.92 45.32
C GLY D 373 -23.96 15.47 43.88
N THR D 374 -25.06 15.46 43.14
CA THR D 374 -25.02 15.09 41.73
C THR D 374 -24.30 16.14 40.89
N VAL D 375 -23.67 15.69 39.81
CA VAL D 375 -22.93 16.58 38.94
C VAL D 375 -23.91 17.52 38.24
N LYS D 376 -23.51 18.78 38.06
CA LYS D 376 -24.29 19.75 37.30
C LYS D 376 -23.61 20.14 35.99
N THR D 377 -22.30 20.35 36.01
CA THR D 377 -21.50 20.57 34.80
C THR D 377 -20.32 19.61 34.82
N ASP D 378 -20.33 18.62 33.93
CA ASP D 378 -19.24 17.65 33.82
C ASP D 378 -18.10 18.25 33.00
N VAL D 379 -16.92 18.39 33.60
CA VAL D 379 -15.76 18.88 32.86
C VAL D 379 -15.57 18.07 31.56
N GLY D 380 -15.80 16.75 31.64
CA GLY D 380 -15.69 15.92 30.44
C GLY D 380 -16.64 16.32 29.34
N VAL D 381 -17.82 16.84 29.70
CA VAL D 381 -18.71 17.29 28.65
C VAL D 381 -18.18 18.58 28.02
N LEU D 382 -17.65 19.48 28.83
CA LEU D 382 -17.09 20.71 28.28
C LEU D 382 -15.93 20.42 27.35
N LEU D 383 -15.03 19.53 27.77
CA LEU D 383 -13.93 19.08 26.92
C LEU D 383 -14.44 18.51 25.60
N LYS D 384 -15.40 17.58 25.66
CA LYS D 384 -15.94 16.99 24.44
C LYS D 384 -16.55 18.03 23.50
N VAL D 385 -17.28 19.00 24.06
CA VAL D 385 -17.89 20.03 23.23
C VAL D 385 -16.81 20.76 22.45
N LYS D 386 -15.71 21.13 23.13
CA LYS D 386 -14.60 21.80 22.46
C LYS D 386 -13.96 20.90 21.41
N GLN D 387 -13.79 19.61 21.74
CA GLN D 387 -13.20 18.65 20.79
C GLN D 387 -14.01 18.59 19.51
N ILE D 388 -15.34 18.44 19.63
CA ILE D 388 -16.18 18.25 18.47
C ILE D 388 -16.46 19.55 17.72
N SER D 389 -16.29 20.72 18.33
CA SER D 389 -16.51 21.91 17.52
C SER D 389 -15.24 22.40 16.84
N CYS D 390 -14.06 22.07 17.39
CA CYS D 390 -12.82 22.62 16.88
C CYS D 390 -11.92 21.61 16.19
N TYR D 391 -12.16 20.31 16.33
CA TYR D 391 -11.21 19.34 15.82
C TYR D 391 -11.89 18.25 15.00
N GLY D 392 -12.97 17.69 15.52
CA GLY D 392 -13.73 16.72 14.76
C GLY D 392 -14.53 15.86 15.71
N ASN D 393 -15.33 14.97 15.12
CA ASN D 393 -16.12 14.05 15.91
C ASN D 393 -15.22 13.23 16.83
N ASP D 394 -15.77 12.87 18.01
CA ASP D 394 -14.99 12.18 19.02
C ASP D 394 -14.48 10.80 18.57
N SER D 395 -15.05 10.25 17.51
CA SER D 395 -14.72 8.93 17.00
C SER D 395 -13.47 8.90 16.13
N TYR D 396 -12.97 10.06 15.67
CA TYR D 396 -11.73 10.11 14.88
C TYR D 396 -10.82 11.27 15.27
N GLY D 397 -11.33 12.33 15.89
CA GLY D 397 -10.50 13.38 16.48
C GLY D 397 -9.61 14.14 15.52
N GLY D 398 -10.02 14.28 14.27
CA GLY D 398 -9.14 14.89 13.29
C GLY D 398 -8.10 13.96 12.72
N MET D 399 -8.20 12.65 12.94
CA MET D 399 -7.34 11.70 12.24
C MET D 399 -8.14 10.96 11.17
N SER D 400 -7.45 10.58 10.10
CA SER D 400 -8.06 9.66 9.13
C SER D 400 -8.21 8.28 9.76
N GLY D 401 -9.16 7.51 9.24
CA GLY D 401 -9.39 6.20 9.80
C GLY D 401 -8.16 5.32 9.71
N ARG D 402 -7.37 5.44 8.63
CA ARG D 402 -6.19 4.59 8.50
C ARG D 402 -5.10 4.98 9.48
N ASP D 403 -4.86 6.28 9.66
CA ASP D 403 -3.89 6.67 10.67
C ASP D 403 -4.30 6.15 12.04
N ILE D 404 -5.60 6.00 12.29
CA ILE D 404 -6.01 5.54 13.61
C ILE D 404 -5.61 4.09 13.82
N MET D 405 -5.79 3.23 12.81
CA MET D 405 -5.37 1.83 12.92
C MET D 405 -3.85 1.70 12.99
N ALA D 406 -3.12 2.48 12.19
CA ALA D 406 -1.66 2.36 12.25
C ALA D 406 -1.11 2.81 13.61
N LEU D 407 -1.80 3.77 14.25
CA LEU D 407 -1.39 4.23 15.59
C LEU D 407 -1.57 3.11 16.62
N ALA D 408 -2.70 2.42 16.54
CA ALA D 408 -2.94 1.35 17.51
C ALA D 408 -1.84 0.30 17.40
N VAL D 409 -1.54 -0.15 16.19
CA VAL D 409 -0.43 -1.07 16.00
C VAL D 409 0.86 -0.47 16.53
N GLY D 410 1.12 0.81 16.24
CA GLY D 410 2.39 1.41 16.62
C GLY D 410 2.63 1.44 18.13
N LEU D 411 1.57 1.69 18.90
CA LEU D 411 1.68 1.70 20.36
C LEU D 411 2.08 0.34 20.91
N TYR D 412 1.56 -0.75 20.32
CA TYR D 412 2.02 -2.08 20.73
C TYR D 412 3.50 -2.27 20.39
N GLU D 413 3.92 -1.82 19.22
CA GLU D 413 5.32 -2.01 18.85
C GLU D 413 6.25 -1.39 19.89
N SER D 414 5.85 -0.23 20.45
CA SER D 414 6.72 0.46 21.39
C SER D 414 6.87 -0.31 22.70
N CYS D 415 5.96 -1.26 22.97
CA CYS D 415 6.07 -2.17 24.11
C CYS D 415 7.16 -3.23 23.97
N ASP D 416 7.79 -3.36 22.82
CA ASP D 416 8.67 -4.51 22.55
C ASP D 416 10.09 -4.21 23.03
N PHE D 417 10.63 -5.08 23.87
CA PHE D 417 11.95 -4.80 24.45
C PHE D 417 13.01 -4.61 23.38
N ASN D 418 13.11 -5.56 22.44
CA ASN D 418 14.23 -5.51 21.51
C ASN D 418 14.18 -4.26 20.66
N TYR D 419 12.99 -3.82 20.24
CA TYR D 419 12.86 -2.57 19.50
C TYR D 419 13.35 -1.39 20.33
N MET D 420 12.89 -1.29 21.57
CA MET D 420 13.25 -0.12 22.38
C MET D 420 14.71 -0.16 22.80
N ASN D 421 15.22 -1.35 23.10
CA ASN D 421 16.64 -1.51 23.38
C ASN D 421 17.50 -0.95 22.25
N GLU D 422 17.18 -1.32 20.99
CA GLU D 422 17.91 -0.77 19.84
C GLU D 422 17.63 0.70 19.66
N ARG D 423 16.40 1.14 19.92
CA ARG D 423 16.08 2.56 19.78
C ARG D 423 16.95 3.41 20.72
N VAL D 424 17.11 2.98 21.97
CA VAL D 424 17.94 3.80 22.87
C VAL D 424 19.42 3.54 22.65
N ALA D 425 19.80 2.34 22.22
CA ALA D 425 21.21 2.12 21.88
C ALA D 425 21.69 3.11 20.85
N GLN D 426 20.82 3.58 19.96
CA GLN D 426 21.23 4.56 18.97
C GLN D 426 21.56 5.90 19.63
N CYS D 427 20.81 6.30 20.65
CA CYS D 427 21.11 7.58 21.32
C CYS D 427 22.43 7.53 22.06
N ASN D 428 22.64 6.43 22.79
CA ASN D 428 23.91 6.25 23.56
C ASN D 428 25.08 6.24 22.58
N TYR D 429 24.90 5.67 21.40
CA TYR D 429 25.98 5.62 20.39
C TYR D 429 26.34 7.03 19.95
N LEU D 430 25.34 7.86 19.67
CA LEU D 430 25.61 9.23 19.18
C LEU D 430 26.28 10.03 20.29
N ALA D 431 25.80 9.89 21.54
CA ALA D 431 26.39 10.69 22.61
C ALA D 431 27.83 10.27 22.89
N GLU D 432 28.05 8.98 23.17
CA GLU D 432 29.40 8.47 23.32
C GLU D 432 30.26 8.69 22.08
N GLY D 433 29.66 8.86 20.91
CA GLY D 433 30.44 9.28 19.75
C GLY D 433 30.90 10.73 19.86
N PHE D 434 29.98 11.63 20.25
CA PHE D 434 30.32 13.03 20.48
C PHE D 434 31.39 13.17 21.56
N TYR D 435 31.32 12.32 22.58
CA TYR D 435 32.27 12.34 23.67
C TYR D 435 33.63 11.83 23.21
N ASP D 436 33.66 10.58 22.74
CA ASP D 436 34.91 9.97 22.29
C ASP D 436 35.65 10.84 21.30
N ALA D 437 34.94 11.66 20.52
CA ALA D 437 35.55 12.55 19.55
C ALA D 437 36.05 13.86 20.15
N GLY D 438 35.93 14.04 21.47
CA GLY D 438 36.34 15.26 22.14
C GLY D 438 35.47 16.46 21.83
N VAL D 439 34.17 16.31 22.02
CA VAL D 439 33.25 17.45 22.00
C VAL D 439 32.86 17.71 23.46
N LYS D 440 33.11 18.94 23.92
CA LYS D 440 32.83 19.29 25.31
C LYS D 440 31.37 19.70 25.48
N GLY D 441 30.82 19.41 26.66
CA GLY D 441 29.46 19.81 26.95
C GLY D 441 28.42 18.86 26.44
N VAL D 442 28.77 17.59 26.23
CA VAL D 442 27.80 16.59 25.82
C VAL D 442 27.06 16.09 27.04
N VAL D 443 25.75 16.32 27.09
CA VAL D 443 24.96 15.89 28.24
C VAL D 443 24.88 14.38 28.25
N LEU D 444 25.21 13.77 29.40
CA LEU D 444 25.16 12.34 29.56
C LEU D 444 24.33 11.97 30.78
N PRO D 445 23.66 10.80 30.76
CA PRO D 445 23.56 9.96 29.56
C PRO D 445 22.63 10.58 28.50
N ALA D 446 22.58 9.96 27.32
CA ALA D 446 21.65 10.45 26.30
C ALA D 446 20.21 10.35 26.81
N GLY D 447 19.37 11.27 26.34
CA GLY D 447 17.93 11.07 26.49
C GLY D 447 17.47 9.83 25.72
N GLY D 448 16.17 9.50 25.88
CA GLY D 448 15.63 8.34 25.21
C GLY D 448 15.40 8.48 23.72
N HIS D 449 15.46 9.70 23.22
CA HIS D 449 15.12 10.03 21.85
C HIS D 449 16.12 10.99 21.21
N ALA D 450 17.12 11.48 21.93
CA ALA D 450 17.91 12.57 21.37
C ALA D 450 19.16 12.77 22.20
N VAL D 451 20.15 13.41 21.59
CA VAL D 451 21.40 13.73 22.25
C VAL D 451 21.52 15.24 22.27
N TYR D 452 21.89 15.80 23.44
CA TYR D 452 21.93 17.23 23.70
C TYR D 452 23.35 17.72 23.95
N ILE D 453 23.64 18.95 23.50
CA ILE D 453 24.95 19.55 23.68
C ILE D 453 24.80 20.91 24.34
N ASN D 454 25.50 21.09 25.45
CA ASN D 454 25.47 22.34 26.23
C ASN D 454 26.30 23.41 25.52
N MET D 455 25.63 24.37 24.88
CA MET D 455 26.35 25.32 24.03
C MET D 455 27.32 26.18 24.83
N ASP D 456 27.07 26.39 26.13
CA ASP D 456 27.99 27.17 26.95
C ASP D 456 29.34 26.48 27.05
N GLU D 457 29.36 25.20 27.47
CA GLU D 457 30.62 24.47 27.50
C GLU D 457 31.18 24.23 26.09
N PHE D 458 30.34 24.27 25.06
CA PHE D 458 30.80 24.04 23.68
C PHE D 458 31.68 25.19 23.18
N PHE D 459 31.17 26.42 23.26
CA PHE D 459 31.99 27.58 22.92
C PHE D 459 32.92 28.01 24.06
N ASP D 460 33.02 27.20 25.11
CA ASP D 460 33.94 27.45 26.22
C ASP D 460 33.71 28.83 26.85
N GLY D 461 32.45 29.19 27.04
CA GLY D 461 32.09 30.48 27.62
C GLY D 461 32.69 31.68 26.93
N LYS D 462 32.73 31.68 25.60
CA LYS D 462 33.19 32.83 24.83
C LYS D 462 32.06 33.54 24.11
N ARG D 463 30.80 33.20 24.42
CA ARG D 463 29.65 33.81 23.77
C ARG D 463 28.63 34.20 24.82
N GLY D 464 27.98 35.36 24.62
CA GLY D 464 26.98 35.83 25.56
C GLY D 464 25.59 35.27 25.29
N HIS D 465 24.78 35.20 26.35
CA HIS D 465 23.44 34.63 26.23
C HIS D 465 22.63 35.26 25.11
N ASP D 466 23.03 36.41 24.60
CA ASP D 466 22.36 37.02 23.47
C ASP D 466 23.16 36.94 22.19
N THR D 467 24.29 36.25 22.19
CA THR D 467 24.95 35.91 20.92
C THR D 467 24.04 35.06 20.06
N PHE D 468 23.35 34.10 20.68
CA PHE D 468 22.56 33.12 19.93
C PHE D 468 23.46 32.30 19.00
N ALA D 469 24.65 31.95 19.51
CA ALA D 469 25.58 31.16 18.71
C ALA D 469 25.09 29.73 18.51
N GLY D 470 24.35 29.18 19.50
CA GLY D 470 23.75 27.88 19.33
C GLY D 470 22.89 27.79 18.07
N GLU D 471 22.24 28.90 17.72
CA GLU D 471 21.47 28.96 16.47
C GLU D 471 22.40 28.98 15.26
N GLY D 472 23.59 29.57 15.38
CA GLY D 472 24.52 29.55 14.26
C GLY D 472 25.15 28.19 14.07
N PHE D 473 25.45 27.51 15.18
CA PHE D 473 25.85 26.12 15.11
C PHE D 473 24.86 25.28 14.31
N SER D 474 23.57 25.46 14.57
CA SER D 474 22.52 24.72 13.87
C SER D 474 22.48 25.07 12.39
N LEU D 475 22.58 26.36 12.07
CA LEU D 475 22.55 26.72 10.67
C LEU D 475 23.84 26.31 9.97
N GLU D 476 24.92 26.12 10.73
CA GLU D 476 26.17 25.69 10.11
C GLU D 476 26.14 24.20 9.79
N LEU D 477 25.55 23.39 10.67
CA LEU D 477 25.29 22.00 10.33
C LEU D 477 24.54 21.88 9.01
N ILE D 478 23.48 22.70 8.83
CA ILE D 478 22.71 22.67 7.60
C ILE D 478 23.56 23.11 6.41
N ARG D 479 24.23 24.27 6.52
CA ARG D 479 24.98 24.79 5.38
C ARG D 479 26.06 23.80 4.95
N ARG D 480 26.86 23.33 5.89
CA ARG D 480 28.02 22.55 5.54
C ARG D 480 27.65 21.10 5.21
N TYR D 481 26.79 20.46 6.03
CA TYR D 481 26.59 19.02 5.95
C TYR D 481 25.17 18.57 5.62
N GLY D 482 24.21 19.49 5.49
CA GLY D 482 22.84 19.08 5.25
C GLY D 482 22.23 18.33 6.41
N ILE D 483 22.67 18.66 7.64
CA ILE D 483 22.16 18.12 8.89
C ILE D 483 21.35 19.23 9.57
N ARG D 484 20.09 18.94 9.89
CA ARG D 484 19.25 19.91 10.58
C ARG D 484 19.03 19.45 12.00
N VAL D 485 19.35 20.35 12.94
CA VAL D 485 19.12 20.12 14.36
C VAL D 485 18.20 21.22 14.88
N SER D 486 18.01 21.22 16.19
CA SER D 486 17.05 22.09 16.87
C SER D 486 17.77 22.74 18.06
N GLU D 487 17.94 24.06 18.00
CA GLU D 487 18.37 24.83 19.18
C GLU D 487 17.22 24.90 20.20
N LEU D 488 17.45 24.36 21.40
CA LEU D 488 16.46 24.35 22.47
C LEU D 488 17.06 24.91 23.77
N GLY D 489 17.67 26.08 23.67
CA GLY D 489 18.27 26.73 24.82
C GLY D 489 17.80 28.16 25.03
N ASP D 490 18.74 29.12 25.01
CA ASP D 490 18.40 30.52 25.25
C ASP D 490 17.46 31.06 24.20
N TYR D 491 17.80 30.88 22.92
CA TYR D 491 16.98 31.48 21.87
C TYR D 491 15.58 30.89 21.84
N SER D 492 15.48 29.57 21.73
CA SER D 492 14.17 28.95 21.52
C SER D 492 13.32 28.92 22.78
N MET D 493 13.93 28.81 23.95
CA MET D 493 13.18 28.87 25.20
C MET D 493 12.93 30.30 25.66
N GLU D 494 13.36 31.30 24.87
CA GLU D 494 12.99 32.69 25.14
C GLU D 494 13.59 33.15 26.46
N TYR D 495 14.91 32.96 26.58
CA TYR D 495 15.64 33.31 27.79
C TYR D 495 15.47 34.78 28.12
N ASP D 496 15.54 35.65 27.10
CA ASP D 496 15.46 37.10 27.25
C ASP D 496 14.04 37.62 27.44
N LEU D 497 13.03 36.76 27.41
CA LEU D 497 11.65 37.17 27.58
C LEU D 497 11.03 36.53 28.82
N LYS D 498 11.85 35.95 29.67
CA LYS D 498 11.37 35.26 30.86
C LYS D 498 11.76 36.02 32.12
N THR D 499 11.17 35.57 33.23
CA THR D 499 11.49 36.12 34.54
C THR D 499 12.84 35.59 35.00
N PRO D 500 13.41 36.18 36.05
CA PRO D 500 14.71 35.69 36.53
C PRO D 500 14.70 34.24 36.99
N GLU D 501 13.65 33.81 37.71
CA GLU D 501 13.58 32.41 38.11
C GLU D 501 13.50 31.50 36.89
N GLN D 502 12.63 31.85 35.93
CA GLN D 502 12.52 31.07 34.70
C GLN D 502 13.81 31.09 33.89
N GLN D 503 14.55 32.21 33.92
CA GLN D 503 15.84 32.26 33.22
C GLN D 503 16.82 31.23 33.79
N ALA D 504 16.83 31.06 35.12
CA ALA D 504 17.73 30.10 35.75
C ALA D 504 17.31 28.65 35.46
N GLU D 505 16.12 28.43 34.94
CA GLU D 505 15.64 27.09 34.62
C GLU D 505 15.89 26.71 33.17
N VAL D 506 16.51 27.59 32.37
CA VAL D 506 16.77 27.32 30.96
C VAL D 506 18.03 26.47 30.81
N CYS D 507 17.90 25.34 30.11
CA CYS D 507 19.05 24.57 29.65
C CYS D 507 19.46 25.09 28.28
N ASN D 508 20.68 25.61 28.18
CA ASN D 508 21.17 26.18 26.92
C ASN D 508 21.81 25.06 26.11
N VAL D 509 20.99 24.36 25.32
CA VAL D 509 21.40 23.12 24.66
C VAL D 509 20.89 23.10 23.23
N VAL D 510 21.67 22.47 22.35
CA VAL D 510 21.21 22.09 21.01
C VAL D 510 20.92 20.59 21.03
N ARG D 511 19.91 20.18 20.25
CA ARG D 511 19.35 18.84 20.30
C ARG D 511 19.47 18.18 18.93
N PHE D 512 19.94 16.93 18.94
CA PHE D 512 20.01 16.05 17.77
C PHE D 512 18.97 14.96 18.03
N ALA D 513 17.79 15.09 17.41
CA ALA D 513 16.73 14.08 17.63
C ALA D 513 16.86 12.94 16.61
N ILE D 514 16.58 11.72 17.06
CA ILE D 514 16.72 10.51 16.25
C ILE D 514 15.33 9.97 15.95
N ASP D 515 14.86 10.19 14.70
CA ASP D 515 13.65 9.55 14.20
C ASP D 515 13.65 8.06 14.56
N ARG D 516 12.49 7.55 14.95
CA ARG D 516 12.41 6.13 15.25
C ARG D 516 12.48 5.33 13.94
N SER D 517 13.38 4.35 13.89
CA SER D 517 13.46 3.29 12.87
C SER D 517 13.96 3.78 11.52
N ARG D 518 14.28 5.04 11.38
CA ARG D 518 14.57 5.62 10.08
C ARG D 518 16.06 5.69 9.77
N LEU D 519 16.90 5.85 10.78
CA LEU D 519 18.34 5.97 10.57
C LEU D 519 19.09 4.72 11.00
N THR D 520 20.34 4.61 10.56
CA THR D 520 21.18 3.47 10.86
C THR D 520 22.58 3.98 11.19
N LYS D 521 23.50 3.06 11.54
CA LYS D 521 24.80 3.49 12.04
C LYS D 521 25.46 4.48 11.07
N GLU D 522 25.33 4.23 9.77
CA GLU D 522 25.95 5.11 8.77
C GLU D 522 25.46 6.56 8.88
N HIS D 523 24.21 6.78 9.24
CA HIS D 523 23.79 8.17 9.43
C HIS D 523 24.46 8.76 10.67
N LEU D 524 24.57 7.97 11.74
CA LEU D 524 25.10 8.48 12.98
C LEU D 524 26.59 8.75 12.87
N ASP D 525 27.31 7.88 12.17
CA ASP D 525 28.78 8.03 12.03
C ASP D 525 29.06 9.34 11.29
N TYR D 526 28.24 9.66 10.29
CA TYR D 526 28.45 10.89 9.52
C TYR D 526 28.16 12.14 10.36
N VAL D 527 27.21 12.04 11.29
CA VAL D 527 26.89 13.19 12.13
C VAL D 527 27.99 13.41 13.15
N ILE D 528 28.50 12.31 13.73
CA ILE D 528 29.66 12.40 14.64
C ILE D 528 30.82 13.09 13.94
N ALA D 529 31.21 12.59 12.76
CA ALA D 529 32.31 13.20 12.03
C ALA D 529 32.07 14.69 11.78
N ALA D 530 30.84 15.07 11.44
CA ALA D 530 30.57 16.45 11.07
C ALA D 530 30.49 17.37 12.29
N VAL D 531 29.99 16.87 13.42
CA VAL D 531 29.98 17.66 14.65
C VAL D 531 31.42 17.90 15.10
N LYS D 532 32.23 16.83 15.09
CA LYS D 532 33.64 16.98 15.44
C LYS D 532 34.32 18.03 14.57
N ALA D 533 34.02 18.04 13.29
CA ALA D 533 34.62 19.06 12.43
C ALA D 533 34.15 20.46 12.83
N LEU D 534 32.84 20.64 13.08
CA LEU D 534 32.29 21.98 13.45
C LEU D 534 32.88 22.41 14.79
N TYR D 535 33.01 21.48 15.75
CA TYR D 535 33.65 21.78 17.04
C TYR D 535 35.03 22.35 16.75
N GLU D 536 35.87 21.60 16.06
CA GLU D 536 37.23 22.07 15.82
C GLU D 536 37.27 23.38 15.03
N ASP D 537 36.19 23.80 14.43
CA ASP D 537 36.13 25.11 13.77
C ASP D 537 35.15 26.06 14.49
N ARG D 538 34.99 25.92 15.81
CA ARG D 538 33.86 26.60 16.45
C ARG D 538 33.99 28.12 16.40
N GLU D 539 35.23 28.65 16.44
CA GLU D 539 35.41 30.10 16.38
C GLU D 539 34.70 30.72 15.18
N ASN D 540 34.71 30.04 14.02
CA ASN D 540 34.09 30.58 12.82
C ASN D 540 32.58 30.35 12.74
N ILE D 541 31.96 29.76 13.75
CA ILE D 541 30.49 29.72 13.78
C ILE D 541 29.97 31.12 14.05
N PRO D 542 29.06 31.66 13.22
CA PRO D 542 28.50 32.98 13.49
C PRO D 542 27.61 33.02 14.72
N ASN D 543 27.39 34.24 15.19
CA ASN D 543 26.28 34.60 16.06
C ASN D 543 25.05 34.86 15.19
N MET D 544 23.88 34.88 15.84
CA MET D 544 22.60 35.01 15.14
C MET D 544 21.79 36.11 15.78
N ARG D 545 21.32 37.06 14.95
CA ARG D 545 20.55 38.22 15.37
C ARG D 545 19.09 38.05 14.92
N ILE D 546 18.15 38.21 15.86
CA ILE D 546 16.74 38.24 15.50
C ILE D 546 16.45 39.54 14.78
N VAL D 547 15.90 39.46 13.58
CA VAL D 547 15.53 40.64 12.82
C VAL D 547 14.03 40.74 12.60
N TRP D 548 13.26 39.91 13.28
CA TRP D 548 11.81 39.92 13.18
C TRP D 548 11.28 38.91 14.19
N GLY D 549 10.18 39.24 14.88
CA GLY D 549 9.47 38.26 15.68
C GLY D 549 10.05 38.00 17.05
N HIS D 550 11.00 38.83 17.52
CA HIS D 550 11.66 38.63 18.81
C HIS D 550 10.68 38.37 19.96
N ASN D 551 9.43 38.85 19.87
CA ASN D 551 8.50 38.73 20.97
C ASN D 551 7.35 37.77 20.72
N LEU D 552 7.29 37.14 19.54
CA LEU D 552 6.15 36.28 19.22
C LEU D 552 6.07 35.10 20.19
N PRO D 553 4.87 34.57 20.43
CA PRO D 553 4.77 33.35 21.25
C PRO D 553 5.34 32.17 20.49
N MET D 554 6.26 31.45 21.14
CA MET D 554 6.92 30.31 20.51
C MET D 554 7.68 30.75 19.26
N ARG D 555 8.55 31.75 19.44
CA ARG D 555 9.15 32.48 18.32
C ARG D 555 10.05 31.63 17.45
N HIS D 556 10.52 30.48 17.92
CA HIS D 556 11.50 29.77 17.12
C HIS D 556 10.84 29.13 15.89
N PHE D 557 9.49 29.08 15.86
CA PHE D 557 8.73 28.67 14.68
C PHE D 557 8.47 29.82 13.69
N HIS D 558 8.66 31.07 14.08
CA HIS D 558 8.23 32.18 13.21
C HIS D 558 9.36 33.12 12.83
N ALA D 559 10.30 33.37 13.74
CA ALA D 559 11.15 34.54 13.65
C ALA D 559 12.13 34.43 12.49
N PHE D 560 12.52 35.60 11.98
CA PHE D 560 13.54 35.73 10.96
C PHE D 560 14.89 36.02 11.62
N LEU D 561 15.95 35.44 11.08
CA LEU D 561 17.29 35.57 11.65
C LEU D 561 18.27 36.05 10.59
N GLU D 562 19.46 36.50 11.05
CA GLU D 562 20.53 37.06 10.24
C GLU D 562 21.86 36.78 10.91
N PRO D 563 22.78 36.08 10.24
CA PRO D 563 24.06 35.75 10.87
C PRO D 563 25.05 36.90 10.80
N TYR D 564 25.95 36.92 11.79
CA TYR D 564 27.06 37.86 11.81
C TYR D 564 28.22 37.15 12.46
N ALA D 565 29.43 37.57 12.11
CA ALA D 565 30.63 36.98 12.70
C ALA D 565 30.78 37.43 14.15
N ASN D 566 31.57 36.67 14.91
CA ASN D 566 31.88 37.03 16.28
C ASN D 566 33.08 37.97 16.29
N GLU D 567 33.25 38.67 17.42
CA GLU D 567 34.35 39.61 17.54
C GLU D 567 35.12 39.42 18.84
C13 BY3 E . -7.43 -20.88 -18.32
C15 BY3 E . -8.57 -18.67 -18.78
C20 BY3 E . -7.34 -18.50 -21.16
C22 BY3 E . -7.88 -17.33 -22.01
C28 BY3 E . -9.32 -15.74 -23.83
C01 BY3 E . -10.05 -25.06 -17.32
C02 BY3 E . -8.73 -24.28 -17.38
C04 BY3 E . -6.45 -24.34 -17.00
C05 BY3 E . -6.30 -23.00 -17.42
C06 BY3 E . -4.88 -22.40 -17.40
C12 BY3 E . -7.43 -22.30 -17.82
C16 BY3 E . -9.97 -18.32 -19.16
C19 BY3 E . -7.41 -18.09 -19.63
C23 BY3 E . -8.95 -17.90 -22.90
C25 BY3 E . -8.09 -19.61 -21.59
C27 BY3 E . -9.62 -17.11 -23.77
C29 BY3 E . -8.31 -15.19 -22.98
C30 BY3 E . -7.60 -16.03 -22.08
C31 BY3 E . -8.68 -22.95 -17.82
N03 BY3 E . -7.63 -24.89 -17.02
N14 BY3 E . -8.46 -20.03 -18.26
N24 BY3 E . -9.01 -19.43 -22.55
O07 BY3 E . -4.81 -21.36 -16.40
O09 BY3 E . -4.29 -19.32 -17.82
O10 BY3 E . -3.70 -19.19 -15.52
O11 BY3 E . -2.43 -20.61 -16.98
O17 BY3 E . -10.45 -17.17 -18.92
O18 BY3 E . -10.67 -19.17 -19.70
O26 BY3 E . -7.91 -20.68 -21.18
O32 BY3 E . -9.87 -22.27 -18.23
P08 BY3 E . -3.79 -20.09 -16.68
CL21 BY3 E . -5.61 -18.81 -21.60
H131 BY3 E . -6.48 -20.68 -18.86
H281 BY3 E . -9.83 -15.10 -24.50
H013 BY3 E . -9.87 -26.06 -17.58
H011 BY3 E . -10.82 -24.66 -18.00
H012 BY3 E . -10.45 -25.01 -16.26
H041 BY3 E . -5.56 -24.96 -16.66
H062 BY3 E . -4.61 -22.02 -18.38
H061 BY3 E . -4.20 -23.17 -17.16
H191 BY3 E . -7.51 -17.06 -19.56
H192 BY3 E . -6.42 -18.33 -19.15
H271 BY3 E . -10.36 -17.52 -24.39
H291 BY3 E . -8.04 -14.10 -23.01
H301 BY3 E . -6.87 -15.61 -21.46
H241 BY3 E . -9.60 -20.12 -22.97
H321 BY3 E . -9.99 -22.39 -19.14
H141 BY3 E . -9.39 -20.24 -17.79
C13 BY3 F . 19.79 -17.38 -10.48
C15 BY3 F . 19.92 -17.29 -7.85
C20 BY3 F . 19.60 -19.96 -7.38
C22 BY3 F . 20.63 -20.01 -6.24
C28 BY3 F . 23.01 -20.06 -4.83
C01 BY3 F . 23.69 -15.62 -13.13
C02 BY3 F . 22.25 -16.16 -13.06
C04 BY3 F . 20.36 -16.76 -14.21
C05 BY3 F . 19.71 -17.14 -13.01
C06 BY3 F . 18.27 -17.66 -13.12
C12 BY3 F . 20.39 -17.00 -11.81
C16 BY3 F . 21.08 -16.74 -7.08
C19 BY3 F . 19.01 -18.46 -7.32
C23 BY3 F . 21.95 -20.15 -6.93
C25 BY3 F . 20.33 -20.19 -8.56
C27 BY3 F . 23.09 -20.18 -6.20
C29 BY3 F . 21.76 -19.88 -4.14
C30 BY3 F . 20.56 -19.86 -4.89
C31 BY3 F . 21.69 -16.51 -11.83
N03 BY3 F . 21.58 -16.29 -14.17
N14 BY3 F . 20.22 -17.08 -9.28
N24 BY3 F . 21.66 -20.27 -8.47
O07 BY3 F . 17.43 -16.65 -12.48
O09 BY3 F . 15.26 -17.99 -12.21
O10 BY3 F . 15.35 -15.75 -11.31
O11 BY3 F . 16.46 -17.50 -10.17
O17 BY3 F . 21.26 -16.97 -5.86
O18 BY3 F . 21.90 -16.06 -7.67
O26 BY3 F . 19.81 -20.24 -9.59
O32 BY3 F . 22.44 -16.36 -10.62
P08 BY3 F . 16.11 -17.00 -11.53
CL21 BY3 F . 18.33 -21.23 -7.24
H131 BY3 F . 18.92 -18.04 -10.59
H281 BY3 F . 23.91 -20.05 -4.27
H013 BY3 F . 24.35 -16.29 -12.68
H011 BY3 F . 23.74 -14.64 -12.63
H012 BY3 F . 23.97 -15.49 -14.22
H041 BY3 F . 19.84 -16.84 -15.20
H062 BY3 F . 18.14 -18.65 -12.67
H061 BY3 F . 18.03 -17.74 -14.13
H191 BY3 F . 18.85 -18.25 -6.31
H192 BY3 F . 17.95 -18.47 -7.75
H271 BY3 F . 24.02 -20.30 -6.68
H291 BY3 F . 21.73 -19.78 -3.01
H301 BY3 F . 19.63 -19.73 -4.41
H241 BY3 F . 22.32 -20.39 -9.21
H321 BY3 F . 22.33 -15.50 -10.31
H141 BY3 F . 19.39 -17.67 -9.12
C13 BY3 G . -19.14 19.82 6.91
C15 BY3 G . -20.15 17.58 7.37
C20 BY3 G . -20.89 17.27 9.90
C22 BY3 G . -21.88 16.12 9.82
C28 BY3 G . -24.16 14.56 9.68
C01 BY3 G . -20.55 23.99 4.62
C02 BY3 G . -19.68 23.28 5.69
C04 BY3 G . -18.11 23.42 7.39
C05 BY3 G . -18.16 22.03 7.58
C06 BY3 G . -17.28 21.36 8.65
C12 BY3 G . -18.99 21.29 6.76
C16 BY3 G . -21.26 16.96 6.61
C19 BY3 G . -19.78 17.12 8.79
C23 BY3 G . -23.24 16.74 9.78
C25 BY3 G . -21.66 18.43 9.90
C27 BY3 G . -24.33 15.95 9.71
C29 BY3 G . -22.85 13.98 9.73
C30 BY3 G . -21.71 14.79 9.81
C31 BY3 G . -19.78 21.91 5.81
N03 BY3 G . -18.87 23.97 6.47
N14 BY3 G . -20.13 19.02 7.25
N24 BY3 G . -23.00 18.29 9.83
O07 BY3 G . -16.22 20.63 7.97
O09 BY3 G . -14.71 20.01 9.94
O10 BY3 G . -14.43 18.80 7.93
O11 BY3 G . -16.35 18.43 9.26
O17 BY3 G . -21.12 15.88 6.00
O18 BY3 G . -22.33 17.55 6.56
O26 BY3 G . -21.16 19.47 9.94
O32 BY3 G . -20.67 21.18 4.94
P08 BY3 G . -15.40 19.46 8.79
CL21 BY3 G . -20.17 17.18 11.54
H131 BY3 G . -20.01 20.47 7.16
H281 BY3 G . -24.98 13.91 9.63
H013 BY3 G . -20.11 23.84 3.68
H011 BY3 G . -20.61 25.06 4.85
H012 BY3 G . -21.62 23.59 4.60
H041 BY3 G . -17.44 24.05 8.02
H062 BY3 G . -17.89 20.69 9.27
H061 BY3 G . -16.85 22.10 9.29
H191 BY3 G . -19.44 16.14 8.74
H192 BY3 G . -18.90 17.77 9.13
H271 BY3 G . -25.30 16.37 9.67
H291 BY3 G . -22.71 12.86 9.71
H301 BY3 G . -20.75 14.37 9.84
H241 BY3 G . -23.68 19.01 9.81
H321 BY3 G . -21.49 21.19 5.35
H141 BY3 G . -21.07 19.41 7.50
C13 BY3 H . 6.33 18.07 20.78
C15 BY3 H . 8.22 18.15 19.13
C20 BY3 H . 7.85 20.55 18.12
C22 BY3 H . 9.29 20.96 18.02
C28 BY3 H . 11.75 22.03 18.58
C01 BY3 H . 6.97 17.27 25.69
C02 BY3 H . 6.06 17.71 24.54
C04 BY3 H . 4.01 18.46 23.82
C05 BY3 H . 4.42 18.48 22.48
C06 BY3 H . 3.41 18.94 21.41
C12 BY3 H . 5.74 18.10 22.19
C16 BY3 H . 9.66 17.79 19.30
C19 BY3 H . 7.67 18.98 17.93
C23 BY3 H . 9.54 21.65 19.32
C25 BY3 H . 7.37 20.93 19.33
C27 BY3 H . 10.78 22.15 19.56
C29 BY3 H . 11.53 21.37 17.32
C30 BY3 H . 10.24 20.85 17.05
C31 BY3 H . 6.56 17.70 23.23
N03 BY3 H . 4.83 18.07 24.78
N14 BY3 H . 7.62 18.18 20.47
N24 BY3 H . 8.20 21.58 20.13
O07 BY3 H . 2.96 17.73 20.71
O09 BY3 H . 3.63 18.30 18.25
O10 BY3 H . 2.23 16.42 18.62
O11 BY3 H . 1.34 18.61 18.94
O17 BY3 H . 10.01 17.15 20.32
O18 BY3 H . 10.50 18.11 18.48
O26 BY3 H . 6.28 20.71 19.58
O32 BY3 H . 7.91 17.30 22.97
P08 BY3 H . 2.54 17.77 19.10
CL21 BY3 H . 7.03 21.76 17.10
H131 BY3 H . 5.54 17.96 20.01
H281 BY3 H . 12.69 22.44 18.79
H013 BY3 H . 6.57 17.61 26.59
H011 BY3 H . 7.99 17.70 25.58
H012 BY3 H . 7.05 16.13 25.71
H041 BY3 H . 2.96 18.76 24.11
H062 BY3 H . 3.86 19.64 20.70
H061 BY3 H . 2.58 19.42 21.86
H191 BY3 H . 6.65 18.76 17.80
H192 BY3 H . 8.20 18.67 16.98
H271 BY3 H . 10.98 22.64 20.48
H291 BY3 H . 12.36 21.30 16.55
H301 BY3 H . 10.03 20.35 16.14
H241 BY3 H . 7.99 21.92 21.04
H321 BY3 H . 7.90 16.41 22.72
H141 BY3 H . 8.40 18.29 21.15
#